data_2PPI
# 
_entry.id   2PPI 
# 
_audit_conform.dict_name       mmcif_pdbx.dic 
_audit_conform.dict_version    5.377 
_audit_conform.dict_location   http://mmcif.pdb.org/dictionaries/ascii/mmcif_pdbx.dic 
# 
loop_
_database_2.database_id 
_database_2.database_code 
_database_2.pdbx_database_accession 
_database_2.pdbx_DOI 
PDB   2PPI         pdb_00002ppi 10.2210/pdb2ppi/pdb 
RCSB  RCSB042640   ?            ?                   
WWPDB D_1000042640 ?            ?                   
# 
_pdbx_database_status.status_code                     REL 
_pdbx_database_status.entry_id                        2PPI 
_pdbx_database_status.recvd_initial_deposition_date   2007-04-30 
_pdbx_database_status.deposit_site                    RCSB 
_pdbx_database_status.process_site                    RCSB 
_pdbx_database_status.status_code_sf                  REL 
_pdbx_database_status.status_code_mr                  ? 
_pdbx_database_status.SG_entry                        Y 
_pdbx_database_status.pdb_format_compatible           Y 
_pdbx_database_status.status_code_cs                  ? 
_pdbx_database_status.methods_development_category    ? 
_pdbx_database_status.status_code_nmr_data            ? 
# 
loop_
_audit_author.name 
_audit_author.pdbx_ordinal 
'Amos, A.'                             1  
'Turnbull, A.P.'                       2  
'Tickle, J.'                           3  
'Keates, T.'                           4  
'Bullock, A.'                          5  
'Savitsky, P.'                         6  
'Burgess-Brown, N.'                    7  
'Debreczeni, J.E.'                     8  
'Ugochukwu, E.'                        9  
'Umeano, C.'                           10 
'Pike, A.C.W.'                         11 
'Papagrigoriou, E.'                    12 
'Sundstrom, M.'                        13 
'Arrowsmith, C.H.'                     14 
'Weigelt, J.'                          15 
'Edwards, A.'                          16 
'von Delft, F.'                        17 
'Knapp, S.'                            18 
'Structural Genomics Consortium (SGC)' 19 
# 
_citation.id                        primary 
_citation.title                     'Structure of the BTB (Tramtrack and Bric a brac) domain of human Gigaxonin.' 
_citation.journal_abbrev            'To be Published' 
_citation.journal_volume            ? 
_citation.page_first                ? 
_citation.page_last                 ? 
_citation.year                      ? 
_citation.journal_id_ASTM           ? 
_citation.country                   ? 
_citation.journal_id_ISSN           ? 
_citation.journal_id_CSD            0353 
_citation.book_publisher            ? 
_citation.pdbx_database_id_PubMed   ? 
_citation.pdbx_database_id_DOI      ? 
# 
loop_
_citation_author.citation_id 
_citation_author.name 
_citation_author.ordinal 
_citation_author.identifier_ORCID 
primary 'Amos, A.'          1  ? 
primary 'Turnbull, A.P.'    2  ? 
primary 'Tickle, J.'        3  ? 
primary 'Keates, T.'        4  ? 
primary 'Bullock, A.'       5  ? 
primary 'Savitsky, P.'      6  ? 
primary 'Burgess-Brown, N.' 7  ? 
primary 'Debreczeni, J.E.'  8  ? 
primary 'Ugochukwu, E.'     9  ? 
primary 'Umeano, C.'        10 ? 
primary 'Pike, A.C.W.'      11 ? 
primary 'Papagrigoriou, E.' 12 ? 
primary 'Sundstrom, M.'     13 ? 
primary 'Arrowsmith, C.H.'  14 ? 
primary 'Weigelt, J.'       15 ? 
primary 'Edwards, A.'       16 ? 
primary 'von Delft, F.'     17 ? 
primary 'Knapp, S.'         18 ? 
# 
_cell.entry_id           2PPI 
_cell.length_a           75.664 
_cell.length_b           75.664 
_cell.length_c           167.632 
_cell.angle_alpha        90.00 
_cell.angle_beta         90.00 
_cell.angle_gamma        90.00 
_cell.Z_PDB              16 
_cell.pdbx_unique_axis   ? 
_cell.length_a_esd       ? 
_cell.length_b_esd       ? 
_cell.length_c_esd       ? 
_cell.angle_alpha_esd    ? 
_cell.angle_beta_esd     ? 
_cell.angle_gamma_esd    ? 
# 
_symmetry.entry_id                         2PPI 
_symmetry.space_group_name_H-M             'I 41 2 2' 
_symmetry.pdbx_full_space_group_name_H-M   ? 
_symmetry.cell_setting                     ? 
_symmetry.Int_Tables_number                98 
_symmetry.space_group_name_Hall            ? 
# 
_entity.id                         1 
_entity.type                       polymer 
_entity.src_method                 man 
_entity.pdbx_description           Gigaxonin 
_entity.formula_weight             16345.512 
_entity.pdbx_number_of_molecules   1 
_entity.pdbx_ec                    ? 
_entity.pdbx_mutation              ? 
_entity.pdbx_fragment              'BTB domain' 
_entity.details                    ? 
# 
_entity_name_com.entity_id   1 
_entity_name_com.name        'Kelch-like protein 16' 
# 
_entity_poly.entity_id                      1 
_entity_poly.type                           'polypeptide(L)' 
_entity_poly.nstd_linkage                   no 
_entity_poly.nstd_monomer                   no 
_entity_poly.pdbx_seq_one_letter_code       
;MHHHHHHSSGVDLGTENLYFQSMAVSDPQHAARLLRALSSFREESRFCDAHLVLDGEEIPVQKNILAAASPYIRTKLNYN
PPKDDGSTYKIELEGISVMVMREILDYIFSGQIRLNEDTIQDVVQAADLLLLTDLKTLCCEFLE
;
_entity_poly.pdbx_seq_one_letter_code_can   
;MHHHHHHSSGVDLGTENLYFQSMAVSDPQHAARLLRALSSFREESRFCDAHLVLDGEEIPVQKNILAAASPYIRTKLNYN
PPKDDGSTYKIELEGISVMVMREILDYIFSGQIRLNEDTIQDVVQAADLLLLTDLKTLCCEFLE
;
_entity_poly.pdbx_strand_id                 A 
_entity_poly.pdbx_target_identifier         ? 
# 
loop_
_entity_poly_seq.entity_id 
_entity_poly_seq.num 
_entity_poly_seq.mon_id 
_entity_poly_seq.hetero 
1 1   MET n 
1 2   HIS n 
1 3   HIS n 
1 4   HIS n 
1 5   HIS n 
1 6   HIS n 
1 7   HIS n 
1 8   SER n 
1 9   SER n 
1 10  GLY n 
1 11  VAL n 
1 12  ASP n 
1 13  LEU n 
1 14  GLY n 
1 15  THR n 
1 16  GLU n 
1 17  ASN n 
1 18  LEU n 
1 19  TYR n 
1 20  PHE n 
1 21  GLN n 
1 22  SER n 
1 23  MET n 
1 24  ALA n 
1 25  VAL n 
1 26  SER n 
1 27  ASP n 
1 28  PRO n 
1 29  GLN n 
1 30  HIS n 
1 31  ALA n 
1 32  ALA n 
1 33  ARG n 
1 34  LEU n 
1 35  LEU n 
1 36  ARG n 
1 37  ALA n 
1 38  LEU n 
1 39  SER n 
1 40  SER n 
1 41  PHE n 
1 42  ARG n 
1 43  GLU n 
1 44  GLU n 
1 45  SER n 
1 46  ARG n 
1 47  PHE n 
1 48  CYS n 
1 49  ASP n 
1 50  ALA n 
1 51  HIS n 
1 52  LEU n 
1 53  VAL n 
1 54  LEU n 
1 55  ASP n 
1 56  GLY n 
1 57  GLU n 
1 58  GLU n 
1 59  ILE n 
1 60  PRO n 
1 61  VAL n 
1 62  GLN n 
1 63  LYS n 
1 64  ASN n 
1 65  ILE n 
1 66  LEU n 
1 67  ALA n 
1 68  ALA n 
1 69  ALA n 
1 70  SER n 
1 71  PRO n 
1 72  TYR n 
1 73  ILE n 
1 74  ARG n 
1 75  THR n 
1 76  LYS n 
1 77  LEU n 
1 78  ASN n 
1 79  TYR n 
1 80  ASN n 
1 81  PRO n 
1 82  PRO n 
1 83  LYS n 
1 84  ASP n 
1 85  ASP n 
1 86  GLY n 
1 87  SER n 
1 88  THR n 
1 89  TYR n 
1 90  LYS n 
1 91  ILE n 
1 92  GLU n 
1 93  LEU n 
1 94  GLU n 
1 95  GLY n 
1 96  ILE n 
1 97  SER n 
1 98  VAL n 
1 99  MET n 
1 100 VAL n 
1 101 MET n 
1 102 ARG n 
1 103 GLU n 
1 104 ILE n 
1 105 LEU n 
1 106 ASP n 
1 107 TYR n 
1 108 ILE n 
1 109 PHE n 
1 110 SER n 
1 111 GLY n 
1 112 GLN n 
1 113 ILE n 
1 114 ARG n 
1 115 LEU n 
1 116 ASN n 
1 117 GLU n 
1 118 ASP n 
1 119 THR n 
1 120 ILE n 
1 121 GLN n 
1 122 ASP n 
1 123 VAL n 
1 124 VAL n 
1 125 GLN n 
1 126 ALA n 
1 127 ALA n 
1 128 ASP n 
1 129 LEU n 
1 130 LEU n 
1 131 LEU n 
1 132 LEU n 
1 133 THR n 
1 134 ASP n 
1 135 LEU n 
1 136 LYS n 
1 137 THR n 
1 138 LEU n 
1 139 CYS n 
1 140 CYS n 
1 141 GLU n 
1 142 PHE n 
1 143 LEU n 
1 144 GLU n 
# 
_entity_src_gen.entity_id                          1 
_entity_src_gen.pdbx_src_id                        1 
_entity_src_gen.pdbx_alt_source_flag               sample 
_entity_src_gen.pdbx_seq_type                      ? 
_entity_src_gen.pdbx_beg_seq_num                   ? 
_entity_src_gen.pdbx_end_seq_num                   ? 
_entity_src_gen.gene_src_common_name               human 
_entity_src_gen.gene_src_genus                     Homo 
_entity_src_gen.pdbx_gene_src_gene                 'GAN, GAN1, KLHL16' 
_entity_src_gen.gene_src_species                   ? 
_entity_src_gen.gene_src_strain                    ? 
_entity_src_gen.gene_src_tissue                    ? 
_entity_src_gen.gene_src_tissue_fraction           ? 
_entity_src_gen.gene_src_details                   ? 
_entity_src_gen.pdbx_gene_src_fragment             ? 
_entity_src_gen.pdbx_gene_src_scientific_name      'Homo sapiens' 
_entity_src_gen.pdbx_gene_src_ncbi_taxonomy_id     9606 
_entity_src_gen.pdbx_gene_src_variant              ? 
_entity_src_gen.pdbx_gene_src_cell_line            ? 
_entity_src_gen.pdbx_gene_src_atcc                 ? 
_entity_src_gen.pdbx_gene_src_organ                ? 
_entity_src_gen.pdbx_gene_src_organelle            ? 
_entity_src_gen.pdbx_gene_src_cell                 ? 
_entity_src_gen.pdbx_gene_src_cellular_location    ? 
_entity_src_gen.host_org_common_name               ? 
_entity_src_gen.pdbx_host_org_scientific_name      'Escherichia coli' 
_entity_src_gen.pdbx_host_org_ncbi_taxonomy_id     562 
_entity_src_gen.host_org_genus                     Escherichia 
_entity_src_gen.pdbx_host_org_gene                 ? 
_entity_src_gen.pdbx_host_org_organ                ? 
_entity_src_gen.host_org_species                   ? 
_entity_src_gen.pdbx_host_org_tissue               ? 
_entity_src_gen.pdbx_host_org_tissue_fraction      ? 
_entity_src_gen.pdbx_host_org_strain               'BL21(DE3) with pRARE' 
_entity_src_gen.pdbx_host_org_variant              ? 
_entity_src_gen.pdbx_host_org_cell_line            ? 
_entity_src_gen.pdbx_host_org_atcc                 ? 
_entity_src_gen.pdbx_host_org_culture_collection   ? 
_entity_src_gen.pdbx_host_org_cell                 ? 
_entity_src_gen.pdbx_host_org_organelle            ? 
_entity_src_gen.pdbx_host_org_cellular_location    ? 
_entity_src_gen.pdbx_host_org_vector_type          Plasmid 
_entity_src_gen.pdbx_host_org_vector               ? 
_entity_src_gen.host_org_details                   ? 
_entity_src_gen.expression_system_id               ? 
_entity_src_gen.plasmid_name                       pNIC28-Bsa4 
_entity_src_gen.plasmid_details                    ? 
_entity_src_gen.pdbx_description                   ? 
# 
_struct_ref.id                         1 
_struct_ref.db_name                    UNP 
_struct_ref.db_code                    GAN_HUMAN 
_struct_ref.pdbx_db_accession          Q9H2C0 
_struct_ref.entity_id                  1 
_struct_ref.pdbx_seq_one_letter_code   
;AVSDPQHAARLLRALSSFREESRFCDAHLVLDGEEIPVQKNILAAASPYIRTKLNYNPPKDDGSTYKIELEGISVMVMRE
ILDYIFSGQIRLNEDTIQDVVQAADLLLLTDLKTLCCEFLE
;
_struct_ref.pdbx_align_begin           6 
_struct_ref.pdbx_db_isoform            ? 
# 
_struct_ref_seq.align_id                      1 
_struct_ref_seq.ref_id                        1 
_struct_ref_seq.pdbx_PDB_id_code              2PPI 
_struct_ref_seq.pdbx_strand_id                A 
_struct_ref_seq.seq_align_beg                 24 
_struct_ref_seq.pdbx_seq_align_beg_ins_code   ? 
_struct_ref_seq.seq_align_end                 144 
_struct_ref_seq.pdbx_seq_align_end_ins_code   ? 
_struct_ref_seq.pdbx_db_accession             Q9H2C0 
_struct_ref_seq.db_align_beg                  6 
_struct_ref_seq.pdbx_db_align_beg_ins_code    ? 
_struct_ref_seq.db_align_end                  126 
_struct_ref_seq.pdbx_db_align_end_ins_code    ? 
_struct_ref_seq.pdbx_auth_seq_align_beg       6 
_struct_ref_seq.pdbx_auth_seq_align_end       126 
# 
loop_
_struct_ref_seq_dif.align_id 
_struct_ref_seq_dif.pdbx_pdb_id_code 
_struct_ref_seq_dif.mon_id 
_struct_ref_seq_dif.pdbx_pdb_strand_id 
_struct_ref_seq_dif.seq_num 
_struct_ref_seq_dif.pdbx_pdb_ins_code 
_struct_ref_seq_dif.pdbx_seq_db_name 
_struct_ref_seq_dif.pdbx_seq_db_accession_code 
_struct_ref_seq_dif.db_mon_id 
_struct_ref_seq_dif.pdbx_seq_db_seq_num 
_struct_ref_seq_dif.details 
_struct_ref_seq_dif.pdbx_auth_seq_num 
_struct_ref_seq_dif.pdbx_ordinal 
1 2PPI MET A 1  ? UNP Q9H2C0 ? ? 'cloning artifact' -17 1  
1 2PPI HIS A 2  ? UNP Q9H2C0 ? ? 'cloning artifact' -16 2  
1 2PPI HIS A 3  ? UNP Q9H2C0 ? ? 'cloning artifact' -15 3  
1 2PPI HIS A 4  ? UNP Q9H2C0 ? ? 'cloning artifact' -14 4  
1 2PPI HIS A 5  ? UNP Q9H2C0 ? ? 'cloning artifact' -13 5  
1 2PPI HIS A 6  ? UNP Q9H2C0 ? ? 'cloning artifact' -12 6  
1 2PPI HIS A 7  ? UNP Q9H2C0 ? ? 'cloning artifact' -11 7  
1 2PPI SER A 8  ? UNP Q9H2C0 ? ? 'cloning artifact' -10 8  
1 2PPI SER A 9  ? UNP Q9H2C0 ? ? 'cloning artifact' -9  9  
1 2PPI GLY A 10 ? UNP Q9H2C0 ? ? 'cloning artifact' -8  10 
1 2PPI VAL A 11 ? UNP Q9H2C0 ? ? 'cloning artifact' -7  11 
1 2PPI ASP A 12 ? UNP Q9H2C0 ? ? 'cloning artifact' -6  12 
1 2PPI LEU A 13 ? UNP Q9H2C0 ? ? 'cloning artifact' -5  13 
1 2PPI GLY A 14 ? UNP Q9H2C0 ? ? 'cloning artifact' -4  14 
1 2PPI THR A 15 ? UNP Q9H2C0 ? ? 'cloning artifact' -3  15 
1 2PPI GLU A 16 ? UNP Q9H2C0 ? ? 'cloning artifact' -2  16 
1 2PPI ASN A 17 ? UNP Q9H2C0 ? ? 'cloning artifact' -1  17 
1 2PPI LEU A 18 ? UNP Q9H2C0 ? ? 'cloning artifact' 0   18 
1 2PPI TYR A 19 ? UNP Q9H2C0 ? ? 'cloning artifact' 1   19 
1 2PPI PHE A 20 ? UNP Q9H2C0 ? ? 'cloning artifact' 2   20 
1 2PPI GLN A 21 ? UNP Q9H2C0 ? ? 'cloning artifact' 3   21 
1 2PPI SER A 22 ? UNP Q9H2C0 ? ? 'cloning artifact' 4   22 
1 2PPI MET A 23 ? UNP Q9H2C0 ? ? 'cloning artifact' 5   23 
# 
loop_
_chem_comp.id 
_chem_comp.type 
_chem_comp.mon_nstd_flag 
_chem_comp.name 
_chem_comp.pdbx_synonyms 
_chem_comp.formula 
_chem_comp.formula_weight 
ALA 'L-peptide linking' y ALANINE         ? 'C3 H7 N O2'     89.093  
ARG 'L-peptide linking' y ARGININE        ? 'C6 H15 N4 O2 1' 175.209 
ASN 'L-peptide linking' y ASPARAGINE      ? 'C4 H8 N2 O3'    132.118 
ASP 'L-peptide linking' y 'ASPARTIC ACID' ? 'C4 H7 N O4'     133.103 
CYS 'L-peptide linking' y CYSTEINE        ? 'C3 H7 N O2 S'   121.158 
GLN 'L-peptide linking' y GLUTAMINE       ? 'C5 H10 N2 O3'   146.144 
GLU 'L-peptide linking' y 'GLUTAMIC ACID' ? 'C5 H9 N O4'     147.129 
GLY 'peptide linking'   y GLYCINE         ? 'C2 H5 N O2'     75.067  
HIS 'L-peptide linking' y HISTIDINE       ? 'C6 H10 N3 O2 1' 156.162 
ILE 'L-peptide linking' y ISOLEUCINE      ? 'C6 H13 N O2'    131.173 
LEU 'L-peptide linking' y LEUCINE         ? 'C6 H13 N O2'    131.173 
LYS 'L-peptide linking' y LYSINE          ? 'C6 H15 N2 O2 1' 147.195 
MET 'L-peptide linking' y METHIONINE      ? 'C5 H11 N O2 S'  149.211 
PHE 'L-peptide linking' y PHENYLALANINE   ? 'C9 H11 N O2'    165.189 
PRO 'L-peptide linking' y PROLINE         ? 'C5 H9 N O2'     115.130 
SER 'L-peptide linking' y SERINE          ? 'C3 H7 N O3'     105.093 
THR 'L-peptide linking' y THREONINE       ? 'C4 H9 N O3'     119.119 
TYR 'L-peptide linking' y TYROSINE        ? 'C9 H11 N O3'    181.189 
VAL 'L-peptide linking' y VALINE          ? 'C5 H11 N O2'    117.146 
# 
_exptl.entry_id          2PPI 
_exptl.method            'X-RAY DIFFRACTION' 
_exptl.crystals_number   1 
# 
_exptl_crystal.id                    1 
_exptl_crystal.density_meas          ? 
_exptl_crystal.density_Matthews      3.67 
_exptl_crystal.density_percent_sol   66.47 
_exptl_crystal.description           ? 
_exptl_crystal.F_000                 ? 
_exptl_crystal.preparation           ? 
# 
_exptl_crystal_grow.crystal_id      1 
_exptl_crystal_grow.method          'VAPOR DIFFUSION, SITTING DROP' 
_exptl_crystal_grow.temp            282 
_exptl_crystal_grow.temp_details    ? 
_exptl_crystal_grow.pH              6.0 
_exptl_crystal_grow.pdbx_details    
;0.1 M NaNO3, 0.1 M Na2SO4, 0.05 M Na/KPO4, 0.0285 M (NH4)2SO4, 30% PEG3350, 10% Ethylene glycol pH 6.0, VAPOR DIFFUSION, SITTING DROP, temperature 282K
;
_exptl_crystal_grow.pdbx_pH_range   . 
# 
_diffrn.id                     1 
_diffrn.ambient_temp           100 
_diffrn.ambient_temp_details   ? 
_diffrn.crystal_id             1 
# 
_diffrn_detector.diffrn_id              1 
_diffrn_detector.detector               CCD 
_diffrn_detector.type                   'MARMOSAIC 225 mm CCD' 
_diffrn_detector.pdbx_collection_date   2006-11-26 
_diffrn_detector.details                ? 
# 
_diffrn_radiation.diffrn_id                        1 
_diffrn_radiation.wavelength_id                    1 
_diffrn_radiation.pdbx_monochromatic_or_laue_m_l   M 
_diffrn_radiation.monochromator                    'Si(111)' 
_diffrn_radiation.pdbx_diffrn_protocol             'SINGLE WAVELENGTH' 
_diffrn_radiation.pdbx_scattering_type             x-ray 
# 
_diffrn_radiation_wavelength.id           1 
_diffrn_radiation_wavelength.wavelength   0.9787 
_diffrn_radiation_wavelength.wt           1.0 
# 
_diffrn_source.diffrn_id                   1 
_diffrn_source.source                      SYNCHROTRON 
_diffrn_source.type                        'SLS BEAMLINE X10SA' 
_diffrn_source.pdbx_synchrotron_site       SLS 
_diffrn_source.pdbx_synchrotron_beamline   X10SA 
_diffrn_source.pdbx_wavelength             ? 
_diffrn_source.pdbx_wavelength_list        0.9787 
# 
_reflns.entry_id                     2PPI 
_reflns.observed_criterion_sigma_F   0 
_reflns.observed_criterion_sigma_I   0 
_reflns.d_resolution_high            2.40 
_reflns.d_resolution_low             44.9 
_reflns.number_all                   9876 
_reflns.number_obs                   9876 
_reflns.percent_possible_obs         99.3 
_reflns.pdbx_Rmerge_I_obs            0.0756 
_reflns.pdbx_Rsym_value              ? 
_reflns.pdbx_netI_over_sigmaI        ? 
_reflns.B_iso_Wilson_estimate        ? 
_reflns.pdbx_redundancy              5.85 
_reflns.R_free_details               ? 
_reflns.limit_h_max                  ? 
_reflns.limit_h_min                  ? 
_reflns.limit_k_max                  ? 
_reflns.limit_k_min                  ? 
_reflns.limit_l_max                  ? 
_reflns.limit_l_min                  ? 
_reflns.observed_criterion_F_max     ? 
_reflns.observed_criterion_F_min     ? 
_reflns.pdbx_chi_squared             ? 
_reflns.pdbx_scaling_rejects         ? 
_reflns.pdbx_ordinal                 1 
_reflns.pdbx_diffrn_id               1 
# 
_reflns_shell.d_res_high             2.4 
_reflns_shell.d_res_low              2.5 
_reflns_shell.percent_possible_all   99.2 
_reflns_shell.Rmerge_I_obs           0.6906 
_reflns_shell.pdbx_Rsym_value        ? 
_reflns_shell.meanI_over_sigI_obs    ? 
_reflns_shell.pdbx_redundancy        4 
_reflns_shell.percent_possible_obs   ? 
_reflns_shell.number_unique_all      1102 
_reflns_shell.number_measured_all    ? 
_reflns_shell.number_measured_obs    ? 
_reflns_shell.number_unique_obs      ? 
_reflns_shell.pdbx_chi_squared       ? 
_reflns_shell.pdbx_ordinal           1 
_reflns_shell.pdbx_diffrn_id         1 
# 
_refine.entry_id                                 2PPI 
_refine.ls_number_reflns_obs                     9409 
_refine.ls_number_reflns_all                     9409 
_refine.pdbx_ls_sigma_I                          0 
_refine.pdbx_ls_sigma_F                          0 
_refine.pdbx_data_cutoff_high_absF               ? 
_refine.pdbx_data_cutoff_low_absF                ? 
_refine.pdbx_data_cutoff_high_rms_absF           ? 
_refine.ls_d_res_low                             44.9 
_refine.ls_d_res_high                            2.40 
_refine.ls_percent_reflns_obs                    99.50 
_refine.ls_R_factor_obs                          0.28185 
_refine.ls_R_factor_all                          0.28185 
_refine.ls_R_factor_R_work                       0.28121 
_refine.ls_R_factor_R_free                       0.29556 
_refine.ls_R_factor_R_free_error                 ? 
_refine.ls_R_factor_R_free_error_details         ? 
_refine.ls_percent_reflns_R_free                 4.8 
_refine.ls_number_reflns_R_free                  474 
_refine.ls_number_parameters                     ? 
_refine.ls_number_restraints                     ? 
_refine.occupancy_min                            ? 
_refine.occupancy_max                            ? 
_refine.correlation_coeff_Fo_to_Fc               0.918 
_refine.correlation_coeff_Fo_to_Fc_free          0.940 
_refine.B_iso_mean                               65.051 
_refine.aniso_B[1][1]                            0.49 
_refine.aniso_B[2][2]                            0.49 
_refine.aniso_B[3][3]                            -0.98 
_refine.aniso_B[1][2]                            0.00 
_refine.aniso_B[1][3]                            0.00 
_refine.aniso_B[2][3]                            0.00 
_refine.solvent_model_details                    MASK 
_refine.solvent_model_param_ksol                 ? 
_refine.solvent_model_param_bsol                 ? 
_refine.pdbx_solvent_vdw_probe_radii             1.40 
_refine.pdbx_solvent_ion_probe_radii             0.80 
_refine.pdbx_solvent_shrinkage_radii             0.80 
_refine.pdbx_ls_cross_valid_method               THROUGHOUT 
_refine.details                                  'HYDROGENS HAVE BEEN ADDED IN THE RIDING POSITIONS' 
_refine.pdbx_starting_model                      'PDB entry 1BUO' 
_refine.pdbx_method_to_determine_struct          'MOLECULAR REPLACEMENT' 
_refine.pdbx_isotropic_thermal_model             ? 
_refine.pdbx_stereochemistry_target_values       'MAXIMUM LIKELIHOOD' 
_refine.pdbx_stereochem_target_val_spec_case     ? 
_refine.pdbx_R_Free_selection_details            RANDOM 
_refine.pdbx_overall_ESU_R                       0.259 
_refine.pdbx_overall_ESU_R_Free                  0.217 
_refine.overall_SU_ML                            0.184 
_refine.overall_SU_B                             17.287 
_refine.ls_redundancy_reflns_obs                 ? 
_refine.B_iso_min                                ? 
_refine.B_iso_max                                ? 
_refine.overall_SU_R_Cruickshank_DPI             ? 
_refine.overall_SU_R_free                        ? 
_refine.ls_wR_factor_R_free                      ? 
_refine.ls_wR_factor_R_work                      ? 
_refine.overall_FOM_free_R_set                   ? 
_refine.overall_FOM_work_R_set                   ? 
_refine.pdbx_refine_id                           'X-RAY DIFFRACTION' 
_refine.pdbx_TLS_residual_ADP_flag               'LIKELY RESIDUAL' 
_refine.pdbx_diffrn_id                           1 
_refine.pdbx_overall_phase_error                 ? 
_refine.pdbx_overall_SU_R_free_Cruickshank_DPI   ? 
_refine.pdbx_overall_SU_R_Blow_DPI               ? 
_refine.pdbx_overall_SU_R_free_Blow_DPI          ? 
# 
_refine_hist.pdbx_refine_id                   'X-RAY DIFFRACTION' 
_refine_hist.cycle_id                         LAST 
_refine_hist.pdbx_number_atoms_protein        852 
_refine_hist.pdbx_number_atoms_nucleic_acid   0 
_refine_hist.pdbx_number_atoms_ligand         0 
_refine_hist.number_atoms_solvent             0 
_refine_hist.number_atoms_total               852 
_refine_hist.d_res_high                       2.40 
_refine_hist.d_res_low                        44.9 
# 
loop_
_refine_ls_restr.type 
_refine_ls_restr.dev_ideal 
_refine_ls_restr.dev_ideal_target 
_refine_ls_restr.weight 
_refine_ls_restr.number 
_refine_ls_restr.pdbx_refine_id 
_refine_ls_restr.pdbx_restraint_function 
r_bond_refined_d             0.011  0.021  ? 863  'X-RAY DIFFRACTION' ? 
r_bond_other_d               0.001  0.020  ? 546  'X-RAY DIFFRACTION' ? 
r_angle_refined_deg          1.221  1.975  ? 1175 'X-RAY DIFFRACTION' ? 
r_angle_other_deg            0.909  3.000  ? 1334 'X-RAY DIFFRACTION' ? 
r_dihedral_angle_1_deg       6.774  5.000  ? 115  'X-RAY DIFFRACTION' ? 
r_dihedral_angle_2_deg       43.246 22.414 ? 29   'X-RAY DIFFRACTION' ? 
r_dihedral_angle_3_deg       15.895 15.000 ? 127  'X-RAY DIFFRACTION' ? 
r_dihedral_angle_4_deg       20.798 15.000 ? 6    'X-RAY DIFFRACTION' ? 
r_chiral_restr               0.070  0.200  ? 148  'X-RAY DIFFRACTION' ? 
r_gen_planes_refined         0.004  0.020  ? 964  'X-RAY DIFFRACTION' ? 
r_gen_planes_other           0.001  0.020  ? 174  'X-RAY DIFFRACTION' ? 
r_nbd_refined                0.191  0.200  ? 159  'X-RAY DIFFRACTION' ? 
r_nbd_other                  0.185  0.200  ? 519  'X-RAY DIFFRACTION' ? 
r_nbtor_refined              0.174  0.200  ? 410  'X-RAY DIFFRACTION' ? 
r_nbtor_other                0.084  0.200  ? 473  'X-RAY DIFFRACTION' ? 
r_xyhbond_nbd_refined        0.198  0.200  ? 8    'X-RAY DIFFRACTION' ? 
r_xyhbond_nbd_other          ?      ?      ? ?    'X-RAY DIFFRACTION' ? 
r_metal_ion_refined          ?      ?      ? ?    'X-RAY DIFFRACTION' ? 
r_metal_ion_other            ?      ?      ? ?    'X-RAY DIFFRACTION' ? 
r_symmetry_vdw_refined       0.119  0.200  ? 11   'X-RAY DIFFRACTION' ? 
r_symmetry_vdw_other         0.199  0.200  ? 16   'X-RAY DIFFRACTION' ? 
r_symmetry_hbond_refined     0.104  0.200  ? 4    'X-RAY DIFFRACTION' ? 
r_symmetry_hbond_other       ?      ?      ? ?    'X-RAY DIFFRACTION' ? 
r_symmetry_metal_ion_refined ?      ?      ? ?    'X-RAY DIFFRACTION' ? 
r_symmetry_metal_ion_other   ?      ?      ? ?    'X-RAY DIFFRACTION' ? 
r_mcbond_it                  0.546  1.500  ? 603  'X-RAY DIFFRACTION' ? 
r_mcbond_other               0.105  1.500  ? 234  'X-RAY DIFFRACTION' ? 
r_mcangle_it                 0.896  2.000  ? 932  'X-RAY DIFFRACTION' ? 
r_scbond_it                  1.383  3.000  ? 293  'X-RAY DIFFRACTION' ? 
r_scangle_it                 2.164  4.500  ? 243  'X-RAY DIFFRACTION' ? 
r_rigid_bond_restr           ?      ?      ? ?    'X-RAY DIFFRACTION' ? 
r_sphericity_free            ?      ?      ? ?    'X-RAY DIFFRACTION' ? 
r_sphericity_bonded          ?      ?      ? ?    'X-RAY DIFFRACTION' ? 
# 
_refine_ls_shell.pdbx_total_number_of_bins_used   20 
_refine_ls_shell.d_res_high                       2.400 
_refine_ls_shell.d_res_low                        2.462 
_refine_ls_shell.number_reflns_R_work             675 
_refine_ls_shell.R_factor_R_work                  0.257 
_refine_ls_shell.percent_reflns_obs               99.30 
_refine_ls_shell.R_factor_R_free                  0.297 
_refine_ls_shell.R_factor_R_free_error            ? 
_refine_ls_shell.percent_reflns_R_free            ? 
_refine_ls_shell.number_reflns_R_free             35 
_refine_ls_shell.number_reflns_all                ? 
_refine_ls_shell.R_factor_all                     ? 
_refine_ls_shell.number_reflns_obs                ? 
_refine_ls_shell.redundancy_reflns_obs            ? 
_refine_ls_shell.pdbx_refine_id                   'X-RAY DIFFRACTION' 
# 
_struct.entry_id                  2PPI 
_struct.title                     'Structure of the BTB (Tramtrack and Bric a brac) domain of human Gigaxonin' 
_struct.pdbx_model_details        ? 
_struct.pdbx_CASP_flag            ? 
_struct.pdbx_model_type_details   ? 
# 
_struct_keywords.entry_id        2PPI 
_struct_keywords.pdbx_keywords   'STRUCTURAL PROTEIN' 
_struct_keywords.text            
'BTB domain, protein degradation, Structural Genomics, Structural Genomics Consortium, SGC, STRUCTURAL PROTEIN' 
# 
_struct_asym.id                            A 
_struct_asym.pdbx_blank_PDB_chainid_flag   N 
_struct_asym.pdbx_modified                 N 
_struct_asym.entity_id                     1 
_struct_asym.details                       ? 
# 
_struct_biol.id        1 
_struct_biol.details   
;the biological unit can be assembled if the following symmetry operator is applied to chain A 
-X +1/2, Y, -Z -1/4
;
# 
loop_
_struct_conf.conf_type_id 
_struct_conf.id 
_struct_conf.pdbx_PDB_helix_id 
_struct_conf.beg_label_comp_id 
_struct_conf.beg_label_asym_id 
_struct_conf.beg_label_seq_id 
_struct_conf.pdbx_beg_PDB_ins_code 
_struct_conf.end_label_comp_id 
_struct_conf.end_label_asym_id 
_struct_conf.end_label_seq_id 
_struct_conf.pdbx_end_PDB_ins_code 
_struct_conf.beg_auth_comp_id 
_struct_conf.beg_auth_asym_id 
_struct_conf.beg_auth_seq_id 
_struct_conf.end_auth_comp_id 
_struct_conf.end_auth_asym_id 
_struct_conf.end_auth_seq_id 
_struct_conf.pdbx_PDB_helix_class 
_struct_conf.details 
_struct_conf.pdbx_PDB_helix_length 
HELX_P HELX_P1 1 GLN A 29  ? PHE A 41  ? GLN A 11  PHE A 23  1 ? 13 
HELX_P HELX_P2 2 GLN A 62  ? SER A 70  ? GLN A 44  SER A 52  1 ? 9  
HELX_P HELX_P3 3 SER A 70  ? ASN A 80  ? SER A 52  ASN A 62  1 ? 11 
HELX_P HELX_P4 4 SER A 97  ? PHE A 109 ? SER A 79  PHE A 91  1 ? 13 
HELX_P HELX_P5 5 THR A 119 ? LEU A 130 ? THR A 101 LEU A 112 1 ? 12 
HELX_P HELX_P6 6 LEU A 132 ? GLU A 141 ? LEU A 114 GLU A 123 1 ? 10 
# 
_struct_conf_type.id          HELX_P 
_struct_conf_type.criteria    ? 
_struct_conf_type.reference   ? 
# 
_struct_sheet.id               A 
_struct_sheet.type             ? 
_struct_sheet.number_strands   3 
_struct_sheet.details          ? 
# 
loop_
_struct_sheet_order.sheet_id 
_struct_sheet_order.range_id_1 
_struct_sheet_order.range_id_2 
_struct_sheet_order.offset 
_struct_sheet_order.sense 
A 1 2 ? anti-parallel 
A 2 3 ? parallel      
# 
loop_
_struct_sheet_range.sheet_id 
_struct_sheet_range.id 
_struct_sheet_range.beg_label_comp_id 
_struct_sheet_range.beg_label_asym_id 
_struct_sheet_range.beg_label_seq_id 
_struct_sheet_range.pdbx_beg_PDB_ins_code 
_struct_sheet_range.end_label_comp_id 
_struct_sheet_range.end_label_asym_id 
_struct_sheet_range.end_label_seq_id 
_struct_sheet_range.pdbx_end_PDB_ins_code 
_struct_sheet_range.beg_auth_comp_id 
_struct_sheet_range.beg_auth_asym_id 
_struct_sheet_range.beg_auth_seq_id 
_struct_sheet_range.end_auth_comp_id 
_struct_sheet_range.end_auth_asym_id 
_struct_sheet_range.end_auth_seq_id 
A 1 GLU A 57 ? VAL A 61 ? GLU A 39 VAL A 43 
A 2 ALA A 50 ? LEU A 54 ? ALA A 32 LEU A 36 
A 3 LYS A 90 ? GLU A 92 ? LYS A 72 GLU A 74 
# 
loop_
_pdbx_struct_sheet_hbond.sheet_id 
_pdbx_struct_sheet_hbond.range_id_1 
_pdbx_struct_sheet_hbond.range_id_2 
_pdbx_struct_sheet_hbond.range_1_label_atom_id 
_pdbx_struct_sheet_hbond.range_1_label_comp_id 
_pdbx_struct_sheet_hbond.range_1_label_asym_id 
_pdbx_struct_sheet_hbond.range_1_label_seq_id 
_pdbx_struct_sheet_hbond.range_1_PDB_ins_code 
_pdbx_struct_sheet_hbond.range_1_auth_atom_id 
_pdbx_struct_sheet_hbond.range_1_auth_comp_id 
_pdbx_struct_sheet_hbond.range_1_auth_asym_id 
_pdbx_struct_sheet_hbond.range_1_auth_seq_id 
_pdbx_struct_sheet_hbond.range_2_label_atom_id 
_pdbx_struct_sheet_hbond.range_2_label_comp_id 
_pdbx_struct_sheet_hbond.range_2_label_asym_id 
_pdbx_struct_sheet_hbond.range_2_label_seq_id 
_pdbx_struct_sheet_hbond.range_2_PDB_ins_code 
_pdbx_struct_sheet_hbond.range_2_auth_atom_id 
_pdbx_struct_sheet_hbond.range_2_auth_comp_id 
_pdbx_struct_sheet_hbond.range_2_auth_asym_id 
_pdbx_struct_sheet_hbond.range_2_auth_seq_id 
A 1 2 O VAL A 61 ? O VAL A 43 N ALA A 50 ? N ALA A 32 
A 2 3 N HIS A 51 ? N HIS A 33 O ILE A 91 ? O ILE A 73 
# 
_atom_sites.entry_id                    2PPI 
_atom_sites.fract_transf_matrix[1][1]   0.00260011 
_atom_sites.fract_transf_matrix[1][2]   -0.01290808 
_atom_sites.fract_transf_matrix[1][3]   0.00113290 
_atom_sites.fract_transf_matrix[2][1]   -0.00580850 
_atom_sites.fract_transf_matrix[2][2]   -0.00012819 
_atom_sites.fract_transf_matrix[2][3]   0.01187045 
_atom_sites.fract_transf_matrix[3][1]   -0.00522790 
_atom_sites.fract_transf_matrix[3][2]   -0.00127880 
_atom_sites.fract_transf_matrix[3][3]   -0.00257195 
_atom_sites.fract_transf_vector[1]      0.169998 
_atom_sites.fract_transf_vector[2]      0.433734 
_atom_sites.fract_transf_vector[3]      -0.076282 
# 
loop_
_atom_type.symbol 
C 
N 
O 
S 
# 
loop_
_atom_site.group_PDB 
_atom_site.id 
_atom_site.type_symbol 
_atom_site.label_atom_id 
_atom_site.label_alt_id 
_atom_site.label_comp_id 
_atom_site.label_asym_id 
_atom_site.label_entity_id 
_atom_site.label_seq_id 
_atom_site.pdbx_PDB_ins_code 
_atom_site.Cartn_x 
_atom_site.Cartn_y 
_atom_site.Cartn_z 
_atom_site.occupancy 
_atom_site.B_iso_or_equiv 
_atom_site.pdbx_formal_charge 
_atom_site.auth_seq_id 
_atom_site.auth_comp_id 
_atom_site.auth_asym_id 
_atom_site.auth_atom_id 
_atom_site.pdbx_PDB_model_num 
ATOM 1   N N   . TYR A 1 19  ? 47.681  -1.491  1.286   1.00 77.43 ? 1   TYR A N   1 
ATOM 2   C CA  . TYR A 1 19  ? 46.346  -0.828  1.367   1.00 77.36 ? 1   TYR A CA  1 
ATOM 3   C C   . TYR A 1 19  ? 45.332  -1.677  2.129   1.00 77.59 ? 1   TYR A C   1 
ATOM 4   O O   . TYR A 1 19  ? 45.485  -2.898  2.251   1.00 77.73 ? 1   TYR A O   1 
ATOM 5   C CB  . TYR A 1 19  ? 45.793  -0.516  -0.033  1.00 77.21 ? 1   TYR A CB  1 
ATOM 6   C CG  . TYR A 1 19  ? 46.741  0.225   -0.956  1.00 77.10 ? 1   TYR A CG  1 
ATOM 7   C CD1 . TYR A 1 19  ? 46.728  -0.016  -2.329  1.00 76.74 ? 1   TYR A CD1 1 
ATOM 8   C CD2 . TYR A 1 19  ? 47.654  1.162   -0.463  1.00 77.07 ? 1   TYR A CD2 1 
ATOM 9   C CE1 . TYR A 1 19  ? 47.592  0.662   -3.187  1.00 77.01 ? 1   TYR A CE1 1 
ATOM 10  C CE2 . TYR A 1 19  ? 48.520  1.837   -1.312  1.00 77.30 ? 1   TYR A CE2 1 
ATOM 11  C CZ  . TYR A 1 19  ? 48.484  1.586   -2.673  1.00 77.16 ? 1   TYR A CZ  1 
ATOM 12  O OH  . TYR A 1 19  ? 49.345  2.255   -3.514  1.00 77.15 ? 1   TYR A OH  1 
ATOM 13  N N   . PHE A 1 20  ? 44.302  -1.004  2.638   1.00 77.53 ? 2   PHE A N   1 
ATOM 14  C CA  . PHE A 1 20  ? 43.219  -1.630  3.369   1.00 77.45 ? 2   PHE A CA  1 
ATOM 15  C C   . PHE A 1 20  ? 41.959  -1.390  2.560   1.00 77.99 ? 2   PHE A C   1 
ATOM 16  O O   . PHE A 1 20  ? 41.753  -0.289  2.048   1.00 77.99 ? 2   PHE A O   1 
ATOM 17  C CB  . PHE A 1 20  ? 43.079  -1.017  4.758   1.00 77.31 ? 2   PHE A CB  1 
ATOM 18  N N   . GLN A 1 21  ? 41.125  -2.422  2.443   1.00 78.13 ? 3   GLN A N   1 
ATOM 19  C CA  . GLN A 1 21  ? 39.984  -2.392  1.550   1.00 78.60 ? 3   GLN A CA  1 
ATOM 20  C C   . GLN A 1 21  ? 38.722  -2.855  2.270   1.00 78.97 ? 3   GLN A C   1 
ATOM 21  O O   . GLN A 1 21  ? 38.714  -3.892  2.930   1.00 79.15 ? 3   GLN A O   1 
ATOM 22  C CB  . GLN A 1 21  ? 40.251  -3.288  0.339   1.00 78.72 ? 3   GLN A CB  1 
ATOM 23  N N   . SER A 1 22  ? 37.667  -2.060  2.160   1.00 79.34 ? 4   SER A N   1 
ATOM 24  C CA  . SER A 1 22  ? 36.346  -2.454  2.620   1.00 79.86 ? 4   SER A CA  1 
ATOM 25  C C   . SER A 1 22  ? 35.388  -2.283  1.447   1.00 80.12 ? 4   SER A C   1 
ATOM 26  O O   . SER A 1 22  ? 35.631  -1.479  0.549   1.00 79.88 ? 4   SER A O   1 
ATOM 27  C CB  . SER A 1 22  ? 35.920  -1.615  3.832   1.00 80.03 ? 4   SER A CB  1 
ATOM 28  O OG  . SER A 1 22  ? 35.655  -0.265  3.484   1.00 80.23 ? 4   SER A OG  1 
ATOM 29  N N   . MET A 1 23  ? 34.310  -3.055  1.437   1.00 80.82 ? 5   MET A N   1 
ATOM 30  C CA  . MET A 1 23  ? 33.392  -3.066  0.297   1.00 81.11 ? 5   MET A CA  1 
ATOM 31  C C   . MET A 1 23  ? 31.954  -2.927  0.780   1.00 81.31 ? 5   MET A C   1 
ATOM 32  O O   . MET A 1 23  ? 31.638  -3.293  1.900   1.00 81.03 ? 5   MET A O   1 
ATOM 33  C CB  . MET A 1 23  ? 33.596  -4.364  -0.499  1.00 81.35 ? 5   MET A CB  1 
ATOM 34  C CG  . MET A 1 23  ? 32.843  -4.428  -1.831  1.00 82.77 ? 5   MET A CG  1 
ATOM 35  N N   . ALA A 1 24  ? 31.105  -2.339  -0.054  1.00 82.17 ? 6   ALA A N   1 
ATOM 36  C CA  . ALA A 1 24  ? 29.664  -2.299  0.170   1.00 82.78 ? 6   ALA A CA  1 
ATOM 37  C C   . ALA A 1 24  ? 28.995  -2.961  -1.035  1.00 83.64 ? 6   ALA A C   1 
ATOM 38  O O   . ALA A 1 24  ? 28.966  -2.385  -2.124  1.00 83.82 ? 6   ALA A O   1 
ATOM 39  C CB  . ALA A 1 24  ? 29.177  -0.880  0.333   1.00 82.56 ? 6   ALA A CB  1 
ATOM 40  N N   . VAL A 1 25  ? 28.485  -4.179  -0.831  1.00 84.26 ? 7   VAL A N   1 
ATOM 41  C CA  . VAL A 1 25  ? 27.872  -4.961  -1.896  1.00 84.66 ? 7   VAL A CA  1 
ATOM 42  C C   . VAL A 1 25  ? 26.346  -4.867  -1.798  1.00 85.47 ? 7   VAL A C   1 
ATOM 43  O O   . VAL A 1 25  ? 25.769  -5.031  -0.728  1.00 85.28 ? 7   VAL A O   1 
ATOM 44  C CB  . VAL A 1 25  ? 28.284  -6.455  -1.836  1.00 84.69 ? 7   VAL A CB  1 
ATOM 45  C CG1 . VAL A 1 25  ? 27.972  -7.139  -3.162  1.00 84.59 ? 7   VAL A CG1 1 
ATOM 46  C CG2 . VAL A 1 25  ? 29.751  -6.609  -1.505  1.00 84.46 ? 7   VAL A CG2 1 
ATOM 47  N N   . SER A 1 26  ? 25.708  -4.635  -2.939  1.00 86.33 ? 8   SER A N   1 
ATOM 48  C CA  . SER A 1 26  ? 24.288  -4.357  -3.013  1.00 86.96 ? 8   SER A CA  1 
ATOM 49  C C   . SER A 1 26  ? 23.561  -5.417  -3.875  1.00 86.68 ? 8   SER A C   1 
ATOM 50  O O   . SER A 1 26  ? 23.980  -5.733  -4.986  1.00 86.25 ? 8   SER A O   1 
ATOM 51  C CB  . SER A 1 26  ? 24.095  -2.946  -3.571  1.00 87.23 ? 8   SER A CB  1 
ATOM 52  O OG  . SER A 1 26  ? 22.780  -2.465  -3.348  1.00 89.85 ? 8   SER A OG  1 
ATOM 53  N N   . ASP A 1 27  ? 22.483  -5.980  -3.322  1.00 86.98 ? 9   ASP A N   1 
ATOM 54  C CA  . ASP A 1 27  ? 21.651  -7.010  -3.987  1.00 86.54 ? 9   ASP A CA  1 
ATOM 55  C C   . ASP A 1 27  ? 20.340  -6.347  -4.410  1.00 85.82 ? 9   ASP A C   1 
ATOM 56  O O   . ASP A 1 27  ? 19.490  -6.047  -3.559  1.00 85.74 ? 9   ASP A O   1 
ATOM 57  C CB  . ASP A 1 27  ? 21.373  -8.140  -3.006  1.00 86.88 ? 9   ASP A CB  1 
ATOM 58  C CG  . ASP A 1 27  ? 20.612  -9.295  -3.628  1.00 89.03 ? 9   ASP A CG  1 
ATOM 59  O OD1 . ASP A 1 27  ? 20.093  -9.165  -4.772  1.00 90.26 ? 9   ASP A OD1 1 
ATOM 60  O OD2 . ASP A 1 27  ? 20.567  -10.356 -2.957  1.00 91.13 ? 9   ASP A OD2 1 
ATOM 61  N N   . PRO A 1 28  ? 20.189  -6.059  -5.710  1.00 84.85 ? 10  PRO A N   1 
ATOM 62  C CA  . PRO A 1 28  ? 19.058  -5.237  -6.156  1.00 84.64 ? 10  PRO A CA  1 
ATOM 63  C C   . PRO A 1 28  ? 17.705  -6.001  -6.232  1.00 83.75 ? 10  PRO A C   1 
ATOM 64  O O   . PRO A 1 28  ? 16.651  -5.382  -6.355  1.00 83.46 ? 10  PRO A O   1 
ATOM 65  C CB  . PRO A 1 28  ? 19.513  -4.757  -7.540  1.00 84.70 ? 10  PRO A CB  1 
ATOM 66  C CG  . PRO A 1 28  ? 20.353  -5.885  -8.047  1.00 85.37 ? 10  PRO A CG  1 
ATOM 67  C CD  . PRO A 1 28  ? 21.047  -6.471  -6.832  1.00 84.98 ? 10  PRO A CD  1 
ATOM 68  N N   . GLN A 1 29  ? 17.749  -7.321  -6.130  1.00 83.02 ? 11  GLN A N   1 
ATOM 69  C CA  . GLN A 1 29  ? 16.538  -8.135  -6.055  1.00 82.77 ? 11  GLN A CA  1 
ATOM 70  C C   . GLN A 1 29  ? 16.035  -8.290  -4.612  1.00 82.01 ? 11  GLN A C   1 
ATOM 71  O O   . GLN A 1 29  ? 14.980  -8.902  -4.395  1.00 81.87 ? 11  GLN A O   1 
ATOM 72  C CB  . GLN A 1 29  ? 16.807  -9.507  -6.638  1.00 82.94 ? 11  GLN A CB  1 
ATOM 73  C CG  . GLN A 1 29  ? 17.218  -9.483  -8.128  1.00 85.00 ? 11  GLN A CG  1 
ATOM 74  N N   . HIS A 1 30  ? 16.769  -7.729  -3.638  1.00 79.69 ? 12  HIS A N   1 
ATOM 75  C CA  . HIS A 1 30  ? 16.463  -7.959  -2.237  1.00 78.68 ? 12  HIS A CA  1 
ATOM 76  C C   . HIS A 1 30  ? 15.099  -7.400  -1.860  1.00 78.42 ? 12  HIS A C   1 
ATOM 77  O O   . HIS A 1 30  ? 14.323  -8.040  -1.163  1.00 79.30 ? 12  HIS A O   1 
ATOM 78  C CB  . HIS A 1 30  ? 17.533  -7.309  -1.315  1.00 78.60 ? 12  HIS A CB  1 
ATOM 79  C CG  . HIS A 1 30  ? 17.118  -7.239  0.124   1.00 75.86 ? 12  HIS A CG  1 
ATOM 80  N ND1 . HIS A 1 30  ? 17.072  -8.350  0.938   1.00 75.85 ? 12  HIS A ND1 1 
ATOM 81  C CD2 . HIS A 1 30  ? 16.658  -6.214  0.866   1.00 74.07 ? 12  HIS A CD2 1 
ATOM 82  C CE1 . HIS A 1 30  ? 16.648  -7.997  2.137   1.00 74.20 ? 12  HIS A CE1 1 
ATOM 83  N NE2 . HIS A 1 30  ? 16.374  -6.710  2.115   1.00 73.56 ? 12  HIS A NE2 1 
ATOM 84  N N   . ALA A 1 31  ? 14.853  -6.160  -2.243  1.00 78.37 ? 13  ALA A N   1 
ATOM 85  C CA  . ALA A 1 31  ? 13.616  -5.485  -1.898  1.00 77.94 ? 13  ALA A CA  1 
ATOM 86  C C   . ALA A 1 31  ? 12.379  -6.289  -2.441  1.00 77.90 ? 13  ALA A C   1 
ATOM 87  O O   . ALA A 1 31  ? 11.422  -6.460  -1.725  1.00 77.20 ? 13  ALA A O   1 
ATOM 88  C CB  . ALA A 1 31  ? 13.637  -4.079  -2.433  1.00 76.60 ? 13  ALA A CB  1 
ATOM 89  N N   . ALA A 1 32  ? 12.428  -6.769  -3.688  1.00 77.84 ? 14  ALA A N   1 
ATOM 90  C CA  . ALA A 1 32  ? 11.292  -7.515  -4.300  1.00 78.27 ? 14  ALA A CA  1 
ATOM 91  C C   . ALA A 1 32  ? 11.045  -8.771  -3.494  1.00 78.57 ? 14  ALA A C   1 
ATOM 92  O O   . ALA A 1 32  ? 9.934   -9.030  -3.098  1.00 79.37 ? 14  ALA A O   1 
ATOM 93  C CB  . ALA A 1 32  ? 11.551  -7.881  -5.793  1.00 76.53 ? 14  ALA A CB  1 
ATOM 94  N N   . ARG A 1 33  ? 12.121  -9.495  -3.219  1.00 79.05 ? 15  ARG A N   1 
ATOM 95  C CA  . ARG A 1 33  ? 12.106  -10.703 -2.404  1.00 79.95 ? 15  ARG A CA  1 
ATOM 96  C C   . ARG A 1 33  ? 11.564  -10.539 -0.978  1.00 79.56 ? 15  ARG A C   1 
ATOM 97  O O   . ARG A 1 33  ? 10.740  -11.311 -0.555  1.00 80.42 ? 15  ARG A O   1 
ATOM 98  C CB  . ARG A 1 33  ? 13.514  -11.277 -2.368  1.00 80.45 ? 15  ARG A CB  1 
ATOM 99  C CG  . ARG A 1 33  ? 13.612  -12.626 -1.747  1.00 83.06 ? 15  ARG A CG  1 
ATOM 100 C CD  . ARG A 1 33  ? 14.864  -13.351 -2.214  1.00 86.17 ? 15  ARG A CD  1 
ATOM 101 N NE  . ARG A 1 33  ? 16.053  -12.540 -1.974  1.00 88.27 ? 15  ARG A NE  1 
ATOM 102 C CZ  . ARG A 1 33  ? 16.929  -12.151 -2.902  1.00 89.58 ? 15  ARG A CZ  1 
ATOM 103 N NH1 . ARG A 1 33  ? 16.823  -12.523 -4.179  1.00 90.25 ? 15  ARG A NH1 1 
ATOM 104 N NH2 . ARG A 1 33  ? 17.950  -11.400 -2.533  1.00 89.05 ? 15  ARG A NH2 1 
ATOM 105 N N   . LEU A 1 34  ? 12.009  -9.527  -0.250  1.00 79.69 ? 16  LEU A N   1 
ATOM 106 C CA  . LEU A 1 34  ? 11.421  -9.207  1.055   1.00 79.05 ? 16  LEU A CA  1 
ATOM 107 C C   . LEU A 1 34  ? 9.929   -8.894  0.943   1.00 77.93 ? 16  LEU A C   1 
ATOM 108 O O   . LEU A 1 34  ? 9.134   -9.330  1.760   1.00 77.00 ? 16  LEU A O   1 
ATOM 109 C CB  . LEU A 1 34  ? 12.136  -8.009  1.661   1.00 78.90 ? 16  LEU A CB  1 
ATOM 110 C CG  . LEU A 1 34  ? 11.887  -7.685  3.138   1.00 80.41 ? 16  LEU A CG  1 
ATOM 111 C CD1 . LEU A 1 34  ? 12.561  -8.712  4.024   1.00 82.12 ? 16  LEU A CD1 1 
ATOM 112 C CD2 . LEU A 1 34  ? 12.410  -6.289  3.448   1.00 79.51 ? 16  LEU A CD2 1 
ATOM 113 N N   . LEU A 1 35  ? 9.568   -8.132  -0.082  1.00 76.93 ? 17  LEU A N   1 
ATOM 114 C CA  . LEU A 1 35  ? 8.176   -7.818  -0.339  1.00 76.82 ? 17  LEU A CA  1 
ATOM 115 C C   . LEU A 1 35  ? 7.267   -9.064  -0.532  1.00 76.40 ? 17  LEU A C   1 
ATOM 116 O O   . LEU A 1 35  ? 6.172   -9.062  -0.036  1.00 74.77 ? 17  LEU A O   1 
ATOM 117 C CB  . LEU A 1 35  ? 8.039   -6.842  -1.517  1.00 76.89 ? 17  LEU A CB  1 
ATOM 118 C CG  . LEU A 1 35  ? 6.700   -6.104  -1.607  1.00 76.55 ? 17  LEU A CG  1 
ATOM 119 C CD1 . LEU A 1 35  ? 6.347   -5.495  -0.265  1.00 75.16 ? 17  LEU A CD1 1 
ATOM 120 C CD2 . LEU A 1 35  ? 6.721   -5.037  -2.686  1.00 77.20 ? 17  LEU A CD2 1 
ATOM 121 N N   . ARG A 1 36  ? 7.750   -10.108 -1.210  1.00 77.19 ? 18  ARG A N   1 
ATOM 122 C CA  . ARG A 1 36  ? 7.014   -11.368 -1.349  1.00 79.13 ? 18  ARG A CA  1 
ATOM 123 C C   . ARG A 1 36  ? 6.834   -12.122 -0.038  1.00 77.59 ? 18  ARG A C   1 
ATOM 124 O O   . ARG A 1 36  ? 5.790   -12.764 0.177   1.00 77.78 ? 18  ARG A O   1 
ATOM 125 C CB  . ARG A 1 36  ? 7.704   -12.314 -2.354  1.00 79.57 ? 18  ARG A CB  1 
ATOM 126 C CG  . ARG A 1 36  ? 7.406   -11.973 -3.801  1.00 82.47 ? 18  ARG A CG  1 
ATOM 127 C CD  . ARG A 1 36  ? 8.104   -12.914 -4.802  1.00 84.79 ? 18  ARG A CD  1 
ATOM 128 N NE  . ARG A 1 36  ? 9.186   -12.170 -5.471  1.00 91.19 ? 18  ARG A NE  1 
ATOM 129 C CZ  . ARG A 1 36  ? 10.485  -12.470 -5.432  1.00 91.60 ? 18  ARG A CZ  1 
ATOM 130 N NH1 . ARG A 1 36  ? 10.942  -13.537 -4.771  1.00 92.46 ? 18  ARG A NH1 1 
ATOM 131 N NH2 . ARG A 1 36  ? 11.336  -11.691 -6.084  1.00 91.66 ? 18  ARG A NH2 1 
ATOM 132 N N   . ALA A 1 37  ? 7.857   -12.104 0.815   1.00 76.06 ? 19  ALA A N   1 
ATOM 133 C CA  . ALA A 1 37  ? 7.725   -12.718 2.121   1.00 75.44 ? 19  ALA A CA  1 
ATOM 134 C C   . ALA A 1 37  ? 6.714   -11.923 2.960   1.00 75.82 ? 19  ALA A C   1 
ATOM 135 O O   . ALA A 1 37  ? 5.868   -12.504 3.627   1.00 76.77 ? 19  ALA A O   1 
ATOM 136 C CB  . ALA A 1 37  ? 9.056   -12.845 2.791   1.00 74.56 ? 19  ALA A CB  1 
ATOM 137 N N   . LEU A 1 38  ? 6.735   -10.602 2.868   1.00 76.45 ? 20  LEU A N   1 
ATOM 138 C CA  . LEU A 1 38  ? 5.729   -9.786  3.548   1.00 76.87 ? 20  LEU A CA  1 
ATOM 139 C C   . LEU A 1 38  ? 4.289   -10.026 3.017   1.00 77.45 ? 20  LEU A C   1 
ATOM 140 O O   . LEU A 1 38  ? 3.316   -9.969  3.766   1.00 76.72 ? 20  LEU A O   1 
ATOM 141 C CB  . LEU A 1 38  ? 6.082   -8.299  3.443   1.00 76.81 ? 20  LEU A CB  1 
ATOM 142 C CG  . LEU A 1 38  ? 7.247   -7.692  4.256   1.00 75.61 ? 20  LEU A CG  1 
ATOM 143 C CD1 . LEU A 1 38  ? 7.446   -6.204  3.765   1.00 71.21 ? 20  LEU A CD1 1 
ATOM 144 C CD2 . LEU A 1 38  ? 7.023   -7.772  5.767   1.00 71.64 ? 20  LEU A CD2 1 
ATOM 145 N N   . SER A 1 39  ? 4.173   -10.255 1.718   1.00 78.80 ? 21  SER A N   1 
ATOM 146 C CA  . SER A 1 39  ? 2.900   -10.614 1.085   1.00 80.00 ? 21  SER A CA  1 
ATOM 147 C C   . SER A 1 39  ? 2.268   -11.882 1.689   1.00 79.50 ? 21  SER A C   1 
ATOM 148 O O   . SER A 1 39  ? 1.060   -11.972 1.823   1.00 78.95 ? 21  SER A O   1 
ATOM 149 C CB  . SER A 1 39  ? 3.105   -10.811 -0.417  1.00 80.24 ? 21  SER A CB  1 
ATOM 150 O OG  . SER A 1 39  ? 1.860   -10.670 -1.089  1.00 84.16 ? 21  SER A OG  1 
ATOM 151 N N   . SER A 1 40  ? 3.098   -12.849 2.062   1.00 80.34 ? 22  SER A N   1 
ATOM 152 C CA  . SER A 1 40  ? 2.646   -14.064 2.765   1.00 80.87 ? 22  SER A CA  1 
ATOM 153 C C   . SER A 1 40  ? 1.962   -13.806 4.101   1.00 81.00 ? 22  SER A C   1 
ATOM 154 O O   . SER A 1 40  ? 1.122   -14.592 4.513   1.00 81.86 ? 22  SER A O   1 
ATOM 155 C CB  . SER A 1 40  ? 3.830   -14.981 3.059   1.00 81.15 ? 22  SER A CB  1 
ATOM 156 O OG  . SER A 1 40  ? 4.642   -15.145 1.925   1.00 83.67 ? 22  SER A OG  1 
ATOM 157 N N   . PHE A 1 41  ? 2.325   -12.720 4.773   1.00 81.41 ? 23  PHE A N   1 
ATOM 158 C CA  . PHE A 1 41  ? 1.879   -12.436 6.139   1.00 81.74 ? 23  PHE A CA  1 
ATOM 159 C C   . PHE A 1 41  ? 0.560   -11.716 6.231   1.00 82.39 ? 23  PHE A C   1 
ATOM 160 O O   . PHE A 1 41  ? 0.110   -11.405 7.328   1.00 82.85 ? 23  PHE A O   1 
ATOM 161 C CB  . PHE A 1 41  ? 2.900   -11.540 6.866   1.00 81.39 ? 23  PHE A CB  1 
ATOM 162 C CG  . PHE A 1 41  ? 4.251   -12.158 7.046   1.00 80.73 ? 23  PHE A CG  1 
ATOM 163 C CD1 . PHE A 1 41  ? 4.451   -13.532 6.901   1.00 80.15 ? 23  PHE A CD1 1 
ATOM 164 C CD2 . PHE A 1 41  ? 5.322   -11.362 7.425   1.00 78.87 ? 23  PHE A CD2 1 
ATOM 165 C CE1 . PHE A 1 41  ? 5.699   -14.064 7.079   1.00 79.07 ? 23  PHE A CE1 1 
ATOM 166 C CE2 . PHE A 1 41  ? 6.562   -11.908 7.619   1.00 78.46 ? 23  PHE A CE2 1 
ATOM 167 C CZ  . PHE A 1 41  ? 6.758   -13.249 7.431   1.00 79.69 ? 23  PHE A CZ  1 
ATOM 168 N N   . ARG A 1 42  ? -0.051  -11.405 5.101   1.00 83.52 ? 24  ARG A N   1 
ATOM 169 C CA  . ARG A 1 42  ? -1.346  -10.729 5.122   1.00 84.58 ? 24  ARG A CA  1 
ATOM 170 C C   . ARG A 1 42  ? -2.466  -11.523 5.830   1.00 85.63 ? 24  ARG A C   1 
ATOM 171 O O   . ARG A 1 42  ? -3.578  -11.009 5.975   1.00 86.46 ? 24  ARG A O   1 
ATOM 172 C CB  . ARG A 1 42  ? -1.779  -10.388 3.704   1.00 84.78 ? 24  ARG A CB  1 
ATOM 173 C CG  . ARG A 1 42  ? -0.804  -9.506  2.973   1.00 83.17 ? 24  ARG A CG  1 
ATOM 174 C CD  . ARG A 1 42  ? -1.555  -8.625  2.024   1.00 84.17 ? 24  ARG A CD  1 
ATOM 175 N NE  . ARG A 1 42  ? -1.460  -9.056  0.639   1.00 85.14 ? 24  ARG A NE  1 
ATOM 176 C CZ  . ARG A 1 42  ? -2.233  -8.592  -0.342  1.00 83.87 ? 24  ARG A CZ  1 
ATOM 177 N NH1 . ARG A 1 42  ? -3.193  -7.711  -0.096  1.00 83.21 ? 24  ARG A NH1 1 
ATOM 178 N NH2 . ARG A 1 42  ? -2.041  -9.025  -1.575  1.00 84.20 ? 24  ARG A NH2 1 
ATOM 179 N N   . GLU A 1 43  ? -2.177  -12.767 6.229   1.00 86.50 ? 25  GLU A N   1 
ATOM 180 C CA  . GLU A 1 43  ? -2.878  -13.452 7.337   1.00 87.13 ? 25  GLU A CA  1 
ATOM 181 C C   . GLU A 1 43  ? -1.904  -13.710 8.508   1.00 87.43 ? 25  GLU A C   1 
ATOM 182 O O   . GLU A 1 43  ? -1.927  -13.017 9.533   1.00 87.89 ? 25  GLU A O   1 
ATOM 183 C CB  . GLU A 1 43  ? -3.467  -14.790 6.868   1.00 87.17 ? 25  GLU A CB  1 
ATOM 184 N N   . ARG A 1 46  ? -1.566  -12.128 13.741  1.00 83.35 ? 28  ARG A N   1 
ATOM 185 C CA  . ARG A 1 46  ? -0.176  -12.374 14.134  1.00 83.81 ? 28  ARG A CA  1 
ATOM 186 C C   . ARG A 1 46  ? 0.718   -11.192 13.789  1.00 83.91 ? 28  ARG A C   1 
ATOM 187 O O   . ARG A 1 46  ? 1.411   -10.659 14.657  1.00 84.19 ? 28  ARG A O   1 
ATOM 188 C CB  . ARG A 1 46  ? 0.357   -13.623 13.435  1.00 84.28 ? 28  ARG A CB  1 
ATOM 189 C CG  . ARG A 1 46  ? 1.892   -13.703 13.266  1.00 85.43 ? 28  ARG A CG  1 
ATOM 190 C CD  . ARG A 1 46  ? 2.605   -14.256 14.480  1.00 86.87 ? 28  ARG A CD  1 
ATOM 191 N NE  . ARG A 1 46  ? 2.292   -15.666 14.678  1.00 88.21 ? 28  ARG A NE  1 
ATOM 192 C CZ  . ARG A 1 46  ? 2.548   -16.357 15.789  1.00 89.18 ? 28  ARG A CZ  1 
ATOM 193 N NH1 . ARG A 1 46  ? 3.143   -15.777 16.832  1.00 89.93 ? 28  ARG A NH1 1 
ATOM 194 N NH2 . ARG A 1 46  ? 2.193   -17.639 15.861  1.00 87.60 ? 28  ARG A NH2 1 
ATOM 195 N N   . PHE A 1 47  ? 0.728   -10.819 12.510  1.00 83.44 ? 29  PHE A N   1 
ATOM 196 C CA  . PHE A 1 47  ? 1.519   -9.685  12.025  1.00 83.05 ? 29  PHE A CA  1 
ATOM 197 C C   . PHE A 1 47  ? 0.650   -8.465  11.782  1.00 83.07 ? 29  PHE A C   1 
ATOM 198 O O   . PHE A 1 47  ? 1.132   -7.343  11.855  1.00 83.38 ? 29  PHE A O   1 
ATOM 199 C CB  . PHE A 1 47  ? 2.270   -10.069 10.753  1.00 82.54 ? 29  PHE A CB  1 
ATOM 200 C CG  . PHE A 1 47  ? 3.379   -11.042 10.991  1.00 82.41 ? 29  PHE A CG  1 
ATOM 201 C CD1 . PHE A 1 47  ? 3.265   -12.365 10.588  1.00 81.96 ? 29  PHE A CD1 1 
ATOM 202 C CD2 . PHE A 1 47  ? 4.531   -10.643 11.657  1.00 81.97 ? 29  PHE A CD2 1 
ATOM 203 C CE1 . PHE A 1 47  ? 4.288   -13.263 10.829  1.00 81.67 ? 29  PHE A CE1 1 
ATOM 204 C CE2 . PHE A 1 47  ? 5.556   -11.536 11.902  1.00 81.66 ? 29  PHE A CE2 1 
ATOM 205 C CZ  . PHE A 1 47  ? 5.441   -12.840 11.485  1.00 81.98 ? 29  PHE A CZ  1 
ATOM 206 N N   . CYS A 1 48  ? -0.630  -8.692  11.499  1.00 83.51 ? 30  CYS A N   1 
ATOM 207 C CA  . CYS A 1 48  ? -1.585  -7.608  11.323  1.00 84.14 ? 30  CYS A CA  1 
ATOM 208 C C   . CYS A 1 48  ? -1.755  -6.807  12.621  1.00 83.93 ? 30  CYS A C   1 
ATOM 209 O O   . CYS A 1 48  ? -2.045  -7.362  13.680  1.00 83.95 ? 30  CYS A O   1 
ATOM 210 C CB  . CYS A 1 48  ? -2.922  -8.137  10.787  1.00 84.29 ? 30  CYS A CB  1 
ATOM 211 S SG  . CYS A 1 48  ? -2.806  -8.476  9.003   1.00 86.24 ? 30  CYS A SG  1 
ATOM 212 N N   . ASP A 1 49  ? -1.529  -5.501  12.496  1.00 83.61 ? 31  ASP A N   1 
ATOM 213 C CA  . ASP A 1 49  ? -1.394  -4.570  13.612  1.00 83.47 ? 31  ASP A CA  1 
ATOM 214 C C   . ASP A 1 49  ? -2.613  -3.650  13.697  1.00 83.02 ? 31  ASP A C   1 
ATOM 215 O O   . ASP A 1 49  ? -2.769  -2.915  14.665  1.00 83.15 ? 31  ASP A O   1 
ATOM 216 C CB  . ASP A 1 49  ? -0.120  -3.704  13.396  1.00 83.12 ? 31  ASP A CB  1 
ATOM 217 N N   . ALA A 1 50  ? -3.463  -3.684  12.669  1.00 82.59 ? 32  ALA A N   1 
ATOM 218 C CA  . ALA A 1 50  ? -4.545  -2.714  12.513  1.00 82.09 ? 32  ALA A CA  1 
ATOM 219 C C   . ALA A 1 50  ? -5.613  -3.238  11.565  1.00 81.75 ? 32  ALA A C   1 
ATOM 220 O O   . ALA A 1 50  ? -5.415  -4.238  10.884  1.00 80.92 ? 32  ALA A O   1 
ATOM 221 C CB  . ALA A 1 50  ? -3.989  -1.380  11.989  1.00 81.36 ? 32  ALA A CB  1 
ATOM 222 N N   . HIS A 1 51  ? -6.746  -2.543  11.537  1.00 82.22 ? 33  HIS A N   1 
ATOM 223 C CA  . HIS A 1 51  ? -7.810  -2.803  10.572  1.00 82.66 ? 33  HIS A CA  1 
ATOM 224 C C   . HIS A 1 51  ? -8.035  -1.561  9.727   1.00 82.50 ? 33  HIS A C   1 
ATOM 225 O O   . HIS A 1 51  ? -8.217  -0.485  10.267  1.00 82.04 ? 33  HIS A O   1 
ATOM 226 C CB  . HIS A 1 51  ? -9.124  -3.139  11.278  1.00 82.94 ? 33  HIS A CB  1 
ATOM 227 C CG  . HIS A 1 51  ? -9.211  -4.544  11.788  1.00 84.04 ? 33  HIS A CG  1 
ATOM 228 N ND1 . HIS A 1 51  ? -9.445  -4.839  13.114  1.00 85.85 ? 33  HIS A ND1 1 
ATOM 229 C CD2 . HIS A 1 51  ? -9.139  -5.732  11.147  1.00 85.29 ? 33  HIS A CD2 1 
ATOM 230 C CE1 . HIS A 1 51  ? -9.497  -6.150  13.270  1.00 85.73 ? 33  HIS A CE1 1 
ATOM 231 N NE2 . HIS A 1 51  ? -9.316  -6.716  12.091  1.00 85.49 ? 33  HIS A NE2 1 
ATOM 232 N N   . LEU A 1 52  ? -8.027  -1.710  8.406   1.00 82.84 ? 34  LEU A N   1 
ATOM 233 C CA  . LEU A 1 52  ? -8.582  -0.672  7.533   1.00 83.35 ? 34  LEU A CA  1 
ATOM 234 C C   . LEU A 1 52  ? -10.104 -0.756  7.572   1.00 83.38 ? 34  LEU A C   1 
ATOM 235 O O   . LEU A 1 52  ? -10.668 -1.822  7.343   1.00 82.67 ? 34  LEU A O   1 
ATOM 236 C CB  . LEU A 1 52  ? -8.132  -0.837  6.081   1.00 83.28 ? 34  LEU A CB  1 
ATOM 237 C CG  . LEU A 1 52  ? -6.677  -0.639  5.739   1.00 83.76 ? 34  LEU A CG  1 
ATOM 238 C CD1 . LEU A 1 52  ? -6.551  -0.657  4.225   1.00 83.99 ? 34  LEU A CD1 1 
ATOM 239 C CD2 . LEU A 1 52  ? -6.149  0.675   6.332   1.00 85.11 ? 34  LEU A CD2 1 
ATOM 240 N N   . VAL A 1 53  ? -10.748 0.374   7.848   1.00 84.18 ? 35  VAL A N   1 
ATOM 241 C CA  . VAL A 1 53  ? -12.205 0.461   7.881   1.00 84.83 ? 35  VAL A CA  1 
ATOM 242 C C   . VAL A 1 53  ? -12.699 1.226   6.646   1.00 85.54 ? 35  VAL A C   1 
ATOM 243 O O   . VAL A 1 53  ? -12.644 2.456   6.609   1.00 85.65 ? 35  VAL A O   1 
ATOM 244 C CB  . VAL A 1 53  ? -12.687 1.153   9.165   1.00 84.75 ? 35  VAL A CB  1 
ATOM 245 C CG1 . VAL A 1 53  ? -14.219 1.250   9.181   1.00 85.22 ? 35  VAL A CG1 1 
ATOM 246 C CG2 . VAL A 1 53  ? -12.176 0.406   10.385  1.00 84.33 ? 35  VAL A CG2 1 
ATOM 247 N N   . LEU A 1 54  ? -13.154 0.481   5.636   1.00 86.27 ? 36  LEU A N   1 
ATOM 248 C CA  . LEU A 1 54  ? -13.683 1.051   4.387   1.00 86.65 ? 36  LEU A CA  1 
ATOM 249 C C   . LEU A 1 54  ? -15.098 0.514   4.191   1.00 86.96 ? 36  LEU A C   1 
ATOM 250 O O   . LEU A 1 54  ? -15.331 -0.669  4.414   1.00 87.24 ? 36  LEU A O   1 
ATOM 251 C CB  . LEU A 1 54  ? -12.777 0.672   3.203   1.00 86.63 ? 36  LEU A CB  1 
ATOM 252 N N   . ASP A 1 55  ? -16.039 1.366   3.775   1.00 87.40 ? 37  ASP A N   1 
ATOM 253 C CA  . ASP A 1 55  ? -17.475 1.019   3.814   1.00 87.71 ? 37  ASP A CA  1 
ATOM 254 C C   . ASP A 1 55  ? -17.832 0.618   5.266   1.00 87.52 ? 37  ASP A C   1 
ATOM 255 O O   . ASP A 1 55  ? -17.447 1.322   6.209   1.00 87.53 ? 37  ASP A O   1 
ATOM 256 C CB  . ASP A 1 55  ? -17.822 -0.101  2.797   1.00 87.95 ? 37  ASP A CB  1 
ATOM 257 C CG  . ASP A 1 55  ? -18.107 0.428   1.401   1.00 88.83 ? 37  ASP A CG  1 
ATOM 258 O OD1 . ASP A 1 55  ? -19.234 0.930   1.179   1.00 90.18 ? 37  ASP A OD1 1 
ATOM 259 O OD2 . ASP A 1 55  ? -17.221 0.307   0.521   1.00 89.85 ? 37  ASP A OD2 1 
ATOM 260 N N   . GLY A 1 56  ? -18.557 -0.490  5.443   1.00 87.19 ? 38  GLY A N   1 
ATOM 261 C CA  . GLY A 1 56  ? -18.640 -1.175  6.733   1.00 86.86 ? 38  GLY A CA  1 
ATOM 262 C C   . GLY A 1 56  ? -17.718 -2.391  6.791   1.00 86.40 ? 38  GLY A C   1 
ATOM 263 O O   . GLY A 1 56  ? -17.936 -3.299  7.601   1.00 86.58 ? 38  GLY A O   1 
ATOM 264 N N   . GLU A 1 57  ? -16.691 -2.411  5.939   1.00 85.57 ? 39  GLU A N   1 
ATOM 265 C CA  . GLU A 1 57  ? -15.767 -3.548  5.836   1.00 85.05 ? 39  GLU A CA  1 
ATOM 266 C C   . GLU A 1 57  ? -14.464 -3.293  6.588   1.00 84.37 ? 39  GLU A C   1 
ATOM 267 O O   . GLU A 1 57  ? -13.925 -2.182  6.558   1.00 84.17 ? 39  GLU A O   1 
ATOM 268 C CB  . GLU A 1 57  ? -15.448 -3.854  4.369   1.00 85.02 ? 39  GLU A CB  1 
ATOM 269 N N   . GLU A 1 58  ? -13.966 -4.331  7.255   1.00 83.64 ? 40  GLU A N   1 
ATOM 270 C CA  . GLU A 1 58  ? -12.696 -4.269  7.966   1.00 83.17 ? 40  GLU A CA  1 
ATOM 271 C C   . GLU A 1 58  ? -11.693 -5.221  7.320   1.00 82.54 ? 40  GLU A C   1 
ATOM 272 O O   . GLU A 1 58  ? -11.992 -6.392  7.096   1.00 82.33 ? 40  GLU A O   1 
ATOM 273 C CB  . GLU A 1 58  ? -12.892 -4.594  9.450   1.00 83.13 ? 40  GLU A CB  1 
ATOM 274 C CG  . GLU A 1 58  ? -13.423 -3.414  10.255  1.00 83.42 ? 40  GLU A CG  1 
ATOM 275 C CD  . GLU A 1 58  ? -13.683 -3.750  11.710  1.00 83.70 ? 40  GLU A CD  1 
ATOM 276 O OE1 . GLU A 1 58  ? -14.815 -4.173  12.034  1.00 85.22 ? 40  GLU A OE1 1 
ATOM 277 O OE2 . GLU A 1 58  ? -12.764 -3.570  12.536  1.00 84.76 ? 40  GLU A OE2 1 
ATOM 278 N N   . ILE A 1 59  ? -10.510 -4.693  7.010   1.00 82.14 ? 41  ILE A N   1 
ATOM 279 C CA  . ILE A 1 59  ? -9.420  -5.461  6.390   1.00 81.65 ? 41  ILE A CA  1 
ATOM 280 C C   . ILE A 1 59  ? -8.215  -5.471  7.327   1.00 81.25 ? 41  ILE A C   1 
ATOM 281 O O   . ILE A 1 59  ? -7.557  -4.441  7.477   1.00 80.48 ? 41  ILE A O   1 
ATOM 282 C CB  . ILE A 1 59  ? -8.967  -4.828  5.050   1.00 81.68 ? 41  ILE A CB  1 
ATOM 283 C CG1 . ILE A 1 59  ? -10.142 -4.734  4.071   1.00 81.84 ? 41  ILE A CG1 1 
ATOM 284 C CG2 . ILE A 1 59  ? -7.824  -5.619  4.431   1.00 81.13 ? 41  ILE A CG2 1 
ATOM 285 C CD1 . ILE A 1 59  ? -9.792  -4.059  2.762   1.00 81.86 ? 41  ILE A CD1 1 
ATOM 286 N N   . PRO A 1 60  ? -7.929  -6.621  7.974   1.00 80.88 ? 42  PRO A N   1 
ATOM 287 C CA  . PRO A 1 60  ? -6.719  -6.664  8.799   1.00 80.76 ? 42  PRO A CA  1 
ATOM 288 C C   . PRO A 1 60  ? -5.454  -6.357  7.990   1.00 80.85 ? 42  PRO A C   1 
ATOM 289 O O   . PRO A 1 60  ? -5.286  -6.846  6.865   1.00 80.49 ? 42  PRO A O   1 
ATOM 290 C CB  . PRO A 1 60  ? -6.705  -8.088  9.368   1.00 80.82 ? 42  PRO A CB  1 
ATOM 291 C CG  . PRO A 1 60  ? -7.717  -8.853  8.599   1.00 80.91 ? 42  PRO A CG  1 
ATOM 292 C CD  . PRO A 1 60  ? -8.685  -7.883  8.017   1.00 80.80 ? 42  PRO A CD  1 
ATOM 293 N N   . VAL A 1 61  ? -4.578  -5.544  8.578   1.00 80.72 ? 43  VAL A N   1 
ATOM 294 C CA  . VAL A 1 61  ? -3.507  -4.907  7.846   1.00 80.43 ? 43  VAL A CA  1 
ATOM 295 C C   . VAL A 1 61  ? -2.237  -4.745  8.699   1.00 80.54 ? 43  VAL A C   1 
ATOM 296 O O   . VAL A 1 61  ? -2.296  -4.642  9.927   1.00 80.12 ? 43  VAL A O   1 
ATOM 297 C CB  . VAL A 1 61  ? -4.025  -3.555  7.303   1.00 80.45 ? 43  VAL A CB  1 
ATOM 298 C CG1 . VAL A 1 61  ? -3.277  -2.361  7.910   1.00 81.30 ? 43  VAL A CG1 1 
ATOM 299 C CG2 . VAL A 1 61  ? -4.018  -3.546  5.794   1.00 80.17 ? 43  VAL A CG2 1 
ATOM 300 N N   . GLN A 1 62  ? -1.091  -4.764  8.016   1.00 80.75 ? 44  GLN A N   1 
ATOM 301 C CA  . GLN A 1 62  ? 0.214   -4.490  8.615   1.00 80.60 ? 44  GLN A CA  1 
ATOM 302 C C   . GLN A 1 62  ? 0.503   -2.983  8.481   1.00 79.98 ? 44  GLN A C   1 
ATOM 303 O O   . GLN A 1 62  ? 0.663   -2.472  7.393   1.00 79.88 ? 44  GLN A O   1 
ATOM 304 C CB  . GLN A 1 62  ? 1.309   -5.310  7.932   1.00 80.53 ? 44  GLN A CB  1 
ATOM 305 C CG  . GLN A 1 62  ? 1.181   -6.833  8.084   1.00 79.73 ? 44  GLN A CG  1 
ATOM 306 C CD  . GLN A 1 62  ? 2.084   -7.576  7.104   1.00 81.17 ? 44  GLN A CD  1 
ATOM 307 O OE1 . GLN A 1 62  ? 3.248   -7.800  7.385   1.00 82.59 ? 44  GLN A OE1 1 
ATOM 308 N NE2 . GLN A 1 62  ? 1.546   -7.951  5.940   1.00 82.93 ? 44  GLN A NE2 1 
ATOM 309 N N   . LYS A 1 63  ? 0.561   -2.322  9.626   1.00 79.82 ? 45  LYS A N   1 
ATOM 310 C CA  . LYS A 1 63  ? 0.547   -0.850  9.812   1.00 80.15 ? 45  LYS A CA  1 
ATOM 311 C C   . LYS A 1 63  ? 1.726   -0.144  9.133   1.00 80.49 ? 45  LYS A C   1 
ATOM 312 O O   . LYS A 1 63  ? 1.558   0.810   8.353   1.00 79.62 ? 45  LYS A O   1 
ATOM 313 C CB  . LYS A 1 63  ? 0.622   -0.648  11.345  1.00 80.32 ? 45  LYS A CB  1 
ATOM 314 C CG  . LYS A 1 63  ? 0.476   0.681   11.962  1.00 79.87 ? 45  LYS A CG  1 
ATOM 315 C CD  . LYS A 1 63  ? 0.625   0.537   13.509  1.00 79.12 ? 45  LYS A CD  1 
ATOM 316 N N   . ASN A 1 64  ? 2.927   -0.646  9.423   1.00 80.49 ? 46  ASN A N   1 
ATOM 317 C CA  . ASN A 1 64  ? 4.143   -0.021  8.939   1.00 80.55 ? 46  ASN A CA  1 
ATOM 318 C C   . ASN A 1 64  ? 4.212   -0.024  7.414   1.00 80.73 ? 46  ASN A C   1 
ATOM 319 O O   . ASN A 1 64  ? 4.605   0.973   6.819   1.00 81.40 ? 46  ASN A O   1 
ATOM 320 C CB  . ASN A 1 64  ? 5.391   -0.641  9.609   1.00 80.31 ? 46  ASN A CB  1 
ATOM 321 C CG  . ASN A 1 64  ? 5.539   -2.130  9.357   1.00 80.02 ? 46  ASN A CG  1 
ATOM 322 O OD1 . ASN A 1 64  ? 4.596   -2.818  8.973   1.00 80.21 ? 46  ASN A OD1 1 
ATOM 323 N ND2 . ASN A 1 64  ? 6.741   -2.631  9.561   1.00 79.09 ? 46  ASN A ND2 1 
ATOM 324 N N   . ILE A 1 65  ? 3.758   -1.104  6.783   1.00 80.39 ? 47  ILE A N   1 
ATOM 325 C CA  . ILE A 1 65  ? 3.769   -1.216  5.312   1.00 80.21 ? 47  ILE A CA  1 
ATOM 326 C C   . ILE A 1 65  ? 2.778   -0.293  4.612   1.00 80.65 ? 47  ILE A C   1 
ATOM 327 O O   . ILE A 1 65  ? 3.074   0.252   3.562   1.00 80.54 ? 47  ILE A O   1 
ATOM 328 C CB  . ILE A 1 65  ? 3.489   -2.686  4.884   1.00 80.82 ? 47  ILE A CB  1 
ATOM 329 C CG1 . ILE A 1 65  ? 4.627   -3.603  5.365   1.00 79.82 ? 47  ILE A CG1 1 
ATOM 330 C CG2 . ILE A 1 65  ? 3.368   -2.819  3.360   1.00 78.83 ? 47  ILE A CG2 1 
ATOM 331 C CD1 . ILE A 1 65  ? 4.198   -4.971  5.371   1.00 84.10 ? 47  ILE A CD1 1 
ATOM 332 N N   . LEU A 1 66  ? 1.582   -0.126  5.168   1.00 81.48 ? 48  LEU A N   1 
ATOM 333 C CA  . LEU A 1 66  ? 0.670   0.881   4.628   1.00 82.15 ? 48  LEU A CA  1 
ATOM 334 C C   . LEU A 1 66  ? 1.149   2.314   4.923   1.00 81.52 ? 48  LEU A C   1 
ATOM 335 O O   . LEU A 1 66  ? 0.965   3.199   4.102   1.00 81.35 ? 48  LEU A O   1 
ATOM 336 C CB  . LEU A 1 66  ? -0.757  0.693   5.157   1.00 82.77 ? 48  LEU A CB  1 
ATOM 337 C CG  . LEU A 1 66  ? -1.575  -0.506  4.683   1.00 84.43 ? 48  LEU A CG  1 
ATOM 338 C CD1 . LEU A 1 66  ? -2.987  -0.043  4.382   1.00 87.47 ? 48  LEU A CD1 1 
ATOM 339 C CD2 . LEU A 1 66  ? -0.994  -1.173  3.462   1.00 88.05 ? 48  LEU A CD2 1 
ATOM 340 N N   . ALA A 1 67  ? 1.739   2.542   6.094   1.00 81.19 ? 49  ALA A N   1 
ATOM 341 C CA  . ALA A 1 67  ? 2.259   3.866   6.427   1.00 81.21 ? 49  ALA A CA  1 
ATOM 342 C C   . ALA A 1 67  ? 3.414   4.225   5.469   1.00 81.93 ? 49  ALA A C   1 
ATOM 343 O O   . ALA A 1 67  ? 3.501   5.340   4.982   1.00 82.81 ? 49  ALA A O   1 
ATOM 344 C CB  . ALA A 1 67  ? 2.697   3.916   7.845   1.00 80.15 ? 49  ALA A CB  1 
ATOM 345 N N   . ALA A 1 68  ? 4.234   3.232   5.147   1.00 82.38 ? 50  ALA A N   1 
ATOM 346 C CA  . ALA A 1 68  ? 5.390   3.361   4.282   1.00 81.98 ? 50  ALA A CA  1 
ATOM 347 C C   . ALA A 1 68  ? 5.046   3.681   2.853   1.00 81.98 ? 50  ALA A C   1 
ATOM 348 O O   . ALA A 1 68  ? 5.794   4.363   2.163   1.00 82.34 ? 50  ALA A O   1 
ATOM 349 C CB  . ALA A 1 68  ? 6.188   2.011   4.317   1.00 81.88 ? 50  ALA A CB  1 
ATOM 350 N N   . ALA A 1 69  ? 3.952   3.100   2.375   1.00 82.20 ? 51  ALA A N   1 
ATOM 351 C CA  . ALA A 1 69  ? 3.513   3.228   0.991   1.00 81.37 ? 51  ALA A CA  1 
ATOM 352 C C   . ALA A 1 69  ? 2.726   4.501   0.805   1.00 81.48 ? 51  ALA A C   1 
ATOM 353 O O   . ALA A 1 69  ? 2.817   5.149   -0.245  1.00 82.01 ? 51  ALA A O   1 
ATOM 354 C CB  . ALA A 1 69  ? 2.629   2.045   0.634   1.00 81.15 ? 51  ALA A CB  1 
ATOM 355 N N   . SER A 1 70  ? 1.880   4.807   1.787   1.00 81.28 ? 52  SER A N   1 
ATOM 356 C CA  . SER A 1 70  ? 0.974   5.959   1.707   1.00 81.63 ? 52  SER A CA  1 
ATOM 357 C C   . SER A 1 70  ? 1.371   7.021   2.743   1.00 80.88 ? 52  SER A C   1 
ATOM 358 O O   . SER A 1 70  ? 1.253   6.782   3.944   1.00 80.59 ? 52  SER A O   1 
ATOM 359 C CB  . SER A 1 70  ? -0.479  5.523   1.932   1.00 81.51 ? 52  SER A CB  1 
ATOM 360 O OG  . SER A 1 70  ? -1.311  6.649   2.092   1.00 81.64 ? 52  SER A OG  1 
ATOM 361 N N   . PRO A 1 71  ? 1.864   8.175   2.278   1.00 80.80 ? 53  PRO A N   1 
ATOM 362 C CA  . PRO A 1 71  ? 2.087   9.353   3.145   1.00 80.70 ? 53  PRO A CA  1 
ATOM 363 C C   . PRO A 1 71  ? 0.837   9.814   3.886   1.00 80.25 ? 53  PRO A C   1 
ATOM 364 O O   . PRO A 1 71  ? 0.941   10.330  4.997   1.00 81.19 ? 53  PRO A O   1 
ATOM 365 C CB  . PRO A 1 71  ? 2.527   10.438  2.165   1.00 80.63 ? 53  PRO A CB  1 
ATOM 366 C CG  . PRO A 1 71  ? 3.133   9.692   1.027   1.00 81.33 ? 53  PRO A CG  1 
ATOM 367 C CD  . PRO A 1 71  ? 2.281   8.444   0.889   1.00 81.21 ? 53  PRO A CD  1 
ATOM 368 N N   . TYR A 1 72  ? -0.329  9.626   3.276   1.00 79.45 ? 54  TYR A N   1 
ATOM 369 C CA  . TYR A 1 72  ? -1.585  9.951   3.926   1.00 79.08 ? 54  TYR A CA  1 
ATOM 370 C C   . TYR A 1 72  ? -1.791  9.148   5.202   1.00 78.73 ? 54  TYR A C   1 
ATOM 371 O O   . TYR A 1 72  ? -2.094  9.714   6.278   1.00 78.60 ? 54  TYR A O   1 
ATOM 372 C CB  . TYR A 1 72  ? -2.750  9.699   2.970   1.00 79.36 ? 54  TYR A CB  1 
ATOM 373 C CG  . TYR A 1 72  ? -4.102  9.910   3.605   1.00 79.67 ? 54  TYR A CG  1 
ATOM 374 C CD1 . TYR A 1 72  ? -4.323  10.964  4.491   1.00 81.46 ? 54  TYR A CD1 1 
ATOM 375 C CD2 . TYR A 1 72  ? -5.167  9.079   3.310   1.00 80.05 ? 54  TYR A CD2 1 
ATOM 376 C CE1 . TYR A 1 72  ? -5.573  11.173  5.065   1.00 81.87 ? 54  TYR A CE1 1 
ATOM 377 C CE2 . TYR A 1 72  ? -6.417  9.276   3.884   1.00 80.57 ? 54  TYR A CE2 1 
ATOM 378 C CZ  . TYR A 1 72  ? -6.617  10.322  4.757   1.00 80.46 ? 54  TYR A CZ  1 
ATOM 379 O OH  . TYR A 1 72  ? -7.849  10.533  5.333   1.00 80.29 ? 54  TYR A OH  1 
ATOM 380 N N   . ILE A 1 73  ? -1.619  7.834   5.073   1.00 78.08 ? 55  ILE A N   1 
ATOM 381 C CA  . ILE A 1 73  ? -1.792  6.907   6.175   1.00 77.81 ? 55  ILE A CA  1 
ATOM 382 C C   . ILE A 1 73  ? -0.722  7.175   7.227   1.00 77.76 ? 55  ILE A C   1 
ATOM 383 O O   . ILE A 1 73  ? -1.020  7.185   8.410   1.00 77.50 ? 55  ILE A O   1 
ATOM 384 C CB  . ILE A 1 73  ? -1.819  5.406   5.671   1.00 77.69 ? 55  ILE A CB  1 
ATOM 385 C CG1 . ILE A 1 73  ? -3.088  5.187   4.839   1.00 77.58 ? 55  ILE A CG1 1 
ATOM 386 C CG2 . ILE A 1 73  ? -1.777  4.408   6.851   1.00 76.83 ? 55  ILE A CG2 1 
ATOM 387 C CD1 . ILE A 1 73  ? -3.208  3.871   4.173   1.00 78.22 ? 55  ILE A CD1 1 
ATOM 388 N N   . ARG A 1 74  ? 0.511   7.422   6.793   1.00 78.33 ? 56  ARG A N   1 
ATOM 389 C CA  . ARG A 1 74  ? 1.574   7.880   7.705   1.00 79.19 ? 56  ARG A CA  1 
ATOM 390 C C   . ARG A 1 74  ? 1.120   9.085   8.541   1.00 79.09 ? 56  ARG A C   1 
ATOM 391 O O   . ARG A 1 74  ? 1.240   9.071   9.760   1.00 79.41 ? 56  ARG A O   1 
ATOM 392 C CB  . ARG A 1 74  ? 2.863   8.239   6.929   1.00 79.58 ? 56  ARG A CB  1 
ATOM 393 C CG  . ARG A 1 74  ? 4.098   8.503   7.823   1.00 79.57 ? 56  ARG A CG  1 
ATOM 394 N N   . THR A 1 75  ? 0.574   10.115  7.895   1.00 79.41 ? 57  THR A N   1 
ATOM 395 C CA  . THR A 1 75  ? 0.117   11.304  8.633   1.00 79.61 ? 57  THR A CA  1 
ATOM 396 C C   . THR A 1 75  ? -1.078  11.009  9.548   1.00 79.74 ? 57  THR A C   1 
ATOM 397 O O   . THR A 1 75  ? -1.148  11.498  10.675  1.00 79.08 ? 57  THR A O   1 
ATOM 398 C CB  . THR A 1 75  ? -0.294  12.449  7.684   1.00 79.72 ? 57  THR A CB  1 
ATOM 399 O OG1 . THR A 1 75  ? 0.810   12.813  6.859   1.00 79.35 ? 57  THR A OG1 1 
ATOM 400 C CG2 . THR A 1 75  ? -0.754  13.672  8.480   1.00 79.34 ? 57  THR A CG2 1 
ATOM 401 N N   . LYS A 1 76  ? -2.022  10.231  9.028   1.00 80.23 ? 58  LYS A N   1 
ATOM 402 C CA  . LYS A 1 76  ? -3.222  9.852   9.766   1.00 80.65 ? 58  LYS A CA  1 
ATOM 403 C C   . LYS A 1 76  ? -2.864  9.190   11.096  1.00 81.24 ? 58  LYS A C   1 
ATOM 404 O O   . LYS A 1 76  ? -3.494  9.459   12.111  1.00 80.50 ? 58  LYS A O   1 
ATOM 405 C CB  . LYS A 1 76  ? -4.083  8.924   8.899   1.00 80.56 ? 58  LYS A CB  1 
ATOM 406 C CG  . LYS A 1 76  ? -5.425  8.571   9.474   1.00 80.60 ? 58  LYS A CG  1 
ATOM 407 C CD  . LYS A 1 76  ? -6.495  8.393   8.378   1.00 81.97 ? 58  LYS A CD  1 
ATOM 408 C CE  . LYS A 1 76  ? -7.918  8.610   8.952   1.00 83.58 ? 58  LYS A CE  1 
ATOM 409 N NZ  . LYS A 1 76  ? -8.904  9.113   7.947   1.00 83.50 ? 58  LYS A NZ  1 
ATOM 410 N N   . LEU A 1 77  ? -1.840  8.336   11.086  1.00 82.42 ? 59  LEU A N   1 
ATOM 411 C CA  . LEU A 1 77  ? -1.401  7.652   12.303  1.00 83.47 ? 59  LEU A CA  1 
ATOM 412 C C   . LEU A 1 77  ? -0.759  8.589   13.333  1.00 84.29 ? 59  LEU A C   1 
ATOM 413 O O   . LEU A 1 77  ? -0.913  8.369   14.523  1.00 84.77 ? 59  LEU A O   1 
ATOM 414 C CB  . LEU A 1 77  ? -0.474  6.479   11.968  1.00 83.78 ? 59  LEU A CB  1 
ATOM 415 C CG  . LEU A 1 77  ? -1.147  5.195   11.435  1.00 83.79 ? 59  LEU A CG  1 
ATOM 416 N N   . ASN A 1 78  ? -0.060  9.635   12.892  1.00 85.60 ? 60  ASN A N   1 
ATOM 417 C CA  . ASN A 1 78  ? 0.448   10.672  13.818  1.00 86.82 ? 60  ASN A CA  1 
ATOM 418 C C   . ASN A 1 78  ? -0.676  11.404  14.524  1.00 86.88 ? 60  ASN A C   1 
ATOM 419 O O   . ASN A 1 78  ? -0.570  11.727  15.706  1.00 87.29 ? 60  ASN A O   1 
ATOM 420 C CB  . ASN A 1 78  ? 1.336   11.699  13.095  1.00 87.18 ? 60  ASN A CB  1 
ATOM 421 C CG  . ASN A 1 78  ? 2.688   11.127  12.708  1.00 89.99 ? 60  ASN A CG  1 
ATOM 422 O OD1 . ASN A 1 78  ? 3.367   10.519  13.543  1.00 94.84 ? 60  ASN A OD1 1 
ATOM 423 N ND2 . ASN A 1 78  ? 3.083   11.292  11.434  1.00 91.65 ? 60  ASN A ND2 1 
ATOM 424 N N   . TYR A 1 79  ? -1.759  11.647  13.793  1.00 87.39 ? 61  TYR A N   1 
ATOM 425 C CA  . TYR A 1 79  ? -2.855  12.487  14.271  1.00 87.78 ? 61  TYR A CA  1 
ATOM 426 C C   . TYR A 1 79  ? -4.044  11.706  14.804  1.00 88.62 ? 61  TYR A C   1 
ATOM 427 O O   . TYR A 1 79  ? -4.897  12.263  15.490  1.00 88.67 ? 61  TYR A O   1 
ATOM 428 C CB  . TYR A 1 79  ? -3.311  13.415  13.150  1.00 87.48 ? 61  TYR A CB  1 
ATOM 429 C CG  . TYR A 1 79  ? -2.390  14.589  12.944  1.00 86.75 ? 61  TYR A CG  1 
ATOM 430 C CD1 . TYR A 1 79  ? -1.435  14.575  11.942  1.00 86.10 ? 61  TYR A CD1 1 
ATOM 431 C CD2 . TYR A 1 79  ? -2.481  15.718  13.749  1.00 86.99 ? 61  TYR A CD2 1 
ATOM 432 C CE1 . TYR A 1 79  ? -0.587  15.636  11.738  1.00 85.40 ? 61  TYR A CE1 1 
ATOM 433 C CE2 . TYR A 1 79  ? -1.639  16.803  13.548  1.00 87.31 ? 61  TYR A CE2 1 
ATOM 434 C CZ  . TYR A 1 79  ? -0.684  16.744  12.534  1.00 87.22 ? 61  TYR A CZ  1 
ATOM 435 O OH  . TYR A 1 79  ? 0.164   17.808  12.304  1.00 88.00 ? 61  TYR A OH  1 
ATOM 436 N N   . ASN A 1 80  ? -4.105  10.420  14.485  1.00 89.83 ? 62  ASN A N   1 
ATOM 437 C CA  . ASN A 1 80  ? -5.176  9.569   14.968  1.00 90.78 ? 62  ASN A CA  1 
ATOM 438 C C   . ASN A 1 80  ? -4.570  8.289   15.543  1.00 91.48 ? 62  ASN A C   1 
ATOM 439 O O   . ASN A 1 80  ? -4.684  7.222   14.937  1.00 91.78 ? 62  ASN A O   1 
ATOM 440 C CB  . ASN A 1 80  ? -6.175  9.287   13.828  1.00 90.87 ? 62  ASN A CB  1 
ATOM 441 C CG  . ASN A 1 80  ? -7.549  8.849   14.335  1.00 91.90 ? 62  ASN A CG  1 
ATOM 442 O OD1 . ASN A 1 80  ? -8.129  9.473   15.233  1.00 92.89 ? 62  ASN A OD1 1 
ATOM 443 N ND2 . ASN A 1 80  ? -8.086  7.783   13.741  1.00 92.41 ? 62  ASN A ND2 1 
ATOM 444 N N   . PRO A 1 81  ? -3.886  8.400   16.705  1.00 92.27 ? 63  PRO A N   1 
ATOM 445 C CA  . PRO A 1 81  ? -3.310  7.240   17.378  1.00 92.64 ? 63  PRO A CA  1 
ATOM 446 C C   . PRO A 1 81  ? -4.279  6.677   18.433  1.00 93.00 ? 63  PRO A C   1 
ATOM 447 O O   . PRO A 1 81  ? -3.935  5.737   19.159  1.00 93.34 ? 63  PRO A O   1 
ATOM 448 C CB  . PRO A 1 81  ? -2.076  7.837   18.054  1.00 92.66 ? 63  PRO A CB  1 
ATOM 449 C CG  . PRO A 1 81  ? -2.540  9.210   18.482  1.00 92.39 ? 63  PRO A CG  1 
ATOM 450 C CD  . PRO A 1 81  ? -3.607  9.636   17.470  1.00 92.39 ? 63  PRO A CD  1 
ATOM 451 N N   . SER A 1 87  ? -8.415  -3.655  22.511  1.00 93.36 ? 69  SER A N   1 
ATOM 452 C CA  . SER A 1 87  ? -8.456  -2.408  21.757  1.00 93.45 ? 69  SER A CA  1 
ATOM 453 C C   . SER A 1 87  ? -7.768  -2.567  20.400  1.00 93.34 ? 69  SER A C   1 
ATOM 454 O O   . SER A 1 87  ? -6.545  -2.434  20.301  1.00 93.42 ? 69  SER A O   1 
ATOM 455 C CB  . SER A 1 87  ? -7.792  -1.282  22.561  1.00 93.49 ? 69  SER A CB  1 
ATOM 456 O OG  . SER A 1 87  ? -8.488  -1.042  23.779  1.00 94.18 ? 69  SER A OG  1 
ATOM 457 N N   . THR A 1 88  ? -8.554  -2.865  19.364  1.00 93.10 ? 70  THR A N   1 
ATOM 458 C CA  . THR A 1 88  ? -8.032  -2.980  17.999  1.00 92.91 ? 70  THR A CA  1 
ATOM 459 C C   . THR A 1 88  ? -7.905  -1.597  17.380  1.00 92.51 ? 70  THR A C   1 
ATOM 460 O O   . THR A 1 88  ? -8.833  -0.791  17.462  1.00 92.53 ? 70  THR A O   1 
ATOM 461 C CB  . THR A 1 88  ? -8.926  -3.854  17.088  1.00 93.01 ? 70  THR A CB  1 
ATOM 462 O OG1 . THR A 1 88  ? -8.674  -5.239  17.354  1.00 93.39 ? 70  THR A OG1 1 
ATOM 463 C CG2 . THR A 1 88  ? -8.627  -3.583  15.612  1.00 93.10 ? 70  THR A CG2 1 
ATOM 464 N N   . TYR A 1 89  ? -6.761  -1.335  16.752  1.00 91.94 ? 71  TYR A N   1 
ATOM 465 C CA  . TYR A 1 89  ? -6.473  -0.028  16.192  1.00 91.49 ? 71  TYR A CA  1 
ATOM 466 C C   . TYR A 1 89  ? -7.028  0.078   14.774  1.00 90.96 ? 71  TYR A C   1 
ATOM 467 O O   . TYR A 1 89  ? -6.744  -0.761  13.926  1.00 90.95 ? 71  TYR A O   1 
ATOM 468 C CB  . TYR A 1 89  ? -4.970  0.239   16.205  1.00 91.84 ? 71  TYR A CB  1 
ATOM 469 C CG  . TYR A 1 89  ? -4.614  1.610   15.685  1.00 92.14 ? 71  TYR A CG  1 
ATOM 470 C CD1 . TYR A 1 89  ? -4.808  2.747   16.467  1.00 93.01 ? 71  TYR A CD1 1 
ATOM 471 C CD2 . TYR A 1 89  ? -4.108  1.774   14.408  1.00 92.31 ? 71  TYR A CD2 1 
ATOM 472 C CE1 . TYR A 1 89  ? -4.497  4.010   15.986  1.00 93.26 ? 71  TYR A CE1 1 
ATOM 473 C CE2 . TYR A 1 89  ? -3.794  3.028   13.920  1.00 92.97 ? 71  TYR A CE2 1 
ATOM 474 C CZ  . TYR A 1 89  ? -3.984  4.141   14.710  1.00 92.72 ? 71  TYR A CZ  1 
ATOM 475 O OH  . TYR A 1 89  ? -3.668  5.383   14.216  1.00 92.96 ? 71  TYR A OH  1 
ATOM 476 N N   . LYS A 1 90  ? -7.814  1.122   14.532  1.00 90.50 ? 72  LYS A N   1 
ATOM 477 C CA  . LYS A 1 90  ? -8.541  1.295   13.279  1.00 89.97 ? 72  LYS A CA  1 
ATOM 478 C C   . LYS A 1 90  ? -8.030  2.502   12.478  1.00 89.56 ? 72  LYS A C   1 
ATOM 479 O O   . LYS A 1 90  ? -7.791  3.573   13.037  1.00 89.30 ? 72  LYS A O   1 
ATOM 480 C CB  . LYS A 1 90  ? -10.032 1.452   13.579  1.00 89.96 ? 72  LYS A CB  1 
ATOM 481 C CG  . LYS A 1 90  ? -10.653 0.253   14.292  1.00 89.70 ? 72  LYS A CG  1 
ATOM 482 N N   . ILE A 1 91  ? -7.847  2.305   11.172  1.00 89.24 ? 73  ILE A N   1 
ATOM 483 C CA  . ILE A 1 91  ? -7.511  3.376   10.232  1.00 89.05 ? 73  ILE A CA  1 
ATOM 484 C C   . ILE A 1 91  ? -8.687  3.552   9.268   1.00 88.99 ? 73  ILE A C   1 
ATOM 485 O O   . ILE A 1 91  ? -8.929  2.695   8.425   1.00 88.67 ? 73  ILE A O   1 
ATOM 486 C CB  . ILE A 1 91  ? -6.200  3.077   9.440   1.00 88.78 ? 73  ILE A CB  1 
ATOM 487 N N   . GLU A 1 92  ? -9.408  4.669   9.407   1.00 89.24 ? 74  GLU A N   1 
ATOM 488 C CA  . GLU A 1 92  ? -10.666 4.909   8.691   1.00 89.39 ? 74  GLU A CA  1 
ATOM 489 C C   . GLU A 1 92  ? -10.440 5.463   7.280   1.00 89.59 ? 74  GLU A C   1 
ATOM 490 O O   . GLU A 1 92  ? -9.551  6.278   7.069   1.00 89.36 ? 74  GLU A O   1 
ATOM 491 C CB  . GLU A 1 92  ? -11.558 5.867   9.495   1.00 89.33 ? 74  GLU A CB  1 
ATOM 492 N N   . LEU A 1 93  ? -11.275 5.022   6.336   1.00 90.09 ? 75  LEU A N   1 
ATOM 493 C CA  . LEU A 1 93  ? -11.130 5.330   4.905   1.00 90.42 ? 75  LEU A CA  1 
ATOM 494 C C   . LEU A 1 93  ? -12.451 5.060   4.144   1.00 90.68 ? 75  LEU A C   1 
ATOM 495 O O   . LEU A 1 93  ? -12.635 3.984   3.565   1.00 91.10 ? 75  LEU A O   1 
ATOM 496 C CB  . LEU A 1 93  ? -10.008 4.463   4.298   1.00 90.45 ? 75  LEU A CB  1 
ATOM 497 C CG  . LEU A 1 93  ? -8.594  5.013   4.097   1.00 90.48 ? 75  LEU A CG  1 
ATOM 498 C CD1 . LEU A 1 93  ? -7.618  3.889   3.778   1.00 90.61 ? 75  LEU A CD1 1 
ATOM 499 C CD2 . LEU A 1 93  ? -8.595  6.033   2.969   1.00 92.00 ? 75  LEU A CD2 1 
ATOM 500 N N   . GLU A 1 94  ? -13.362 6.026   4.128   1.00 90.65 ? 76  GLU A N   1 
ATOM 501 C CA  . GLU A 1 94  ? -14.664 5.848   3.446   1.00 90.78 ? 76  GLU A CA  1 
ATOM 502 C C   . GLU A 1 94  ? -14.741 6.472   2.037   1.00 90.71 ? 76  GLU A C   1 
ATOM 503 O O   . GLU A 1 94  ? -15.776 6.355   1.371   1.00 90.45 ? 76  GLU A O   1 
ATOM 504 C CB  . GLU A 1 94  ? -15.802 6.414   4.308   1.00 90.72 ? 76  GLU A CB  1 
ATOM 505 N N   . GLY A 1 95  ? -13.655 7.122   1.588   1.00 90.50 ? 77  GLY A N   1 
ATOM 506 C CA  . GLY A 1 95  ? -13.622 7.806   0.282   1.00 90.12 ? 77  GLY A CA  1 
ATOM 507 C C   . GLY A 1 95  ? -13.081 6.956   -0.860  1.00 89.80 ? 77  GLY A C   1 
ATOM 508 O O   . GLY A 1 95  ? -12.725 7.484   -1.919  1.00 89.81 ? 77  GLY A O   1 
ATOM 509 N N   . ILE A 1 96  ? -13.008 5.642   -0.628  1.00 89.24 ? 78  ILE A N   1 
ATOM 510 C CA  . ILE A 1 96  ? -12.508 4.660   -1.594  1.00 88.68 ? 78  ILE A CA  1 
ATOM 511 C C   . ILE A 1 96  ? -13.314 3.377   -1.396  1.00 88.01 ? 78  ILE A C   1 
ATOM 512 O O   . ILE A 1 96  ? -13.549 2.971   -0.255  1.00 87.92 ? 78  ILE A O   1 
ATOM 513 C CB  . ILE A 1 96  ? -10.996 4.329   -1.362  1.00 88.63 ? 78  ILE A CB  1 
ATOM 514 C CG1 . ILE A 1 96  ? -10.151 5.606   -1.317  1.00 88.92 ? 78  ILE A CG1 1 
ATOM 515 C CG2 . ILE A 1 96  ? -10.472 3.389   -2.448  1.00 88.41 ? 78  ILE A CG2 1 
ATOM 516 C CD1 . ILE A 1 96  ? -8.662  5.370   -1.092  1.00 88.62 ? 78  ILE A CD1 1 
ATOM 517 N N   . SER A 1 97  ? -13.728 2.740   -2.491  1.00 87.26 ? 79  SER A N   1 
ATOM 518 C CA  . SER A 1 97  ? -14.451 1.465   -2.417  1.00 86.67 ? 79  SER A CA  1 
ATOM 519 C C   . SER A 1 97  ? -13.556 0.294   -1.988  1.00 86.49 ? 79  SER A C   1 
ATOM 520 O O   . SER A 1 97  ? -12.321 0.353   -2.087  1.00 86.54 ? 79  SER A O   1 
ATOM 521 C CB  . SER A 1 97  ? -15.102 1.141   -3.761  1.00 86.70 ? 79  SER A CB  1 
ATOM 522 O OG  . SER A 1 97  ? -14.139 1.026   -4.788  1.00 86.07 ? 79  SER A OG  1 
ATOM 523 N N   . VAL A 1 98  ? -14.198 -0.773  -1.524  1.00 86.12 ? 80  VAL A N   1 
ATOM 524 C CA  . VAL A 1 98  ? -13.498 -1.972  -1.067  1.00 85.92 ? 80  VAL A CA  1 
ATOM 525 C C   . VAL A 1 98  ? -12.790 -2.704  -2.210  1.00 85.64 ? 80  VAL A C   1 
ATOM 526 O O   . VAL A 1 98  ? -11.686 -3.194  -2.032  1.00 85.58 ? 80  VAL A O   1 
ATOM 527 C CB  . VAL A 1 98  ? -14.462 -2.940  -0.340  1.00 85.88 ? 80  VAL A CB  1 
ATOM 528 C CG1 . VAL A 1 98  ? -13.832 -4.317  -0.157  1.00 86.08 ? 80  VAL A CG1 1 
ATOM 529 C CG2 . VAL A 1 98  ? -14.865 -2.354  1.000   1.00 86.04 ? 80  VAL A CG2 1 
ATOM 530 N N   . MET A 1 99  ? -13.424 -2.774  -3.375  1.00 85.31 ? 81  MET A N   1 
ATOM 531 C CA  . MET A 1 99  ? -12.827 -3.458  -4.526  1.00 85.02 ? 81  MET A CA  1 
ATOM 532 C C   . MET A 1 99  ? -11.532 -2.764  -4.961  1.00 84.61 ? 81  MET A C   1 
ATOM 533 O O   . MET A 1 99  ? -10.525 -3.427  -5.200  1.00 84.48 ? 81  MET A O   1 
ATOM 534 C CB  . MET A 1 99  ? -13.815 -3.523  -5.702  1.00 84.94 ? 81  MET A CB  1 
ATOM 535 N N   . VAL A 1 100 ? -11.572 -1.437  -5.049  1.00 84.11 ? 82  VAL A N   1 
ATOM 536 C CA  . VAL A 1 100 ? -10.432 -0.642  -5.505  1.00 84.02 ? 82  VAL A CA  1 
ATOM 537 C C   . VAL A 1 100 ? -9.263  -0.712  -4.514  1.00 84.07 ? 82  VAL A C   1 
ATOM 538 O O   . VAL A 1 100 ? -8.116  -0.937  -4.908  1.00 84.16 ? 82  VAL A O   1 
ATOM 539 C CB  . VAL A 1 100 ? -10.848 0.838   -5.757  1.00 84.05 ? 82  VAL A CB  1 
ATOM 540 C CG1 . VAL A 1 100 ? -9.636  1.731   -5.979  1.00 83.33 ? 82  VAL A CG1 1 
ATOM 541 C CG2 . VAL A 1 100 ? -11.793 0.914   -6.955  1.00 83.35 ? 82  VAL A CG2 1 
ATOM 542 N N   . MET A 1 101 ? -9.564  -0.545  -3.228  1.00 83.95 ? 83  MET A N   1 
ATOM 543 C CA  . MET A 1 101 ? -8.544  -0.612  -2.187  1.00 83.67 ? 83  MET A CA  1 
ATOM 544 C C   . MET A 1 101 ? -7.850  -1.965  -2.182  1.00 82.99 ? 83  MET A C   1 
ATOM 545 O O   . MET A 1 101 ? -6.656  -2.033  -1.930  1.00 83.07 ? 83  MET A O   1 
ATOM 546 C CB  . MET A 1 101 ? -9.149  -0.307  -0.812  1.00 84.00 ? 83  MET A CB  1 
ATOM 547 C CG  . MET A 1 101 ? -8.139  -0.188  0.328   1.00 85.03 ? 83  MET A CG  1 
ATOM 548 S SD  . MET A 1 101 ? -6.942  1.166   0.158   1.00 88.08 ? 83  MET A SD  1 
ATOM 549 C CE  . MET A 1 101 ? -7.926  2.550   0.715   1.00 90.09 ? 83  MET A CE  1 
ATOM 550 N N   . ARG A 1 102 ? -8.584  -3.034  -2.475  1.00 82.19 ? 84  ARG A N   1 
ATOM 551 C CA  . ARG A 1 102 ? -7.990  -4.374  -2.524  1.00 82.03 ? 84  ARG A CA  1 
ATOM 552 C C   . ARG A 1 102 ? -7.000  -4.553  -3.667  1.00 81.13 ? 84  ARG A C   1 
ATOM 553 O O   . ARG A 1 102 ? -6.060  -5.335  -3.555  1.00 81.25 ? 84  ARG A O   1 
ATOM 554 C CB  . ARG A 1 102 ? -9.069  -5.455  -2.612  1.00 82.02 ? 84  ARG A CB  1 
ATOM 555 C CG  . ARG A 1 102 ? -9.747  -5.704  -1.291  1.00 83.50 ? 84  ARG A CG  1 
ATOM 556 C CD  . ARG A 1 102 ? -10.518 -7.008  -1.275  1.00 85.63 ? 84  ARG A CD  1 
ATOM 557 N NE  . ARG A 1 102 ? -11.355 -7.104  -0.078  1.00 87.01 ? 84  ARG A NE  1 
ATOM 558 C CZ  . ARG A 1 102 ? -10.925 -7.434  1.145   1.00 87.79 ? 84  ARG A CZ  1 
ATOM 559 N NH1 . ARG A 1 102 ? -11.805 -7.482  2.149   1.00 88.34 ? 84  ARG A NH1 1 
ATOM 560 N NH2 . ARG A 1 102 ? -9.640  -7.721  1.378   1.00 87.71 ? 84  ARG A NH2 1 
ATOM 561 N N   . GLU A 1 103 ? -7.244  -3.851  -4.766  1.00 80.26 ? 85  GLU A N   1 
ATOM 562 C CA  . GLU A 1 103 ? -6.338  -3.847  -5.896  1.00 79.91 ? 85  GLU A CA  1 
ATOM 563 C C   . GLU A 1 103 ? -5.121  -2.985  -5.588  1.00 78.80 ? 85  GLU A C   1 
ATOM 564 O O   . GLU A 1 103 ? -4.034  -3.271  -6.059  1.00 77.74 ? 85  GLU A O   1 
ATOM 565 C CB  . GLU A 1 103 ? -7.037  -3.321  -7.155  1.00 80.17 ? 85  GLU A CB  1 
ATOM 566 C CG  . GLU A 1 103 ? -8.225  -4.152  -7.615  1.00 81.77 ? 85  GLU A CG  1 
ATOM 567 C CD  . GLU A 1 103 ? -7.845  -5.493  -8.202  1.00 84.36 ? 85  GLU A CD  1 
ATOM 568 O OE1 . GLU A 1 103 ? -6.635  -5.796  -8.247  1.00 87.32 ? 85  GLU A OE1 1 
ATOM 569 O OE2 . GLU A 1 103 ? -8.758  -6.248  -8.626  1.00 86.02 ? 85  GLU A OE2 1 
ATOM 570 N N   . ILE A 1 104 ? -5.329  -1.920  -4.819  1.00 78.34 ? 86  ILE A N   1 
ATOM 571 C CA  . ILE A 1 104 ? -4.245  -1.066  -4.365  1.00 77.95 ? 86  ILE A CA  1 
ATOM 572 C C   . ILE A 1 104 ? -3.364  -1.810  -3.354  1.00 77.64 ? 86  ILE A C   1 
ATOM 573 O O   . ILE A 1 104 ? -2.149  -1.812  -3.503  1.00 77.33 ? 86  ILE A O   1 
ATOM 574 C CB  . ILE A 1 104 ? -4.773  0.268   -3.804  1.00 78.27 ? 86  ILE A CB  1 
ATOM 575 C CG1 . ILE A 1 104 ? -5.374  1.097   -4.944  1.00 78.51 ? 86  ILE A CG1 1 
ATOM 576 C CG2 . ILE A 1 104 ? -3.672  1.055   -3.132  1.00 77.10 ? 86  ILE A CG2 1 
ATOM 577 C CD1 . ILE A 1 104 ? -5.829  2.460   -4.536  1.00 78.45 ? 86  ILE A CD1 1 
ATOM 578 N N   . LEU A 1 105 ? -3.972  -2.488  -2.373  1.00 77.04 ? 87  LEU A N   1 
ATOM 579 C CA  . LEU A 1 105 ? -3.214  -3.339  -1.446  1.00 76.47 ? 87  LEU A CA  1 
ATOM 580 C C   . LEU A 1 105 ? -2.422  -4.394  -2.192  1.00 76.11 ? 87  LEU A C   1 
ATOM 581 O O   . LEU A 1 105 ? -1.283  -4.665  -1.847  1.00 76.43 ? 87  LEU A O   1 
ATOM 582 C CB  . LEU A 1 105 ? -4.114  -4.024  -0.429  1.00 76.44 ? 87  LEU A CB  1 
ATOM 583 C CG  . LEU A 1 105 ? -4.757  -3.167  0.656   1.00 76.22 ? 87  LEU A CG  1 
ATOM 584 C CD1 . LEU A 1 105 ? -5.773  -3.991  1.407   1.00 74.94 ? 87  LEU A CD1 1 
ATOM 585 C CD2 . LEU A 1 105 ? -3.703  -2.609  1.595   1.00 76.81 ? 87  LEU A CD2 1 
ATOM 586 N N   . ASP A 1 106 ? -3.017  -4.991  -3.213  1.00 75.97 ? 88  ASP A N   1 
ATOM 587 C CA  . ASP A 1 106 ? -2.261  -5.864  -4.120  1.00 76.13 ? 88  ASP A CA  1 
ATOM 588 C C   . ASP A 1 106 ? -1.047  -5.160  -4.767  1.00 75.83 ? 88  ASP A C   1 
ATOM 589 O O   . ASP A 1 106 ? 0.044   -5.724  -4.851  1.00 75.17 ? 88  ASP A O   1 
ATOM 590 C CB  . ASP A 1 106 ? -3.187  -6.462  -5.171  1.00 76.27 ? 88  ASP A CB  1 
ATOM 591 C CG  . ASP A 1 106 ? -3.998  -7.633  -4.627  1.00 77.91 ? 88  ASP A CG  1 
ATOM 592 O OD1 . ASP A 1 106 ? -3.821  -7.973  -3.440  1.00 79.01 ? 88  ASP A OD1 1 
ATOM 593 O OD2 . ASP A 1 106 ? -4.807  -8.227  -5.379  1.00 80.38 ? 88  ASP A OD2 1 
ATOM 594 N N   . TYR A 1 107 ? -1.230  -3.915  -5.185  1.00 76.03 ? 89  TYR A N   1 
ATOM 595 C CA  . TYR A 1 107 ? -0.118  -3.104  -5.672  1.00 75.71 ? 89  TYR A CA  1 
ATOM 596 C C   . TYR A 1 107 ? 0.958   -2.926  -4.607  1.00 74.39 ? 89  TYR A C   1 
ATOM 597 O O   . TYR A 1 107 ? 2.130   -3.195  -4.840  1.00 74.19 ? 89  TYR A O   1 
ATOM 598 C CB  . TYR A 1 107 ? -0.636  -1.763  -6.176  1.00 76.70 ? 89  TYR A CB  1 
ATOM 599 C CG  . TYR A 1 107 ? 0.465   -0.782  -6.474  1.00 77.78 ? 89  TYR A CG  1 
ATOM 600 C CD1 . TYR A 1 107 ? 1.164   -0.854  -7.669  1.00 77.95 ? 89  TYR A CD1 1 
ATOM 601 C CD2 . TYR A 1 107 ? 0.817   0.207   -5.549  1.00 78.55 ? 89  TYR A CD2 1 
ATOM 602 C CE1 . TYR A 1 107 ? 2.177   0.030   -7.958  1.00 78.81 ? 89  TYR A CE1 1 
ATOM 603 C CE2 . TYR A 1 107 ? 1.840   1.112   -5.831  1.00 80.00 ? 89  TYR A CE2 1 
ATOM 604 C CZ  . TYR A 1 107 ? 2.521   1.004   -7.034  1.00 79.54 ? 89  TYR A CZ  1 
ATOM 605 O OH  . TYR A 1 107 ? 3.528   1.882   -7.348  1.00 80.36 ? 89  TYR A OH  1 
ATOM 606 N N   . ILE A 1 108 ? 0.544   -2.534  -3.416  1.00 74.03 ? 90  ILE A N   1 
ATOM 607 C CA  . ILE A 1 108 ? 1.471   -2.235  -2.317  1.00 74.00 ? 90  ILE A CA  1 
ATOM 608 C C   . ILE A 1 108 ? 2.372   -3.446  -2.003  1.00 74.53 ? 90  ILE A C   1 
ATOM 609 O O   . ILE A 1 108 ? 3.563   -3.294  -1.714  1.00 75.15 ? 90  ILE A O   1 
ATOM 610 C CB  . ILE A 1 108 ? 0.680   -1.743  -1.062  1.00 73.63 ? 90  ILE A CB  1 
ATOM 611 C CG1 . ILE A 1 108 ? 0.104   -0.344  -1.311  1.00 74.66 ? 90  ILE A CG1 1 
ATOM 612 C CG2 . ILE A 1 108 ? 1.545   -1.710  0.174   1.00 72.72 ? 90  ILE A CG2 1 
ATOM 613 C CD1 . ILE A 1 108 ? -0.985  0.100   -0.276  1.00 74.71 ? 90  ILE A CD1 1 
ATOM 614 N N   . PHE A 1 109 ? 1.803   -4.646  -2.086  1.00 73.91 ? 91  PHE A N   1 
ATOM 615 C CA  . PHE A 1 109 ? 2.533   -5.877  -1.781  1.00 74.25 ? 91  PHE A CA  1 
ATOM 616 C C   . PHE A 1 109 ? 3.201   -6.559  -2.977  1.00 74.53 ? 91  PHE A C   1 
ATOM 617 O O   . PHE A 1 109 ? 3.686   -7.672  -2.838  1.00 76.03 ? 91  PHE A O   1 
ATOM 618 C CB  . PHE A 1 109 ? 1.593   -6.870  -1.055  1.00 73.75 ? 91  PHE A CB  1 
ATOM 619 C CG  . PHE A 1 109 ? 1.349   -6.493  0.364   1.00 73.07 ? 91  PHE A CG  1 
ATOM 620 C CD1 . PHE A 1 109 ? 0.225   -5.756  0.723   1.00 75.53 ? 91  PHE A CD1 1 
ATOM 621 C CD2 . PHE A 1 109 ? 2.306   -6.764  1.326   1.00 70.80 ? 91  PHE A CD2 1 
ATOM 622 C CE1 . PHE A 1 109 ? 0.025   -5.350  2.041   1.00 74.12 ? 91  PHE A CE1 1 
ATOM 623 C CE2 . PHE A 1 109 ? 2.122   -6.394  2.634   1.00 72.21 ? 91  PHE A CE2 1 
ATOM 624 C CZ  . PHE A 1 109 ? 0.978   -5.683  3.006   1.00 74.31 ? 91  PHE A CZ  1 
ATOM 625 N N   . SER A 1 110 ? 3.253   -5.898  -4.126  1.00 74.85 ? 92  SER A N   1 
ATOM 626 C CA  . SER A 1 110 ? 3.822   -6.508  -5.341  1.00 75.34 ? 92  SER A CA  1 
ATOM 627 C C   . SER A 1 110 ? 4.464   -5.522  -6.332  1.00 75.73 ? 92  SER A C   1 
ATOM 628 O O   . SER A 1 110 ? 5.419   -5.892  -7.018  1.00 77.18 ? 92  SER A O   1 
ATOM 629 C CB  . SER A 1 110 ? 2.755   -7.338  -6.090  1.00 74.79 ? 92  SER A CB  1 
ATOM 630 O OG  . SER A 1 110 ? 1.799   -6.510  -6.750  1.00 74.16 ? 92  SER A OG  1 
ATOM 631 N N   . GLY A 1 111 ? 3.928   -4.314  -6.442  1.00 74.95 ? 93  GLY A N   1 
ATOM 632 C CA  . GLY A 1 111 ? 4.344   -3.392  -7.480  1.00 75.12 ? 93  GLY A CA  1 
ATOM 633 C C   . GLY A 1 111 ? 3.522   -3.466  -8.754  1.00 75.20 ? 93  GLY A C   1 
ATOM 634 O O   . GLY A 1 111 ? 3.737   -2.667  -9.674  1.00 75.51 ? 93  GLY A O   1 
ATOM 635 N N   . GLN A 1 112 ? 2.595   -4.426  -8.807  1.00 74.81 ? 94  GLN A N   1 
ATOM 636 C CA  . GLN A 1 112 ? 1.685   -4.621  -9.934  1.00 74.41 ? 94  GLN A CA  1 
ATOM 637 C C   . GLN A 1 112 ? 0.281   -4.150  -9.595  1.00 74.46 ? 94  GLN A C   1 
ATOM 638 O O   . GLN A 1 112 ? -0.243  -4.489  -8.548  1.00 73.76 ? 94  GLN A O   1 
ATOM 639 C CB  . GLN A 1 112 ? 1.625   -6.096  -10.302 1.00 74.60 ? 94  GLN A CB  1 
ATOM 640 C CG  . GLN A 1 112 ? 0.606   -6.442  -11.362 1.00 74.52 ? 94  GLN A CG  1 
ATOM 641 C CD  . GLN A 1 112 ? 0.559   -7.922  -11.640 1.00 76.11 ? 94  GLN A CD  1 
ATOM 642 O OE1 . GLN A 1 112 ? -0.449  -8.584  -11.380 1.00 76.19 ? 94  GLN A OE1 1 
ATOM 643 N NE2 . GLN A 1 112 ? 1.649   -8.456  -12.182 1.00 77.51 ? 94  GLN A NE2 1 
ATOM 644 N N   . ILE A 1 113 ? -0.313  -3.362  -10.489 1.00 74.97 ? 95  ILE A N   1 
ATOM 645 C CA  . ILE A 1 113 ? -1.706  -2.986  -10.376 1.00 75.65 ? 95  ILE A CA  1 
ATOM 646 C C   . ILE A 1 113 ? -2.522  -3.516  -11.564 1.00 76.54 ? 95  ILE A C   1 
ATOM 647 O O   . ILE A 1 113 ? -2.027  -3.606  -12.697 1.00 76.46 ? 95  ILE A O   1 
ATOM 648 C CB  . ILE A 1 113 ? -1.895  -1.420  -10.174 1.00 76.04 ? 95  ILE A CB  1 
ATOM 649 C CG1 . ILE A 1 113 ? -3.218  -1.158  -9.413  1.00 75.23 ? 95  ILE A CG1 1 
ATOM 650 C CG2 . ILE A 1 113 ? -1.763  -0.654  -11.494 1.00 74.08 ? 95  ILE A CG2 1 
ATOM 651 C CD1 . ILE A 1 113 ? -3.799  0.155   -9.617  1.00 76.49 ? 95  ILE A CD1 1 
ATOM 652 N N   . ARG A 1 114 ? -3.769  -3.891  -11.282 1.00 77.53 ? 96  ARG A N   1 
ATOM 653 C CA  . ARG A 1 114 ? -4.708  -4.339  -12.303 1.00 78.23 ? 96  ARG A CA  1 
ATOM 654 C C   . ARG A 1 114 ? -5.644  -3.209  -12.732 1.00 78.90 ? 96  ARG A C   1 
ATOM 655 O O   . ARG A 1 114 ? -6.213  -2.513  -11.888 1.00 79.30 ? 96  ARG A O   1 
ATOM 656 C CB  . ARG A 1 114 ? -5.516  -5.526  -11.781 1.00 78.40 ? 96  ARG A CB  1 
ATOM 657 C CG  . ARG A 1 114 ? -4.648  -6.699  -11.318 1.00 78.68 ? 96  ARG A CG  1 
ATOM 658 C CD  . ARG A 1 114 ? -5.479  -7.970  -11.161 1.00 79.23 ? 96  ARG A CD  1 
ATOM 659 N NE  . ARG A 1 114 ? -4.727  -9.033  -10.490 1.00 80.29 ? 96  ARG A NE  1 
ATOM 660 C CZ  . ARG A 1 114 ? -4.468  -9.076  -9.180  1.00 79.59 ? 96  ARG A CZ  1 
ATOM 661 N NH1 . ARG A 1 114 ? -4.908  -8.111  -8.366  1.00 78.23 ? 96  ARG A NH1 1 
ATOM 662 N NH2 . ARG A 1 114 ? -3.775  -10.098 -8.675  1.00 78.89 ? 96  ARG A NH2 1 
ATOM 663 N N   . LEU A 1 115 ? -5.811  -3.040  -14.044 1.00 79.65 ? 97  LEU A N   1 
ATOM 664 C CA  . LEU A 1 115 ? -6.526  -1.887  -14.600 1.00 80.41 ? 97  LEU A CA  1 
ATOM 665 C C   . LEU A 1 115 ? -7.466  -2.241  -15.761 1.00 80.76 ? 97  LEU A C   1 
ATOM 666 O O   . LEU A 1 115 ? -7.030  -2.824  -16.753 1.00 80.90 ? 97  LEU A O   1 
ATOM 667 C CB  . LEU A 1 115 ? -5.503  -0.840  -15.057 1.00 80.81 ? 97  LEU A CB  1 
ATOM 668 N N   . ASN A 1 116 ? -8.752  -1.899  -15.612 1.00 81.39 ? 98  ASN A N   1 
ATOM 669 C CA  . ASN A 1 116 ? -9.774  -2.019  -16.693 1.00 81.72 ? 98  ASN A CA  1 
ATOM 670 C C   . ASN A 1 116 ? -10.163 -0.632  -17.223 1.00 82.36 ? 98  ASN A C   1 
ATOM 671 O O   . ASN A 1 116 ? -9.721  0.398   -16.702 1.00 82.49 ? 98  ASN A O   1 
ATOM 672 C CB  . ASN A 1 116 ? -11.055 -2.711  -16.188 1.00 81.32 ? 98  ASN A CB  1 
ATOM 673 C CG  . ASN A 1 116 ? -10.860 -4.175  -15.904 1.00 80.84 ? 98  ASN A CG  1 
ATOM 674 N N   . GLU A 1 117 ? -11.010 -0.604  -18.246 1.00 83.09 ? 99  GLU A N   1 
ATOM 675 C CA  . GLU A 1 117 ? -11.597 0.655   -18.708 1.00 83.72 ? 99  GLU A CA  1 
ATOM 676 C C   . GLU A 1 117 ? -12.479 1.246   -17.606 1.00 84.16 ? 99  GLU A C   1 
ATOM 677 O O   . GLU A 1 117 ? -12.412 2.445   -17.322 1.00 84.30 ? 99  GLU A O   1 
ATOM 678 C CB  . GLU A 1 117 ? -12.418 0.447   -19.987 1.00 83.45 ? 99  GLU A CB  1 
ATOM 679 N N   . ASP A 1 118 ? -13.271 0.384   -16.966 1.00 84.62 ? 100 ASP A N   1 
ATOM 680 C CA  . ASP A 1 118 ? -14.208 0.801   -15.919 1.00 84.82 ? 100 ASP A CA  1 
ATOM 681 C C   . ASP A 1 118 ? -13.559 1.134   -14.566 1.00 84.89 ? 100 ASP A C   1 
ATOM 682 O O   . ASP A 1 118 ? -14.249 1.591   -13.656 1.00 84.57 ? 100 ASP A O   1 
ATOM 683 C CB  . ASP A 1 118 ? -15.271 -0.286  -15.714 1.00 84.93 ? 100 ASP A CB  1 
ATOM 684 N N   . THR A 1 119 ? -12.247 0.921   -14.435 1.00 85.32 ? 101 THR A N   1 
ATOM 685 C CA  . THR A 1 119 ? -11.562 1.027   -13.134 1.00 85.57 ? 101 THR A CA  1 
ATOM 686 C C   . THR A 1 119 ? -10.520 2.143   -13.040 1.00 85.65 ? 101 THR A C   1 
ATOM 687 O O   . THR A 1 119 ? -10.415 2.795   -12.003 1.00 85.79 ? 101 THR A O   1 
ATOM 688 C CB  . THR A 1 119 ? -10.860 -0.297  -12.772 1.00 85.36 ? 101 THR A CB  1 
ATOM 689 O OG1 . THR A 1 119 ? -11.762 -1.391  -12.967 1.00 86.08 ? 101 THR A OG1 1 
ATOM 690 C CG2 . THR A 1 119 ? -10.429 -0.293  -11.337 1.00 86.49 ? 101 THR A CG2 1 
ATOM 691 N N   . ILE A 1 120 ? -9.757  2.366   -14.111 1.00 85.92 ? 102 ILE A N   1 
ATOM 692 C CA  . ILE A 1 120 ? -8.518  3.175   -14.036 1.00 85.91 ? 102 ILE A CA  1 
ATOM 693 C C   . ILE A 1 120 ? -8.731  4.577   -13.434 1.00 86.04 ? 102 ILE A C   1 
ATOM 694 O O   . ILE A 1 120 ? -7.832  5.118   -12.776 1.00 86.14 ? 102 ILE A O   1 
ATOM 695 C CB  . ILE A 1 120 ? -7.813  3.275   -15.429 1.00 86.06 ? 102 ILE A CB  1 
ATOM 696 C CG1 . ILE A 1 120 ? -7.497  1.878   -15.974 1.00 86.21 ? 102 ILE A CG1 1 
ATOM 697 C CG2 . ILE A 1 120 ? -6.512  4.066   -15.346 1.00 85.09 ? 102 ILE A CG2 1 
ATOM 698 N N   . GLN A 1 121 ? -9.919  5.144   -13.650 1.00 85.96 ? 103 GLN A N   1 
ATOM 699 C CA  . GLN A 1 121 ? -10.292 6.451   -13.096 1.00 86.01 ? 103 GLN A CA  1 
ATOM 700 C C   . GLN A 1 121 ? -10.442 6.411   -11.572 1.00 85.92 ? 103 GLN A C   1 
ATOM 701 O O   . GLN A 1 121 ? -9.947  7.298   -10.872 1.00 85.99 ? 103 GLN A O   1 
ATOM 702 C CB  . GLN A 1 121 ? -11.601 6.948   -13.734 1.00 85.82 ? 103 GLN A CB  1 
ATOM 703 N N   . ASP A 1 122 ? -11.132 5.386   -11.073 1.00 86.03 ? 104 ASP A N   1 
ATOM 704 C CA  . ASP A 1 122 ? -11.307 5.181   -9.632  1.00 86.18 ? 104 ASP A CA  1 
ATOM 705 C C   . ASP A 1 122 ? -9.968  4.929   -8.948  1.00 86.40 ? 104 ASP A C   1 
ATOM 706 O O   . ASP A 1 122 ? -9.741  5.405   -7.836  1.00 86.75 ? 104 ASP A O   1 
ATOM 707 C CB  . ASP A 1 122 ? -12.229 3.991   -9.356  1.00 86.19 ? 104 ASP A CB  1 
ATOM 708 C CG  . ASP A 1 122 ? -13.644 4.216   -9.854  1.00 86.48 ? 104 ASP A CG  1 
ATOM 709 O OD1 . ASP A 1 122 ? -14.112 3.420   -10.706 1.00 86.17 ? 104 ASP A OD1 1 
ATOM 710 O OD2 . ASP A 1 122 ? -14.283 5.190   -9.393  1.00 86.33 ? 104 ASP A OD2 1 
ATOM 711 N N   . VAL A 1 123 ? -9.092  4.178   -9.613  1.00 86.40 ? 105 VAL A N   1 
ATOM 712 C CA  . VAL A 1 123 ? -7.766  3.893   -9.076  1.00 86.55 ? 105 VAL A CA  1 
ATOM 713 C C   . VAL A 1 123 ? -6.916  5.149   -9.059  1.00 86.88 ? 105 VAL A C   1 
ATOM 714 O O   . VAL A 1 123 ? -6.198  5.387   -8.086  1.00 87.00 ? 105 VAL A O   1 
ATOM 715 C CB  . VAL A 1 123 ? -7.024  2.790   -9.878  1.00 86.58 ? 105 VAL A CB  1 
ATOM 716 C CG1 . VAL A 1 123 ? -5.592  2.648   -9.384  1.00 86.18 ? 105 VAL A CG1 1 
ATOM 717 C CG2 . VAL A 1 123 ? -7.770  1.454   -9.787  1.00 86.22 ? 105 VAL A CG2 1 
ATOM 718 N N   . VAL A 1 124 ? -6.989  5.957   -10.118 1.00 87.20 ? 106 VAL A N   1 
ATOM 719 C CA  . VAL A 1 124 ? -6.220  7.211   -10.151 1.00 87.48 ? 106 VAL A CA  1 
ATOM 720 C C   . VAL A 1 124 ? -6.673  8.167   -9.045  1.00 87.50 ? 106 VAL A C   1 
ATOM 721 O O   . VAL A 1 124 ? -5.837  8.838   -8.438  1.00 87.52 ? 106 VAL A O   1 
ATOM 722 C CB  . VAL A 1 124 ? -6.283  7.932   -11.517 1.00 87.64 ? 106 VAL A CB  1 
ATOM 723 C CG1 . VAL A 1 124 ? -5.740  9.372   -11.399 1.00 87.93 ? 106 VAL A CG1 1 
ATOM 724 C CG2 . VAL A 1 124 ? -5.495  7.166   -12.555 1.00 87.98 ? 106 VAL A CG2 1 
ATOM 725 N N   . GLN A 1 125 ? -7.979  8.216   -8.782  1.00 87.43 ? 107 GLN A N   1 
ATOM 726 C CA  . GLN A 1 125 ? -8.522  9.068   -7.719  1.00 87.57 ? 107 GLN A CA  1 
ATOM 727 C C   . GLN A 1 125 ? -8.115  8.544   -6.332  1.00 87.41 ? 107 GLN A C   1 
ATOM 728 O O   . GLN A 1 125 ? -7.718  9.322   -5.451  1.00 87.58 ? 107 GLN A O   1 
ATOM 729 C CB  . GLN A 1 125 ? -10.049 9.179   -7.843  1.00 87.79 ? 107 GLN A CB  1 
ATOM 730 N N   . ALA A 1 126 ? -8.190  7.225   -6.154  1.00 87.00 ? 108 ALA A N   1 
ATOM 731 C CA  . ALA A 1 126 ? -7.732  6.574   -4.917  1.00 86.58 ? 108 ALA A CA  1 
ATOM 732 C C   . ALA A 1 126 ? -6.246  6.838   -4.673  1.00 86.17 ? 108 ALA A C   1 
ATOM 733 O O   . ALA A 1 126 ? -5.856  7.236   -3.583  1.00 85.46 ? 108 ALA A O   1 
ATOM 734 C CB  . ALA A 1 126 ? -8.004  5.081   -4.972  1.00 86.55 ? 108 ALA A CB  1 
ATOM 735 N N   . ALA A 1 127 ? -5.427  6.629   -5.697  1.00 86.11 ? 109 ALA A N   1 
ATOM 736 C CA  . ALA A 1 127 ? -4.000  6.924   -5.612  1.00 86.34 ? 109 ALA A CA  1 
ATOM 737 C C   . ALA A 1 127 ? -3.732  8.375   -5.185  1.00 86.65 ? 109 ALA A C   1 
ATOM 738 O O   . ALA A 1 127 ? -2.808  8.633   -4.415  1.00 86.82 ? 109 ALA A O   1 
ATOM 739 C CB  . ALA A 1 127 ? -3.314  6.612   -6.930  1.00 86.23 ? 109 ALA A CB  1 
ATOM 740 N N   . ASP A 1 128 ? -4.556  9.308   -5.663  1.00 87.25 ? 110 ASP A N   1 
ATOM 741 C CA  . ASP A 1 128 ? -4.461  10.722  -5.261  1.00 87.71 ? 110 ASP A CA  1 
ATOM 742 C C   . ASP A 1 128 ? -4.815  10.957  -3.785  1.00 87.39 ? 110 ASP A C   1 
ATOM 743 O O   . ASP A 1 128 ? -4.051  11.603  -3.076  1.00 87.42 ? 110 ASP A O   1 
ATOM 744 C CB  . ASP A 1 128 ? -5.344  11.601  -6.143  1.00 88.04 ? 110 ASP A CB  1 
ATOM 745 C CG  . ASP A 1 128 ? -5.175  13.084  -5.839  1.00 89.91 ? 110 ASP A CG  1 
ATOM 746 O OD1 . ASP A 1 128 ? -4.025  13.574  -5.907  1.00 91.91 ? 110 ASP A OD1 1 
ATOM 747 O OD2 . ASP A 1 128 ? -6.193  13.758  -5.530  1.00 92.62 ? 110 ASP A OD2 1 
ATOM 748 N N   . LEU A 1 129 ? -5.973  10.458  -3.342  1.00 87.05 ? 111 LEU A N   1 
ATOM 749 C CA  . LEU A 1 129 ? -6.332  10.447  -1.911  1.00 86.89 ? 111 LEU A CA  1 
ATOM 750 C C   . LEU A 1 129 ? -5.191  9.946   -1.031  1.00 86.81 ? 111 LEU A C   1 
ATOM 751 O O   . LEU A 1 129 ? -4.837  10.566  -0.017  1.00 87.26 ? 111 LEU A O   1 
ATOM 752 C CB  . LEU A 1 129 ? -7.560  9.558   -1.648  1.00 86.74 ? 111 LEU A CB  1 
ATOM 753 C CG  . LEU A 1 129 ? -8.922  10.250  -1.514  1.00 87.49 ? 111 LEU A CG  1 
ATOM 754 N N   . LEU A 1 130 ? -4.613  8.815   -1.413  1.00 86.35 ? 112 LEU A N   1 
ATOM 755 C CA  . LEU A 1 130 ? -3.659  8.132   -0.546  1.00 85.96 ? 112 LEU A CA  1 
ATOM 756 C C   . LEU A 1 130 ? -2.242  8.641   -0.758  1.00 85.87 ? 112 LEU A C   1 
ATOM 757 O O   . LEU A 1 130 ? -1.319  8.189   -0.095  1.00 85.96 ? 112 LEU A O   1 
ATOM 758 C CB  . LEU A 1 130 ? -3.745  6.626   -0.770  1.00 85.84 ? 112 LEU A CB  1 
ATOM 759 C CG  . LEU A 1 130 ? -5.103  5.998   -0.425  1.00 85.15 ? 112 LEU A CG  1 
ATOM 760 C CD1 . LEU A 1 130 ? -5.219  4.589   -1.019  1.00 84.60 ? 112 LEU A CD1 1 
ATOM 761 C CD2 . LEU A 1 130 ? -5.315  5.966   1.077   1.00 84.45 ? 112 LEU A CD2 1 
ATOM 762 N N   . LEU A 1 131 ? -2.093  9.583   -1.688  1.00 86.08 ? 113 LEU A N   1 
ATOM 763 C CA  . LEU A 1 131 ? -0.827  10.238  -1.997  1.00 86.40 ? 113 LEU A CA  1 
ATOM 764 C C   . LEU A 1 131 ? 0.181   9.221   -2.507  1.00 86.66 ? 113 LEU A C   1 
ATOM 765 O O   . LEU A 1 131 ? 1.379   9.311   -2.242  1.00 87.11 ? 113 LEU A O   1 
ATOM 766 C CB  . LEU A 1 131 ? -0.298  11.063  -0.795  1.00 86.41 ? 113 LEU A CB  1 
ATOM 767 C CG  . LEU A 1 131 ? -1.269  12.124  -0.235  1.00 86.38 ? 113 LEU A CG  1 
ATOM 768 C CD1 . LEU A 1 131 ? -0.642  12.919  0.925   1.00 85.66 ? 113 LEU A CD1 1 
ATOM 769 C CD2 . LEU A 1 131 ? -1.748  13.056  -1.327  1.00 83.27 ? 113 LEU A CD2 1 
ATOM 770 N N   . LEU A 1 132 ? -0.336  8.243   -3.249  1.00 87.48 ? 114 LEU A N   1 
ATOM 771 C CA  . LEU A 1 132 ? 0.475   7.208   -3.867  1.00 87.60 ? 114 LEU A CA  1 
ATOM 772 C C   . LEU A 1 132 ? 0.909   7.781   -5.203  1.00 87.69 ? 114 LEU A C   1 
ATOM 773 O O   . LEU A 1 132 ? 0.320   7.520   -6.248  1.00 87.42 ? 114 LEU A O   1 
ATOM 774 C CB  . LEU A 1 132 ? -0.311  5.906   -4.028  1.00 87.61 ? 114 LEU A CB  1 
ATOM 775 C CG  . LEU A 1 132 ? -0.818  5.283   -2.722  1.00 87.25 ? 114 LEU A CG  1 
ATOM 776 C CD1 . LEU A 1 132 ? -1.814  4.180   -3.019  1.00 87.81 ? 114 LEU A CD1 1 
ATOM 777 C CD2 . LEU A 1 132 ? 0.339   4.752   -1.914  1.00 87.33 ? 114 LEU A CD2 1 
ATOM 778 N N   . THR A 1 133 ? 1.968   8.569   -5.130  1.00 88.25 ? 115 THR A N   1 
ATOM 779 C CA  . THR A 1 133 ? 2.376   9.450   -6.216  1.00 88.91 ? 115 THR A CA  1 
ATOM 780 C C   . THR A 1 133 ? 2.886   8.655   -7.432  1.00 88.63 ? 115 THR A C   1 
ATOM 781 O O   . THR A 1 133 ? 2.608   9.007   -8.563  1.00 88.95 ? 115 THR A O   1 
ATOM 782 C CB  . THR A 1 133 ? 3.405   10.504  -5.674  1.00 88.74 ? 115 THR A CB  1 
ATOM 783 O OG1 . THR A 1 133 ? 3.307   11.699  -6.434  1.00 91.75 ? 115 THR A OG1 1 
ATOM 784 C CG2 . THR A 1 133 ? 4.832   10.010  -5.716  1.00 89.76 ? 115 THR A CG2 1 
ATOM 785 N N   . ASP A 1 134 ? 3.592   7.561   -7.183  1.00 88.72 ? 116 ASP A N   1 
ATOM 786 C CA  . ASP A 1 134 ? 4.129   6.710   -8.253  1.00 88.60 ? 116 ASP A CA  1 
ATOM 787 C C   . ASP A 1 134 ? 3.085   5.782   -8.873  1.00 87.93 ? 116 ASP A C   1 
ATOM 788 O O   . ASP A 1 134 ? 3.162   5.478   -10.064 1.00 87.26 ? 116 ASP A O   1 
ATOM 789 C CB  . ASP A 1 134 ? 5.316   5.898   -7.729  1.00 88.55 ? 116 ASP A CB  1 
ATOM 790 C CG  . ASP A 1 134 ? 6.473   6.788   -7.295  1.00 90.80 ? 116 ASP A CG  1 
ATOM 791 O OD1 . ASP A 1 134 ? 6.982   7.586   -8.124  1.00 93.91 ? 116 ASP A OD1 1 
ATOM 792 O OD2 . ASP A 1 134 ? 6.851   6.723   -6.112  1.00 93.96 ? 116 ASP A OD2 1 
ATOM 793 N N   . LEU A 1 135 ? 2.135   5.317   -8.060  1.00 87.39 ? 117 LEU A N   1 
ATOM 794 C CA  . LEU A 1 135 ? 0.992   4.560   -8.569  1.00 86.81 ? 117 LEU A CA  1 
ATOM 795 C C   . LEU A 1 135 ? 0.211   5.422   -9.539  1.00 87.08 ? 117 LEU A C   1 
ATOM 796 O O   . LEU A 1 135 ? -0.189  4.969   -10.599 1.00 87.23 ? 117 LEU A O   1 
ATOM 797 C CB  . LEU A 1 135 ? 0.085   4.091   -7.423  1.00 86.59 ? 117 LEU A CB  1 
ATOM 798 C CG  . LEU A 1 135 ? -1.236  3.390   -7.787  1.00 86.09 ? 117 LEU A CG  1 
ATOM 799 C CD1 . LEU A 1 135 ? -1.014  2.226   -8.764  1.00 84.32 ? 117 LEU A CD1 1 
ATOM 800 C CD2 . LEU A 1 135 ? -1.950  2.922   -6.530  1.00 85.68 ? 117 LEU A CD2 1 
ATOM 801 N N   . LYS A 1 136 ? 0.001   6.677   -9.156  1.00 87.51 ? 118 LYS A N   1 
ATOM 802 C CA  . LYS A 1 136 ? -0.712  7.653   -9.987  1.00 87.46 ? 118 LYS A CA  1 
ATOM 803 C C   . LYS A 1 136 ? -0.014  7.879   -11.332 1.00 87.11 ? 118 LYS A C   1 
ATOM 804 O O   . LYS A 1 136 ? -0.672  7.937   -12.374 1.00 87.77 ? 118 LYS A O   1 
ATOM 805 C CB  . LYS A 1 136 ? -0.841  8.980   -9.222  1.00 87.33 ? 118 LYS A CB  1 
ATOM 806 C CG  . LYS A 1 136 ? -1.781  10.006  -9.860  1.00 88.47 ? 118 LYS A CG  1 
ATOM 807 N N   . THR A 1 137 ? 1.309   8.029   -11.304 1.00 86.81 ? 119 THR A N   1 
ATOM 808 C CA  . THR A 1 137 ? 2.104   8.229   -12.518 1.00 86.19 ? 119 THR A CA  1 
ATOM 809 C C   . THR A 1 137 ? 2.061   6.988   -13.419 1.00 85.89 ? 119 THR A C   1 
ATOM 810 O O   . THR A 1 137 ? 2.020   7.103   -14.644 1.00 85.77 ? 119 THR A O   1 
ATOM 811 C CB  . THR A 1 137 ? 3.567   8.586   -12.170 1.00 86.05 ? 119 THR A CB  1 
ATOM 812 O OG1 . THR A 1 137 ? 3.601   9.846   -11.484 1.00 85.90 ? 119 THR A OG1 1 
ATOM 813 C CG2 . THR A 1 137 ? 4.424   8.675   -13.425 1.00 85.81 ? 119 THR A CG2 1 
ATOM 814 N N   . LEU A 1 138 ? 2.079   5.810   -12.798 1.00 85.63 ? 120 LEU A N   1 
ATOM 815 C CA  . LEU A 1 138 ? 1.933   4.530   -13.499 1.00 85.31 ? 120 LEU A CA  1 
ATOM 816 C C   . LEU A 1 138 ? 0.563   4.422   -14.190 1.00 85.33 ? 120 LEU A C   1 
ATOM 817 O O   . LEU A 1 138 ? 0.451   3.845   -15.277 1.00 85.04 ? 120 LEU A O   1 
ATOM 818 C CB  . LEU A 1 138 ? 2.111   3.366   -12.510 1.00 85.34 ? 120 LEU A CB  1 
ATOM 819 C CG  . LEU A 1 138 ? 2.107   1.915   -13.026 1.00 85.10 ? 120 LEU A CG  1 
ATOM 820 C CD1 . LEU A 1 138 ? 3.394   1.567   -13.707 1.00 84.55 ? 120 LEU A CD1 1 
ATOM 821 C CD2 . LEU A 1 138 ? 1.882   0.947   -11.895 1.00 84.82 ? 120 LEU A CD2 1 
ATOM 822 N N   . CYS A 1 139 ? -0.471  4.981   -13.559 1.00 85.00 ? 121 CYS A N   1 
ATOM 823 C CA  . CYS A 1 139 ? -1.835  4.867   -14.082 1.00 84.77 ? 121 CYS A CA  1 
ATOM 824 C C   . CYS A 1 139 ? -2.079  5.836   -15.243 1.00 84.58 ? 121 CYS A C   1 
ATOM 825 O O   . CYS A 1 139 ? -2.694  5.462   -16.242 1.00 84.27 ? 121 CYS A O   1 
ATOM 826 C CB  . CYS A 1 139 ? -2.875  5.064   -12.967 1.00 84.68 ? 121 CYS A CB  1 
ATOM 827 S SG  . CYS A 1 139 ? -3.008  3.645   -11.819 1.00 83.75 ? 121 CYS A SG  1 
ATOM 828 N N   . CYS A 1 140 ? -1.577  7.064   -15.112 1.00 84.42 ? 122 CYS A N   1 
ATOM 829 C CA  . CYS A 1 140 ? -1.708  8.092   -16.156 1.00 84.28 ? 122 CYS A CA  1 
ATOM 830 C C   . CYS A 1 140 ? -0.961  7.750   -17.455 1.00 84.10 ? 122 CYS A C   1 
ATOM 831 O O   . CYS A 1 140 ? -1.395  8.147   -18.539 1.00 84.03 ? 122 CYS A O   1 
ATOM 832 C CB  . CYS A 1 140 ? -1.234  9.455   -15.636 1.00 84.35 ? 122 CYS A CB  1 
ATOM 833 S SG  . CYS A 1 140 ? -2.321  10.244  -14.377 1.00 84.82 ? 122 CYS A SG  1 
ATOM 834 N N   . GLU A 1 141 ? 0.152   7.023   -17.345 1.00 83.99 ? 123 GLU A N   1 
ATOM 835 C CA  . GLU A 1 141 ? 0.914   6.578   -18.520 1.00 83.93 ? 123 GLU A CA  1 
ATOM 836 C C   . GLU A 1 141 ? 0.112   5.620   -19.405 1.00 83.96 ? 123 GLU A C   1 
ATOM 837 O O   . GLU A 1 141 ? 0.423   5.455   -20.585 1.00 83.85 ? 123 GLU A O   1 
ATOM 838 C CB  . GLU A 1 141 ? 2.225   5.908   -18.099 1.00 83.87 ? 123 GLU A CB  1 
ATOM 839 N N   . PHE A 1 142 ? -0.911  4.988   -18.827 1.00 84.03 ? 124 PHE A N   1 
ATOM 840 C CA  . PHE A 1 142 ? -1.842  4.144   -19.576 1.00 84.05 ? 124 PHE A CA  1 
ATOM 841 C C   . PHE A 1 142 ? -3.168  4.884   -19.816 1.00 84.07 ? 124 PHE A C   1 
ATOM 842 O O   . PHE A 1 142 ? -4.247  4.364   -19.527 1.00 84.00 ? 124 PHE A O   1 
ATOM 843 C CB  . PHE A 1 142 ? -2.070  2.822   -18.831 1.00 84.02 ? 124 PHE A CB  1 
ATOM 844 C CG  . PHE A 1 142 ? -0.804  2.052   -18.562 1.00 83.96 ? 124 PHE A CG  1 
ATOM 845 N N   . LEU A 1 143 ? -3.063  6.106   -20.342 1.00 84.17 ? 125 LEU A N   1 
ATOM 846 C CA  . LEU A 1 143 ? -4.220  6.908   -20.755 1.00 84.19 ? 125 LEU A CA  1 
ATOM 847 C C   . LEU A 1 143 ? -3.899  7.639   -22.058 1.00 84.16 ? 125 LEU A C   1 
ATOM 848 O O   . LEU A 1 143 ? -4.782  7.891   -22.879 1.00 84.25 ? 125 LEU A O   1 
ATOM 849 C CB  . LEU A 1 143 ? -4.597  7.924   -19.669 1.00 84.20 ? 125 LEU A CB  1 
ATOM 850 C CG  . LEU A 1 143 ? -5.034  7.373   -18.308 1.00 84.14 ? 125 LEU A CG  1 
ATOM 851 C CD1 . LEU A 1 143 ? -5.255  8.505   -17.317 1.00 84.02 ? 125 LEU A CD1 1 
ATOM 852 C CD2 . LEU A 1 143 ? -6.293  6.534   -18.444 1.00 84.12 ? 125 LEU A CD2 1 
# 
loop_
_pdbx_poly_seq_scheme.asym_id 
_pdbx_poly_seq_scheme.entity_id 
_pdbx_poly_seq_scheme.seq_id 
_pdbx_poly_seq_scheme.mon_id 
_pdbx_poly_seq_scheme.ndb_seq_num 
_pdbx_poly_seq_scheme.pdb_seq_num 
_pdbx_poly_seq_scheme.auth_seq_num 
_pdbx_poly_seq_scheme.pdb_mon_id 
_pdbx_poly_seq_scheme.auth_mon_id 
_pdbx_poly_seq_scheme.pdb_strand_id 
_pdbx_poly_seq_scheme.pdb_ins_code 
_pdbx_poly_seq_scheme.hetero 
A 1 1   MET 1   -17 ?   ?   ?   A . n 
A 1 2   HIS 2   -16 ?   ?   ?   A . n 
A 1 3   HIS 3   -15 ?   ?   ?   A . n 
A 1 4   HIS 4   -14 ?   ?   ?   A . n 
A 1 5   HIS 5   -13 ?   ?   ?   A . n 
A 1 6   HIS 6   -12 ?   ?   ?   A . n 
A 1 7   HIS 7   -11 ?   ?   ?   A . n 
A 1 8   SER 8   -10 ?   ?   ?   A . n 
A 1 9   SER 9   -9  ?   ?   ?   A . n 
A 1 10  GLY 10  -8  ?   ?   ?   A . n 
A 1 11  VAL 11  -7  ?   ?   ?   A . n 
A 1 12  ASP 12  -6  ?   ?   ?   A . n 
A 1 13  LEU 13  -5  ?   ?   ?   A . n 
A 1 14  GLY 14  -4  ?   ?   ?   A . n 
A 1 15  THR 15  -3  ?   ?   ?   A . n 
A 1 16  GLU 16  -2  ?   ?   ?   A . n 
A 1 17  ASN 17  -1  ?   ?   ?   A . n 
A 1 18  LEU 18  0   ?   ?   ?   A . n 
A 1 19  TYR 19  1   -4  TYR TYR A . n 
A 1 20  PHE 20  2   -3  PHE PHE A . n 
A 1 21  GLN 21  3   -2  GLN GLN A . n 
A 1 22  SER 22  4   -1  SER SER A . n 
A 1 23  MET 23  5   0   MET MET A . n 
A 1 24  ALA 24  6   6   ALA ALA A . n 
A 1 25  VAL 25  7   7   VAL VAL A . n 
A 1 26  SER 26  8   8   SER SER A . n 
A 1 27  ASP 27  9   9   ASP ASP A . n 
A 1 28  PRO 28  10  10  PRO PRO A . n 
A 1 29  GLN 29  11  11  GLN GLN A . n 
A 1 30  HIS 30  12  12  HIS HIS A . n 
A 1 31  ALA 31  13  13  ALA ALA A . n 
A 1 32  ALA 32  14  14  ALA ALA A . n 
A 1 33  ARG 33  15  15  ARG ARG A . n 
A 1 34  LEU 34  16  16  LEU LEU A . n 
A 1 35  LEU 35  17  17  LEU LEU A . n 
A 1 36  ARG 36  18  18  ARG ARG A . n 
A 1 37  ALA 37  19  19  ALA ALA A . n 
A 1 38  LEU 38  20  20  LEU LEU A . n 
A 1 39  SER 39  21  21  SER SER A . n 
A 1 40  SER 40  22  22  SER SER A . n 
A 1 41  PHE 41  23  23  PHE PHE A . n 
A 1 42  ARG 42  24  24  ARG ARG A . n 
A 1 43  GLU 43  25  25  GLU GLU A . n 
A 1 44  GLU 44  26  ?   ?   ?   A . n 
A 1 45  SER 45  27  ?   ?   ?   A . n 
A 1 46  ARG 46  28  28  ARG ARG A . n 
A 1 47  PHE 47  29  29  PHE PHE A . n 
A 1 48  CYS 48  30  30  CYS CYS A . n 
A 1 49  ASP 49  31  31  ASP ASP A . n 
A 1 50  ALA 50  32  32  ALA ALA A . n 
A 1 51  HIS 51  33  33  HIS HIS A . n 
A 1 52  LEU 52  34  34  LEU LEU A . n 
A 1 53  VAL 53  35  35  VAL VAL A . n 
A 1 54  LEU 54  36  36  LEU LEU A . n 
A 1 55  ASP 55  37  37  ASP ASP A . n 
A 1 56  GLY 56  38  38  GLY GLY A . n 
A 1 57  GLU 57  39  39  GLU GLU A . n 
A 1 58  GLU 58  40  40  GLU GLU A . n 
A 1 59  ILE 59  41  41  ILE ILE A . n 
A 1 60  PRO 60  42  42  PRO PRO A . n 
A 1 61  VAL 61  43  43  VAL VAL A . n 
A 1 62  GLN 62  44  44  GLN GLN A . n 
A 1 63  LYS 63  45  45  LYS LYS A . n 
A 1 64  ASN 64  46  46  ASN ASN A . n 
A 1 65  ILE 65  47  47  ILE ILE A . n 
A 1 66  LEU 66  48  48  LEU LEU A . n 
A 1 67  ALA 67  49  49  ALA ALA A . n 
A 1 68  ALA 68  50  50  ALA ALA A . n 
A 1 69  ALA 69  51  51  ALA ALA A . n 
A 1 70  SER 70  52  52  SER SER A . n 
A 1 71  PRO 71  53  53  PRO PRO A . n 
A 1 72  TYR 72  54  54  TYR TYR A . n 
A 1 73  ILE 73  55  55  ILE ILE A . n 
A 1 74  ARG 74  56  56  ARG ARG A . n 
A 1 75  THR 75  57  57  THR THR A . n 
A 1 76  LYS 76  58  58  LYS LYS A . n 
A 1 77  LEU 77  59  59  LEU LEU A . n 
A 1 78  ASN 78  60  60  ASN ASN A . n 
A 1 79  TYR 79  61  61  TYR TYR A . n 
A 1 80  ASN 80  62  62  ASN ASN A . n 
A 1 81  PRO 81  63  63  PRO PRO A . n 
A 1 82  PRO 82  64  ?   ?   ?   A . n 
A 1 83  LYS 83  65  ?   ?   ?   A . n 
A 1 84  ASP 84  66  ?   ?   ?   A . n 
A 1 85  ASP 85  67  ?   ?   ?   A . n 
A 1 86  GLY 86  68  ?   ?   ?   A . n 
A 1 87  SER 87  69  69  SER SER A . n 
A 1 88  THR 88  70  70  THR THR A . n 
A 1 89  TYR 89  71  71  TYR TYR A . n 
A 1 90  LYS 90  72  72  LYS LYS A . n 
A 1 91  ILE 91  73  73  ILE ILE A . n 
A 1 92  GLU 92  74  74  GLU GLU A . n 
A 1 93  LEU 93  75  75  LEU LEU A . n 
A 1 94  GLU 94  76  76  GLU GLU A . n 
A 1 95  GLY 95  77  77  GLY GLY A . n 
A 1 96  ILE 96  78  78  ILE ILE A . n 
A 1 97  SER 97  79  79  SER SER A . n 
A 1 98  VAL 98  80  80  VAL VAL A . n 
A 1 99  MET 99  81  81  MET MET A . n 
A 1 100 VAL 100 82  82  VAL VAL A . n 
A 1 101 MET 101 83  83  MET MET A . n 
A 1 102 ARG 102 84  84  ARG ARG A . n 
A 1 103 GLU 103 85  85  GLU GLU A . n 
A 1 104 ILE 104 86  86  ILE ILE A . n 
A 1 105 LEU 105 87  87  LEU LEU A . n 
A 1 106 ASP 106 88  88  ASP ASP A . n 
A 1 107 TYR 107 89  89  TYR TYR A . n 
A 1 108 ILE 108 90  90  ILE ILE A . n 
A 1 109 PHE 109 91  91  PHE PHE A . n 
A 1 110 SER 110 92  92  SER SER A . n 
A 1 111 GLY 111 93  93  GLY GLY A . n 
A 1 112 GLN 112 94  94  GLN GLN A . n 
A 1 113 ILE 113 95  95  ILE ILE A . n 
A 1 114 ARG 114 96  96  ARG ARG A . n 
A 1 115 LEU 115 97  97  LEU LEU A . n 
A 1 116 ASN 116 98  98  ASN ASN A . n 
A 1 117 GLU 117 99  99  GLU GLU A . n 
A 1 118 ASP 118 100 100 ASP ASP A . n 
A 1 119 THR 119 101 101 THR THR A . n 
A 1 120 ILE 120 102 102 ILE ILE A . n 
A 1 121 GLN 121 103 103 GLN GLN A . n 
A 1 122 ASP 122 104 104 ASP ASP A . n 
A 1 123 VAL 123 105 105 VAL VAL A . n 
A 1 124 VAL 124 106 106 VAL VAL A . n 
A 1 125 GLN 125 107 107 GLN GLN A . n 
A 1 126 ALA 126 108 108 ALA ALA A . n 
A 1 127 ALA 127 109 109 ALA ALA A . n 
A 1 128 ASP 128 110 110 ASP ASP A . n 
A 1 129 LEU 129 111 111 LEU LEU A . n 
A 1 130 LEU 130 112 112 LEU LEU A . n 
A 1 131 LEU 131 113 113 LEU LEU A . n 
A 1 132 LEU 132 114 114 LEU LEU A . n 
A 1 133 THR 133 115 115 THR THR A . n 
A 1 134 ASP 134 116 116 ASP ASP A . n 
A 1 135 LEU 135 117 117 LEU LEU A . n 
A 1 136 LYS 136 118 118 LYS LYS A . n 
A 1 137 THR 137 119 119 THR THR A . n 
A 1 138 LEU 138 120 120 LEU LEU A . n 
A 1 139 CYS 139 121 121 CYS CYS A . n 
A 1 140 CYS 140 122 122 CYS CYS A . n 
A 1 141 GLU 141 123 123 GLU GLU A . n 
A 1 142 PHE 142 124 124 PHE PHE A . n 
A 1 143 LEU 143 125 125 LEU LEU A . n 
A 1 144 GLU 144 126 ?   ?   ?   A . n 
# 
_pdbx_SG_project.id                    1 
_pdbx_SG_project.project_name          ? 
_pdbx_SG_project.full_name_of_center   'Structural Genomics Consortium' 
_pdbx_SG_project.initial_of_center     SGC 
# 
_pdbx_struct_assembly.id                   1 
_pdbx_struct_assembly.details              author_defined_assembly 
_pdbx_struct_assembly.method_details       ? 
_pdbx_struct_assembly.oligomeric_details   dimeric 
_pdbx_struct_assembly.oligomeric_count     2 
# 
_pdbx_struct_assembly_gen.assembly_id       1 
_pdbx_struct_assembly_gen.oper_expression   1,2 
_pdbx_struct_assembly_gen.asym_id_list      A 
# 
loop_
_pdbx_struct_oper_list.id 
_pdbx_struct_oper_list.type 
_pdbx_struct_oper_list.name 
_pdbx_struct_oper_list.symmetry_operation 
_pdbx_struct_oper_list.matrix[1][1] 
_pdbx_struct_oper_list.matrix[1][2] 
_pdbx_struct_oper_list.matrix[1][3] 
_pdbx_struct_oper_list.vector[1] 
_pdbx_struct_oper_list.matrix[2][1] 
_pdbx_struct_oper_list.matrix[2][2] 
_pdbx_struct_oper_list.matrix[2][3] 
_pdbx_struct_oper_list.vector[2] 
_pdbx_struct_oper_list.matrix[3][1] 
_pdbx_struct_oper_list.matrix[3][2] 
_pdbx_struct_oper_list.matrix[3][3] 
_pdbx_struct_oper_list.vector[3] 
1 'identity operation'         1_555 x,y,z           1.0000000000  0.0000000000 0.0000000000  0.0000000000  0.0000000000 1.0000000000  0.0000000000  0.0000000000  0.0000000000  0.0000000000  1.0000000000 0.0000000000 
2 'crystal symmetry operation' 5_554 -x+1/2,y,-z-1/4 -0.6136708245 0.0085262128 -0.7895159421 16.6950256281 0.0085262128 -0.9998118281 -0.0174244695 -8.3226491286 -0.7895159421 -0.0174244695 0.6134826526 8.0793996267 
# 
loop_
_pdbx_audit_revision_history.ordinal 
_pdbx_audit_revision_history.data_content_type 
_pdbx_audit_revision_history.major_revision 
_pdbx_audit_revision_history.minor_revision 
_pdbx_audit_revision_history.revision_date 
1 'Structure model' 1 0 2007-05-08 
2 'Structure model' 1 1 2008-05-01 
3 'Structure model' 1 2 2011-07-13 
4 'Structure model' 1 3 2017-10-18 
5 'Structure model' 1 4 2023-08-30 
# 
_pdbx_audit_revision_details.ordinal             1 
_pdbx_audit_revision_details.revision_ordinal    1 
_pdbx_audit_revision_details.data_content_type   'Structure model' 
_pdbx_audit_revision_details.provider            repository 
_pdbx_audit_revision_details.type                'Initial release' 
_pdbx_audit_revision_details.description         ? 
_pdbx_audit_revision_details.details             ? 
# 
loop_
_pdbx_audit_revision_group.ordinal 
_pdbx_audit_revision_group.revision_ordinal 
_pdbx_audit_revision_group.data_content_type 
_pdbx_audit_revision_group.group 
1 2 'Structure model' 'Version format compliance' 
2 3 'Structure model' Advisory                    
3 3 'Structure model' 'Version format compliance' 
4 4 'Structure model' 'Refinement description'    
5 5 'Structure model' 'Data collection'           
6 5 'Structure model' 'Database references'       
7 5 'Structure model' 'Refinement description'    
# 
loop_
_pdbx_audit_revision_category.ordinal 
_pdbx_audit_revision_category.revision_ordinal 
_pdbx_audit_revision_category.data_content_type 
_pdbx_audit_revision_category.category 
1 4 'Structure model' software                      
2 5 'Structure model' chem_comp_atom                
3 5 'Structure model' chem_comp_bond                
4 5 'Structure model' database_2                    
5 5 'Structure model' pdbx_initial_refinement_model 
6 5 'Structure model' struct_ref_seq_dif            
# 
loop_
_pdbx_audit_revision_item.ordinal 
_pdbx_audit_revision_item.revision_ordinal 
_pdbx_audit_revision_item.data_content_type 
_pdbx_audit_revision_item.item 
1 5 'Structure model' '_database_2.pdbx_DOI'                
2 5 'Structure model' '_database_2.pdbx_database_accession' 
3 5 'Structure model' '_struct_ref_seq_dif.details'         
# 
loop_
_pdbx_refine_tls.id 
_pdbx_refine_tls.details 
_pdbx_refine_tls.method 
_pdbx_refine_tls.origin_x 
_pdbx_refine_tls.origin_y 
_pdbx_refine_tls.origin_z 
_pdbx_refine_tls.T[1][1] 
_pdbx_refine_tls.T[2][2] 
_pdbx_refine_tls.T[3][3] 
_pdbx_refine_tls.T[1][2] 
_pdbx_refine_tls.T[1][3] 
_pdbx_refine_tls.T[2][3] 
_pdbx_refine_tls.L[1][1] 
_pdbx_refine_tls.L[2][2] 
_pdbx_refine_tls.L[3][3] 
_pdbx_refine_tls.L[1][2] 
_pdbx_refine_tls.L[1][3] 
_pdbx_refine_tls.L[2][3] 
_pdbx_refine_tls.S[1][1] 
_pdbx_refine_tls.S[1][2] 
_pdbx_refine_tls.S[1][3] 
_pdbx_refine_tls.S[2][1] 
_pdbx_refine_tls.S[2][2] 
_pdbx_refine_tls.S[2][3] 
_pdbx_refine_tls.S[3][1] 
_pdbx_refine_tls.S[3][2] 
_pdbx_refine_tls.S[3][3] 
_pdbx_refine_tls.pdbx_refine_id 
1 ? refined 0.2690  -0.7020 1.2819   -0.0015 -0.1938 0.0880 0.0139 -0.0361 -0.0409 4.9812  5.0535  4.1830   -0.4991 1.0791  0.5763  -0.1827 0.0634 -0.4487 0.0090  -0.0125 1.0611  -0.1732 -0.8087 0.1951 'X-RAY DIFFRACTION' 
2 ? refined -0.7458 6.0130  -16.2580 0.6267  0.3577  0.4388 0.0110 -0.0571 -0.0181 16.4441 23.1660 117.7102 11.2914 33.8926 -3.8857 -2.0624 4.0762 0.7901  -3.7540 1.5008  -0.3753 -2.9213 -0.9110 0.5616 'X-RAY DIFFRACTION' 
# 
loop_
_pdbx_refine_tls_group.id 
_pdbx_refine_tls_group.refine_tls_id 
_pdbx_refine_tls_group.beg_auth_asym_id 
_pdbx_refine_tls_group.beg_auth_seq_id 
_pdbx_refine_tls_group.beg_label_asym_id 
_pdbx_refine_tls_group.beg_label_seq_id 
_pdbx_refine_tls_group.end_auth_asym_id 
_pdbx_refine_tls_group.end_auth_seq_id 
_pdbx_refine_tls_group.end_label_asym_id 
_pdbx_refine_tls_group.end_label_seq_id 
_pdbx_refine_tls_group.selection 
_pdbx_refine_tls_group.pdbx_refine_id 
_pdbx_refine_tls_group.selection_details 
1 1 A 1   A 19  A 118 A 136 ? 'X-RAY DIFFRACTION' ? 
2 2 A 119 A 137 A 125 A 143 ? 'X-RAY DIFFRACTION' ? 
# 
loop_
_software.name 
_software.classification 
_software.version 
_software.citation_id 
_software.pdbx_ordinal 
REFMAC refinement       5.2.0019  ? 1 
MOSFLM 'data reduction' .         ? 2 
CCP4   'data scaling'   '(SCALA)' ? 3 
PHASER phasing          .         ? 4 
# 
loop_
_pdbx_validate_torsion.id 
_pdbx_validate_torsion.PDB_model_num 
_pdbx_validate_torsion.auth_comp_id 
_pdbx_validate_torsion.auth_asym_id 
_pdbx_validate_torsion.auth_seq_id 
_pdbx_validate_torsion.PDB_ins_code 
_pdbx_validate_torsion.label_alt_id 
_pdbx_validate_torsion.phi 
_pdbx_validate_torsion.psi 
1 1 ASP A 37  ? ? 55.48   -133.75 
2 1 LEU A 75  ? ? -162.42 85.13   
3 1 SER A 92  ? ? -150.45 -33.72  
4 1 PHE A 124 ? ? -102.94 51.15   
# 
loop_
_pdbx_unobs_or_zero_occ_atoms.id 
_pdbx_unobs_or_zero_occ_atoms.PDB_model_num 
_pdbx_unobs_or_zero_occ_atoms.polymer_flag 
_pdbx_unobs_or_zero_occ_atoms.occupancy_flag 
_pdbx_unobs_or_zero_occ_atoms.auth_asym_id 
_pdbx_unobs_or_zero_occ_atoms.auth_comp_id 
_pdbx_unobs_or_zero_occ_atoms.auth_seq_id 
_pdbx_unobs_or_zero_occ_atoms.PDB_ins_code 
_pdbx_unobs_or_zero_occ_atoms.auth_atom_id 
_pdbx_unobs_or_zero_occ_atoms.label_alt_id 
_pdbx_unobs_or_zero_occ_atoms.label_asym_id 
_pdbx_unobs_or_zero_occ_atoms.label_comp_id 
_pdbx_unobs_or_zero_occ_atoms.label_seq_id 
_pdbx_unobs_or_zero_occ_atoms.label_atom_id 
1  1 Y 1 A PHE 2   ? CG  ? A PHE 20  CG  
2  1 Y 1 A PHE 2   ? CD1 ? A PHE 20  CD1 
3  1 Y 1 A PHE 2   ? CD2 ? A PHE 20  CD2 
4  1 Y 1 A PHE 2   ? CE1 ? A PHE 20  CE1 
5  1 Y 1 A PHE 2   ? CE2 ? A PHE 20  CE2 
6  1 Y 1 A PHE 2   ? CZ  ? A PHE 20  CZ  
7  1 Y 1 A GLN 3   ? CG  ? A GLN 21  CG  
8  1 Y 1 A GLN 3   ? CD  ? A GLN 21  CD  
9  1 Y 1 A GLN 3   ? OE1 ? A GLN 21  OE1 
10 1 Y 1 A GLN 3   ? NE2 ? A GLN 21  NE2 
11 1 Y 1 A MET 5   ? SD  ? A MET 23  SD  
12 1 Y 1 A MET 5   ? CE  ? A MET 23  CE  
13 1 Y 1 A GLN 11  ? CD  ? A GLN 29  CD  
14 1 Y 1 A GLN 11  ? OE1 ? A GLN 29  OE1 
15 1 Y 1 A GLN 11  ? NE2 ? A GLN 29  NE2 
16 1 Y 1 A GLU 25  ? CG  ? A GLU 43  CG  
17 1 Y 1 A GLU 25  ? CD  ? A GLU 43  CD  
18 1 Y 1 A GLU 25  ? OE1 ? A GLU 43  OE1 
19 1 Y 1 A GLU 25  ? OE2 ? A GLU 43  OE2 
20 1 Y 1 A ASP 31  ? CG  ? A ASP 49  CG  
21 1 Y 1 A ASP 31  ? OD1 ? A ASP 49  OD1 
22 1 Y 1 A ASP 31  ? OD2 ? A ASP 49  OD2 
23 1 Y 1 A LEU 36  ? CG  ? A LEU 54  CG  
24 1 Y 1 A LEU 36  ? CD1 ? A LEU 54  CD1 
25 1 Y 1 A LEU 36  ? CD2 ? A LEU 54  CD2 
26 1 Y 1 A GLU 39  ? CG  ? A GLU 57  CG  
27 1 Y 1 A GLU 39  ? CD  ? A GLU 57  CD  
28 1 Y 1 A GLU 39  ? OE1 ? A GLU 57  OE1 
29 1 Y 1 A GLU 39  ? OE2 ? A GLU 57  OE2 
30 1 Y 1 A LYS 45  ? CE  ? A LYS 63  CE  
31 1 Y 1 A LYS 45  ? NZ  ? A LYS 63  NZ  
32 1 Y 1 A ARG 56  ? CD  ? A ARG 74  CD  
33 1 Y 1 A ARG 56  ? NE  ? A ARG 74  NE  
34 1 Y 1 A ARG 56  ? CZ  ? A ARG 74  CZ  
35 1 Y 1 A ARG 56  ? NH1 ? A ARG 74  NH1 
36 1 Y 1 A ARG 56  ? NH2 ? A ARG 74  NH2 
37 1 Y 1 A LEU 59  ? CD1 ? A LEU 77  CD1 
38 1 Y 1 A LEU 59  ? CD2 ? A LEU 77  CD2 
39 1 Y 1 A LYS 72  ? CD  ? A LYS 90  CD  
40 1 Y 1 A LYS 72  ? CE  ? A LYS 90  CE  
41 1 Y 1 A LYS 72  ? NZ  ? A LYS 90  NZ  
42 1 Y 1 A ILE 73  ? CG1 ? A ILE 91  CG1 
43 1 Y 1 A ILE 73  ? CG2 ? A ILE 91  CG2 
44 1 Y 1 A ILE 73  ? CD1 ? A ILE 91  CD1 
45 1 Y 1 A GLU 74  ? CG  ? A GLU 92  CG  
46 1 Y 1 A GLU 74  ? CD  ? A GLU 92  CD  
47 1 Y 1 A GLU 74  ? OE1 ? A GLU 92  OE1 
48 1 Y 1 A GLU 74  ? OE2 ? A GLU 92  OE2 
49 1 Y 1 A GLU 76  ? CG  ? A GLU 94  CG  
50 1 Y 1 A GLU 76  ? CD  ? A GLU 94  CD  
51 1 Y 1 A GLU 76  ? OE1 ? A GLU 94  OE1 
52 1 Y 1 A GLU 76  ? OE2 ? A GLU 94  OE2 
53 1 Y 1 A MET 81  ? CG  ? A MET 99  CG  
54 1 Y 1 A MET 81  ? SD  ? A MET 99  SD  
55 1 Y 1 A MET 81  ? CE  ? A MET 99  CE  
56 1 Y 1 A LEU 97  ? CG  ? A LEU 115 CG  
57 1 Y 1 A LEU 97  ? CD1 ? A LEU 115 CD1 
58 1 Y 1 A LEU 97  ? CD2 ? A LEU 115 CD2 
59 1 Y 1 A ASN 98  ? OD1 ? A ASN 116 OD1 
60 1 Y 1 A ASN 98  ? ND2 ? A ASN 116 ND2 
61 1 Y 1 A GLU 99  ? CG  ? A GLU 117 CG  
62 1 Y 1 A GLU 99  ? CD  ? A GLU 117 CD  
63 1 Y 1 A GLU 99  ? OE1 ? A GLU 117 OE1 
64 1 Y 1 A GLU 99  ? OE2 ? A GLU 117 OE2 
65 1 Y 1 A ASP 100 ? CG  ? A ASP 118 CG  
66 1 Y 1 A ASP 100 ? OD1 ? A ASP 118 OD1 
67 1 Y 1 A ASP 100 ? OD2 ? A ASP 118 OD2 
68 1 Y 1 A ILE 102 ? CD1 ? A ILE 120 CD1 
69 1 Y 1 A GLN 103 ? CG  ? A GLN 121 CG  
70 1 Y 1 A GLN 103 ? CD  ? A GLN 121 CD  
71 1 Y 1 A GLN 103 ? OE1 ? A GLN 121 OE1 
72 1 Y 1 A GLN 103 ? NE2 ? A GLN 121 NE2 
73 1 Y 1 A GLN 107 ? CG  ? A GLN 125 CG  
74 1 Y 1 A GLN 107 ? CD  ? A GLN 125 CD  
75 1 Y 1 A GLN 107 ? OE1 ? A GLN 125 OE1 
76 1 Y 1 A GLN 107 ? NE2 ? A GLN 125 NE2 
77 1 Y 1 A LEU 111 ? CD1 ? A LEU 129 CD1 
78 1 Y 1 A LEU 111 ? CD2 ? A LEU 129 CD2 
79 1 Y 1 A LYS 118 ? CD  ? A LYS 136 CD  
80 1 Y 1 A LYS 118 ? CE  ? A LYS 136 CE  
81 1 Y 1 A LYS 118 ? NZ  ? A LYS 136 NZ  
82 1 Y 1 A GLU 123 ? CG  ? A GLU 141 CG  
83 1 Y 1 A GLU 123 ? CD  ? A GLU 141 CD  
84 1 Y 1 A GLU 123 ? OE1 ? A GLU 141 OE1 
85 1 Y 1 A GLU 123 ? OE2 ? A GLU 141 OE2 
86 1 Y 1 A PHE 124 ? CD1 ? A PHE 142 CD1 
87 1 Y 1 A PHE 124 ? CD2 ? A PHE 142 CD2 
88 1 Y 1 A PHE 124 ? CE1 ? A PHE 142 CE1 
89 1 Y 1 A PHE 124 ? CE2 ? A PHE 142 CE2 
90 1 Y 1 A PHE 124 ? CZ  ? A PHE 142 CZ  
# 
loop_
_pdbx_unobs_or_zero_occ_residues.id 
_pdbx_unobs_or_zero_occ_residues.PDB_model_num 
_pdbx_unobs_or_zero_occ_residues.polymer_flag 
_pdbx_unobs_or_zero_occ_residues.occupancy_flag 
_pdbx_unobs_or_zero_occ_residues.auth_asym_id 
_pdbx_unobs_or_zero_occ_residues.auth_comp_id 
_pdbx_unobs_or_zero_occ_residues.auth_seq_id 
_pdbx_unobs_or_zero_occ_residues.PDB_ins_code 
_pdbx_unobs_or_zero_occ_residues.label_asym_id 
_pdbx_unobs_or_zero_occ_residues.label_comp_id 
_pdbx_unobs_or_zero_occ_residues.label_seq_id 
1  1 Y 1 A MET -17 ? A MET 1   
2  1 Y 1 A HIS -16 ? A HIS 2   
3  1 Y 1 A HIS -15 ? A HIS 3   
4  1 Y 1 A HIS -14 ? A HIS 4   
5  1 Y 1 A HIS -13 ? A HIS 5   
6  1 Y 1 A HIS -12 ? A HIS 6   
7  1 Y 1 A HIS -11 ? A HIS 7   
8  1 Y 1 A SER -10 ? A SER 8   
9  1 Y 1 A SER -9  ? A SER 9   
10 1 Y 1 A GLY -8  ? A GLY 10  
11 1 Y 1 A VAL -7  ? A VAL 11  
12 1 Y 1 A ASP -6  ? A ASP 12  
13 1 Y 1 A LEU -5  ? A LEU 13  
14 1 Y 1 A GLY -4  ? A GLY 14  
15 1 Y 1 A THR -3  ? A THR 15  
16 1 Y 1 A GLU -2  ? A GLU 16  
17 1 Y 1 A ASN -1  ? A ASN 17  
18 1 Y 1 A LEU 0   ? A LEU 18  
19 1 Y 1 A GLU 26  ? A GLU 44  
20 1 Y 1 A SER 27  ? A SER 45  
21 1 Y 1 A PRO 64  ? A PRO 82  
22 1 Y 1 A LYS 65  ? A LYS 83  
23 1 Y 1 A ASP 66  ? A ASP 84  
24 1 Y 1 A ASP 67  ? A ASP 85  
25 1 Y 1 A GLY 68  ? A GLY 86  
26 1 Y 1 A GLU 126 ? A GLU 144 
# 
loop_
_chem_comp_atom.comp_id 
_chem_comp_atom.atom_id 
_chem_comp_atom.type_symbol 
_chem_comp_atom.pdbx_aromatic_flag 
_chem_comp_atom.pdbx_stereo_config 
_chem_comp_atom.pdbx_ordinal 
ALA N    N N N 1   
ALA CA   C N S 2   
ALA C    C N N 3   
ALA O    O N N 4   
ALA CB   C N N 5   
ALA OXT  O N N 6   
ALA H    H N N 7   
ALA H2   H N N 8   
ALA HA   H N N 9   
ALA HB1  H N N 10  
ALA HB2  H N N 11  
ALA HB3  H N N 12  
ALA HXT  H N N 13  
ARG N    N N N 14  
ARG CA   C N S 15  
ARG C    C N N 16  
ARG O    O N N 17  
ARG CB   C N N 18  
ARG CG   C N N 19  
ARG CD   C N N 20  
ARG NE   N N N 21  
ARG CZ   C N N 22  
ARG NH1  N N N 23  
ARG NH2  N N N 24  
ARG OXT  O N N 25  
ARG H    H N N 26  
ARG H2   H N N 27  
ARG HA   H N N 28  
ARG HB2  H N N 29  
ARG HB3  H N N 30  
ARG HG2  H N N 31  
ARG HG3  H N N 32  
ARG HD2  H N N 33  
ARG HD3  H N N 34  
ARG HE   H N N 35  
ARG HH11 H N N 36  
ARG HH12 H N N 37  
ARG HH21 H N N 38  
ARG HH22 H N N 39  
ARG HXT  H N N 40  
ASN N    N N N 41  
ASN CA   C N S 42  
ASN C    C N N 43  
ASN O    O N N 44  
ASN CB   C N N 45  
ASN CG   C N N 46  
ASN OD1  O N N 47  
ASN ND2  N N N 48  
ASN OXT  O N N 49  
ASN H    H N N 50  
ASN H2   H N N 51  
ASN HA   H N N 52  
ASN HB2  H N N 53  
ASN HB3  H N N 54  
ASN HD21 H N N 55  
ASN HD22 H N N 56  
ASN HXT  H N N 57  
ASP N    N N N 58  
ASP CA   C N S 59  
ASP C    C N N 60  
ASP O    O N N 61  
ASP CB   C N N 62  
ASP CG   C N N 63  
ASP OD1  O N N 64  
ASP OD2  O N N 65  
ASP OXT  O N N 66  
ASP H    H N N 67  
ASP H2   H N N 68  
ASP HA   H N N 69  
ASP HB2  H N N 70  
ASP HB3  H N N 71  
ASP HD2  H N N 72  
ASP HXT  H N N 73  
CYS N    N N N 74  
CYS CA   C N R 75  
CYS C    C N N 76  
CYS O    O N N 77  
CYS CB   C N N 78  
CYS SG   S N N 79  
CYS OXT  O N N 80  
CYS H    H N N 81  
CYS H2   H N N 82  
CYS HA   H N N 83  
CYS HB2  H N N 84  
CYS HB3  H N N 85  
CYS HG   H N N 86  
CYS HXT  H N N 87  
GLN N    N N N 88  
GLN CA   C N S 89  
GLN C    C N N 90  
GLN O    O N N 91  
GLN CB   C N N 92  
GLN CG   C N N 93  
GLN CD   C N N 94  
GLN OE1  O N N 95  
GLN NE2  N N N 96  
GLN OXT  O N N 97  
GLN H    H N N 98  
GLN H2   H N N 99  
GLN HA   H N N 100 
GLN HB2  H N N 101 
GLN HB3  H N N 102 
GLN HG2  H N N 103 
GLN HG3  H N N 104 
GLN HE21 H N N 105 
GLN HE22 H N N 106 
GLN HXT  H N N 107 
GLU N    N N N 108 
GLU CA   C N S 109 
GLU C    C N N 110 
GLU O    O N N 111 
GLU CB   C N N 112 
GLU CG   C N N 113 
GLU CD   C N N 114 
GLU OE1  O N N 115 
GLU OE2  O N N 116 
GLU OXT  O N N 117 
GLU H    H N N 118 
GLU H2   H N N 119 
GLU HA   H N N 120 
GLU HB2  H N N 121 
GLU HB3  H N N 122 
GLU HG2  H N N 123 
GLU HG3  H N N 124 
GLU HE2  H N N 125 
GLU HXT  H N N 126 
GLY N    N N N 127 
GLY CA   C N N 128 
GLY C    C N N 129 
GLY O    O N N 130 
GLY OXT  O N N 131 
GLY H    H N N 132 
GLY H2   H N N 133 
GLY HA2  H N N 134 
GLY HA3  H N N 135 
GLY HXT  H N N 136 
HIS N    N N N 137 
HIS CA   C N S 138 
HIS C    C N N 139 
HIS O    O N N 140 
HIS CB   C N N 141 
HIS CG   C Y N 142 
HIS ND1  N Y N 143 
HIS CD2  C Y N 144 
HIS CE1  C Y N 145 
HIS NE2  N Y N 146 
HIS OXT  O N N 147 
HIS H    H N N 148 
HIS H2   H N N 149 
HIS HA   H N N 150 
HIS HB2  H N N 151 
HIS HB3  H N N 152 
HIS HD1  H N N 153 
HIS HD2  H N N 154 
HIS HE1  H N N 155 
HIS HE2  H N N 156 
HIS HXT  H N N 157 
ILE N    N N N 158 
ILE CA   C N S 159 
ILE C    C N N 160 
ILE O    O N N 161 
ILE CB   C N S 162 
ILE CG1  C N N 163 
ILE CG2  C N N 164 
ILE CD1  C N N 165 
ILE OXT  O N N 166 
ILE H    H N N 167 
ILE H2   H N N 168 
ILE HA   H N N 169 
ILE HB   H N N 170 
ILE HG12 H N N 171 
ILE HG13 H N N 172 
ILE HG21 H N N 173 
ILE HG22 H N N 174 
ILE HG23 H N N 175 
ILE HD11 H N N 176 
ILE HD12 H N N 177 
ILE HD13 H N N 178 
ILE HXT  H N N 179 
LEU N    N N N 180 
LEU CA   C N S 181 
LEU C    C N N 182 
LEU O    O N N 183 
LEU CB   C N N 184 
LEU CG   C N N 185 
LEU CD1  C N N 186 
LEU CD2  C N N 187 
LEU OXT  O N N 188 
LEU H    H N N 189 
LEU H2   H N N 190 
LEU HA   H N N 191 
LEU HB2  H N N 192 
LEU HB3  H N N 193 
LEU HG   H N N 194 
LEU HD11 H N N 195 
LEU HD12 H N N 196 
LEU HD13 H N N 197 
LEU HD21 H N N 198 
LEU HD22 H N N 199 
LEU HD23 H N N 200 
LEU HXT  H N N 201 
LYS N    N N N 202 
LYS CA   C N S 203 
LYS C    C N N 204 
LYS O    O N N 205 
LYS CB   C N N 206 
LYS CG   C N N 207 
LYS CD   C N N 208 
LYS CE   C N N 209 
LYS NZ   N N N 210 
LYS OXT  O N N 211 
LYS H    H N N 212 
LYS H2   H N N 213 
LYS HA   H N N 214 
LYS HB2  H N N 215 
LYS HB3  H N N 216 
LYS HG2  H N N 217 
LYS HG3  H N N 218 
LYS HD2  H N N 219 
LYS HD3  H N N 220 
LYS HE2  H N N 221 
LYS HE3  H N N 222 
LYS HZ1  H N N 223 
LYS HZ2  H N N 224 
LYS HZ3  H N N 225 
LYS HXT  H N N 226 
MET N    N N N 227 
MET CA   C N S 228 
MET C    C N N 229 
MET O    O N N 230 
MET CB   C N N 231 
MET CG   C N N 232 
MET SD   S N N 233 
MET CE   C N N 234 
MET OXT  O N N 235 
MET H    H N N 236 
MET H2   H N N 237 
MET HA   H N N 238 
MET HB2  H N N 239 
MET HB3  H N N 240 
MET HG2  H N N 241 
MET HG3  H N N 242 
MET HE1  H N N 243 
MET HE2  H N N 244 
MET HE3  H N N 245 
MET HXT  H N N 246 
PHE N    N N N 247 
PHE CA   C N S 248 
PHE C    C N N 249 
PHE O    O N N 250 
PHE CB   C N N 251 
PHE CG   C Y N 252 
PHE CD1  C Y N 253 
PHE CD2  C Y N 254 
PHE CE1  C Y N 255 
PHE CE2  C Y N 256 
PHE CZ   C Y N 257 
PHE OXT  O N N 258 
PHE H    H N N 259 
PHE H2   H N N 260 
PHE HA   H N N 261 
PHE HB2  H N N 262 
PHE HB3  H N N 263 
PHE HD1  H N N 264 
PHE HD2  H N N 265 
PHE HE1  H N N 266 
PHE HE2  H N N 267 
PHE HZ   H N N 268 
PHE HXT  H N N 269 
PRO N    N N N 270 
PRO CA   C N S 271 
PRO C    C N N 272 
PRO O    O N N 273 
PRO CB   C N N 274 
PRO CG   C N N 275 
PRO CD   C N N 276 
PRO OXT  O N N 277 
PRO H    H N N 278 
PRO HA   H N N 279 
PRO HB2  H N N 280 
PRO HB3  H N N 281 
PRO HG2  H N N 282 
PRO HG3  H N N 283 
PRO HD2  H N N 284 
PRO HD3  H N N 285 
PRO HXT  H N N 286 
SER N    N N N 287 
SER CA   C N S 288 
SER C    C N N 289 
SER O    O N N 290 
SER CB   C N N 291 
SER OG   O N N 292 
SER OXT  O N N 293 
SER H    H N N 294 
SER H2   H N N 295 
SER HA   H N N 296 
SER HB2  H N N 297 
SER HB3  H N N 298 
SER HG   H N N 299 
SER HXT  H N N 300 
THR N    N N N 301 
THR CA   C N S 302 
THR C    C N N 303 
THR O    O N N 304 
THR CB   C N R 305 
THR OG1  O N N 306 
THR CG2  C N N 307 
THR OXT  O N N 308 
THR H    H N N 309 
THR H2   H N N 310 
THR HA   H N N 311 
THR HB   H N N 312 
THR HG1  H N N 313 
THR HG21 H N N 314 
THR HG22 H N N 315 
THR HG23 H N N 316 
THR HXT  H N N 317 
TYR N    N N N 318 
TYR CA   C N S 319 
TYR C    C N N 320 
TYR O    O N N 321 
TYR CB   C N N 322 
TYR CG   C Y N 323 
TYR CD1  C Y N 324 
TYR CD2  C Y N 325 
TYR CE1  C Y N 326 
TYR CE2  C Y N 327 
TYR CZ   C Y N 328 
TYR OH   O N N 329 
TYR OXT  O N N 330 
TYR H    H N N 331 
TYR H2   H N N 332 
TYR HA   H N N 333 
TYR HB2  H N N 334 
TYR HB3  H N N 335 
TYR HD1  H N N 336 
TYR HD2  H N N 337 
TYR HE1  H N N 338 
TYR HE2  H N N 339 
TYR HH   H N N 340 
TYR HXT  H N N 341 
VAL N    N N N 342 
VAL CA   C N S 343 
VAL C    C N N 344 
VAL O    O N N 345 
VAL CB   C N N 346 
VAL CG1  C N N 347 
VAL CG2  C N N 348 
VAL OXT  O N N 349 
VAL H    H N N 350 
VAL H2   H N N 351 
VAL HA   H N N 352 
VAL HB   H N N 353 
VAL HG11 H N N 354 
VAL HG12 H N N 355 
VAL HG13 H N N 356 
VAL HG21 H N N 357 
VAL HG22 H N N 358 
VAL HG23 H N N 359 
VAL HXT  H N N 360 
# 
loop_
_chem_comp_bond.comp_id 
_chem_comp_bond.atom_id_1 
_chem_comp_bond.atom_id_2 
_chem_comp_bond.value_order 
_chem_comp_bond.pdbx_aromatic_flag 
_chem_comp_bond.pdbx_stereo_config 
_chem_comp_bond.pdbx_ordinal 
ALA N   CA   sing N N 1   
ALA N   H    sing N N 2   
ALA N   H2   sing N N 3   
ALA CA  C    sing N N 4   
ALA CA  CB   sing N N 5   
ALA CA  HA   sing N N 6   
ALA C   O    doub N N 7   
ALA C   OXT  sing N N 8   
ALA CB  HB1  sing N N 9   
ALA CB  HB2  sing N N 10  
ALA CB  HB3  sing N N 11  
ALA OXT HXT  sing N N 12  
ARG N   CA   sing N N 13  
ARG N   H    sing N N 14  
ARG N   H2   sing N N 15  
ARG CA  C    sing N N 16  
ARG CA  CB   sing N N 17  
ARG CA  HA   sing N N 18  
ARG C   O    doub N N 19  
ARG C   OXT  sing N N 20  
ARG CB  CG   sing N N 21  
ARG CB  HB2  sing N N 22  
ARG CB  HB3  sing N N 23  
ARG CG  CD   sing N N 24  
ARG CG  HG2  sing N N 25  
ARG CG  HG3  sing N N 26  
ARG CD  NE   sing N N 27  
ARG CD  HD2  sing N N 28  
ARG CD  HD3  sing N N 29  
ARG NE  CZ   sing N N 30  
ARG NE  HE   sing N N 31  
ARG CZ  NH1  sing N N 32  
ARG CZ  NH2  doub N N 33  
ARG NH1 HH11 sing N N 34  
ARG NH1 HH12 sing N N 35  
ARG NH2 HH21 sing N N 36  
ARG NH2 HH22 sing N N 37  
ARG OXT HXT  sing N N 38  
ASN N   CA   sing N N 39  
ASN N   H    sing N N 40  
ASN N   H2   sing N N 41  
ASN CA  C    sing N N 42  
ASN CA  CB   sing N N 43  
ASN CA  HA   sing N N 44  
ASN C   O    doub N N 45  
ASN C   OXT  sing N N 46  
ASN CB  CG   sing N N 47  
ASN CB  HB2  sing N N 48  
ASN CB  HB3  sing N N 49  
ASN CG  OD1  doub N N 50  
ASN CG  ND2  sing N N 51  
ASN ND2 HD21 sing N N 52  
ASN ND2 HD22 sing N N 53  
ASN OXT HXT  sing N N 54  
ASP N   CA   sing N N 55  
ASP N   H    sing N N 56  
ASP N   H2   sing N N 57  
ASP CA  C    sing N N 58  
ASP CA  CB   sing N N 59  
ASP CA  HA   sing N N 60  
ASP C   O    doub N N 61  
ASP C   OXT  sing N N 62  
ASP CB  CG   sing N N 63  
ASP CB  HB2  sing N N 64  
ASP CB  HB3  sing N N 65  
ASP CG  OD1  doub N N 66  
ASP CG  OD2  sing N N 67  
ASP OD2 HD2  sing N N 68  
ASP OXT HXT  sing N N 69  
CYS N   CA   sing N N 70  
CYS N   H    sing N N 71  
CYS N   H2   sing N N 72  
CYS CA  C    sing N N 73  
CYS CA  CB   sing N N 74  
CYS CA  HA   sing N N 75  
CYS C   O    doub N N 76  
CYS C   OXT  sing N N 77  
CYS CB  SG   sing N N 78  
CYS CB  HB2  sing N N 79  
CYS CB  HB3  sing N N 80  
CYS SG  HG   sing N N 81  
CYS OXT HXT  sing N N 82  
GLN N   CA   sing N N 83  
GLN N   H    sing N N 84  
GLN N   H2   sing N N 85  
GLN CA  C    sing N N 86  
GLN CA  CB   sing N N 87  
GLN CA  HA   sing N N 88  
GLN C   O    doub N N 89  
GLN C   OXT  sing N N 90  
GLN CB  CG   sing N N 91  
GLN CB  HB2  sing N N 92  
GLN CB  HB3  sing N N 93  
GLN CG  CD   sing N N 94  
GLN CG  HG2  sing N N 95  
GLN CG  HG3  sing N N 96  
GLN CD  OE1  doub N N 97  
GLN CD  NE2  sing N N 98  
GLN NE2 HE21 sing N N 99  
GLN NE2 HE22 sing N N 100 
GLN OXT HXT  sing N N 101 
GLU N   CA   sing N N 102 
GLU N   H    sing N N 103 
GLU N   H2   sing N N 104 
GLU CA  C    sing N N 105 
GLU CA  CB   sing N N 106 
GLU CA  HA   sing N N 107 
GLU C   O    doub N N 108 
GLU C   OXT  sing N N 109 
GLU CB  CG   sing N N 110 
GLU CB  HB2  sing N N 111 
GLU CB  HB3  sing N N 112 
GLU CG  CD   sing N N 113 
GLU CG  HG2  sing N N 114 
GLU CG  HG3  sing N N 115 
GLU CD  OE1  doub N N 116 
GLU CD  OE2  sing N N 117 
GLU OE2 HE2  sing N N 118 
GLU OXT HXT  sing N N 119 
GLY N   CA   sing N N 120 
GLY N   H    sing N N 121 
GLY N   H2   sing N N 122 
GLY CA  C    sing N N 123 
GLY CA  HA2  sing N N 124 
GLY CA  HA3  sing N N 125 
GLY C   O    doub N N 126 
GLY C   OXT  sing N N 127 
GLY OXT HXT  sing N N 128 
HIS N   CA   sing N N 129 
HIS N   H    sing N N 130 
HIS N   H2   sing N N 131 
HIS CA  C    sing N N 132 
HIS CA  CB   sing N N 133 
HIS CA  HA   sing N N 134 
HIS C   O    doub N N 135 
HIS C   OXT  sing N N 136 
HIS CB  CG   sing N N 137 
HIS CB  HB2  sing N N 138 
HIS CB  HB3  sing N N 139 
HIS CG  ND1  sing Y N 140 
HIS CG  CD2  doub Y N 141 
HIS ND1 CE1  doub Y N 142 
HIS ND1 HD1  sing N N 143 
HIS CD2 NE2  sing Y N 144 
HIS CD2 HD2  sing N N 145 
HIS CE1 NE2  sing Y N 146 
HIS CE1 HE1  sing N N 147 
HIS NE2 HE2  sing N N 148 
HIS OXT HXT  sing N N 149 
ILE N   CA   sing N N 150 
ILE N   H    sing N N 151 
ILE N   H2   sing N N 152 
ILE CA  C    sing N N 153 
ILE CA  CB   sing N N 154 
ILE CA  HA   sing N N 155 
ILE C   O    doub N N 156 
ILE C   OXT  sing N N 157 
ILE CB  CG1  sing N N 158 
ILE CB  CG2  sing N N 159 
ILE CB  HB   sing N N 160 
ILE CG1 CD1  sing N N 161 
ILE CG1 HG12 sing N N 162 
ILE CG1 HG13 sing N N 163 
ILE CG2 HG21 sing N N 164 
ILE CG2 HG22 sing N N 165 
ILE CG2 HG23 sing N N 166 
ILE CD1 HD11 sing N N 167 
ILE CD1 HD12 sing N N 168 
ILE CD1 HD13 sing N N 169 
ILE OXT HXT  sing N N 170 
LEU N   CA   sing N N 171 
LEU N   H    sing N N 172 
LEU N   H2   sing N N 173 
LEU CA  C    sing N N 174 
LEU CA  CB   sing N N 175 
LEU CA  HA   sing N N 176 
LEU C   O    doub N N 177 
LEU C   OXT  sing N N 178 
LEU CB  CG   sing N N 179 
LEU CB  HB2  sing N N 180 
LEU CB  HB3  sing N N 181 
LEU CG  CD1  sing N N 182 
LEU CG  CD2  sing N N 183 
LEU CG  HG   sing N N 184 
LEU CD1 HD11 sing N N 185 
LEU CD1 HD12 sing N N 186 
LEU CD1 HD13 sing N N 187 
LEU CD2 HD21 sing N N 188 
LEU CD2 HD22 sing N N 189 
LEU CD2 HD23 sing N N 190 
LEU OXT HXT  sing N N 191 
LYS N   CA   sing N N 192 
LYS N   H    sing N N 193 
LYS N   H2   sing N N 194 
LYS CA  C    sing N N 195 
LYS CA  CB   sing N N 196 
LYS CA  HA   sing N N 197 
LYS C   O    doub N N 198 
LYS C   OXT  sing N N 199 
LYS CB  CG   sing N N 200 
LYS CB  HB2  sing N N 201 
LYS CB  HB3  sing N N 202 
LYS CG  CD   sing N N 203 
LYS CG  HG2  sing N N 204 
LYS CG  HG3  sing N N 205 
LYS CD  CE   sing N N 206 
LYS CD  HD2  sing N N 207 
LYS CD  HD3  sing N N 208 
LYS CE  NZ   sing N N 209 
LYS CE  HE2  sing N N 210 
LYS CE  HE3  sing N N 211 
LYS NZ  HZ1  sing N N 212 
LYS NZ  HZ2  sing N N 213 
LYS NZ  HZ3  sing N N 214 
LYS OXT HXT  sing N N 215 
MET N   CA   sing N N 216 
MET N   H    sing N N 217 
MET N   H2   sing N N 218 
MET CA  C    sing N N 219 
MET CA  CB   sing N N 220 
MET CA  HA   sing N N 221 
MET C   O    doub N N 222 
MET C   OXT  sing N N 223 
MET CB  CG   sing N N 224 
MET CB  HB2  sing N N 225 
MET CB  HB3  sing N N 226 
MET CG  SD   sing N N 227 
MET CG  HG2  sing N N 228 
MET CG  HG3  sing N N 229 
MET SD  CE   sing N N 230 
MET CE  HE1  sing N N 231 
MET CE  HE2  sing N N 232 
MET CE  HE3  sing N N 233 
MET OXT HXT  sing N N 234 
PHE N   CA   sing N N 235 
PHE N   H    sing N N 236 
PHE N   H2   sing N N 237 
PHE CA  C    sing N N 238 
PHE CA  CB   sing N N 239 
PHE CA  HA   sing N N 240 
PHE C   O    doub N N 241 
PHE C   OXT  sing N N 242 
PHE CB  CG   sing N N 243 
PHE CB  HB2  sing N N 244 
PHE CB  HB3  sing N N 245 
PHE CG  CD1  doub Y N 246 
PHE CG  CD2  sing Y N 247 
PHE CD1 CE1  sing Y N 248 
PHE CD1 HD1  sing N N 249 
PHE CD2 CE2  doub Y N 250 
PHE CD2 HD2  sing N N 251 
PHE CE1 CZ   doub Y N 252 
PHE CE1 HE1  sing N N 253 
PHE CE2 CZ   sing Y N 254 
PHE CE2 HE2  sing N N 255 
PHE CZ  HZ   sing N N 256 
PHE OXT HXT  sing N N 257 
PRO N   CA   sing N N 258 
PRO N   CD   sing N N 259 
PRO N   H    sing N N 260 
PRO CA  C    sing N N 261 
PRO CA  CB   sing N N 262 
PRO CA  HA   sing N N 263 
PRO C   O    doub N N 264 
PRO C   OXT  sing N N 265 
PRO CB  CG   sing N N 266 
PRO CB  HB2  sing N N 267 
PRO CB  HB3  sing N N 268 
PRO CG  CD   sing N N 269 
PRO CG  HG2  sing N N 270 
PRO CG  HG3  sing N N 271 
PRO CD  HD2  sing N N 272 
PRO CD  HD3  sing N N 273 
PRO OXT HXT  sing N N 274 
SER N   CA   sing N N 275 
SER N   H    sing N N 276 
SER N   H2   sing N N 277 
SER CA  C    sing N N 278 
SER CA  CB   sing N N 279 
SER CA  HA   sing N N 280 
SER C   O    doub N N 281 
SER C   OXT  sing N N 282 
SER CB  OG   sing N N 283 
SER CB  HB2  sing N N 284 
SER CB  HB3  sing N N 285 
SER OG  HG   sing N N 286 
SER OXT HXT  sing N N 287 
THR N   CA   sing N N 288 
THR N   H    sing N N 289 
THR N   H2   sing N N 290 
THR CA  C    sing N N 291 
THR CA  CB   sing N N 292 
THR CA  HA   sing N N 293 
THR C   O    doub N N 294 
THR C   OXT  sing N N 295 
THR CB  OG1  sing N N 296 
THR CB  CG2  sing N N 297 
THR CB  HB   sing N N 298 
THR OG1 HG1  sing N N 299 
THR CG2 HG21 sing N N 300 
THR CG2 HG22 sing N N 301 
THR CG2 HG23 sing N N 302 
THR OXT HXT  sing N N 303 
TYR N   CA   sing N N 304 
TYR N   H    sing N N 305 
TYR N   H2   sing N N 306 
TYR CA  C    sing N N 307 
TYR CA  CB   sing N N 308 
TYR CA  HA   sing N N 309 
TYR C   O    doub N N 310 
TYR C   OXT  sing N N 311 
TYR CB  CG   sing N N 312 
TYR CB  HB2  sing N N 313 
TYR CB  HB3  sing N N 314 
TYR CG  CD1  doub Y N 315 
TYR CG  CD2  sing Y N 316 
TYR CD1 CE1  sing Y N 317 
TYR CD1 HD1  sing N N 318 
TYR CD2 CE2  doub Y N 319 
TYR CD2 HD2  sing N N 320 
TYR CE1 CZ   doub Y N 321 
TYR CE1 HE1  sing N N 322 
TYR CE2 CZ   sing Y N 323 
TYR CE2 HE2  sing N N 324 
TYR CZ  OH   sing N N 325 
TYR OH  HH   sing N N 326 
TYR OXT HXT  sing N N 327 
VAL N   CA   sing N N 328 
VAL N   H    sing N N 329 
VAL N   H2   sing N N 330 
VAL CA  C    sing N N 331 
VAL CA  CB   sing N N 332 
VAL CA  HA   sing N N 333 
VAL C   O    doub N N 334 
VAL C   OXT  sing N N 335 
VAL CB  CG1  sing N N 336 
VAL CB  CG2  sing N N 337 
VAL CB  HB   sing N N 338 
VAL CG1 HG11 sing N N 339 
VAL CG1 HG12 sing N N 340 
VAL CG1 HG13 sing N N 341 
VAL CG2 HG21 sing N N 342 
VAL CG2 HG22 sing N N 343 
VAL CG2 HG23 sing N N 344 
VAL OXT HXT  sing N N 345 
# 
_pdbx_initial_refinement_model.id               1 
_pdbx_initial_refinement_model.entity_id_list   ? 
_pdbx_initial_refinement_model.type             'experimental model' 
_pdbx_initial_refinement_model.source_name      PDB 
_pdbx_initial_refinement_model.accession_code   1BUO 
_pdbx_initial_refinement_model.details          'PDB entry 1BUO' 
# 
